data_4G5S
#
_entry.id   4G5S
#
_cell.length_a   209.680
_cell.length_b   209.680
_cell.length_c   235.482
_cell.angle_alpha   90.00
_cell.angle_beta   90.00
_cell.angle_gamma   120.00
#
_symmetry.space_group_name_H-M   'P 61 2 2'
#
loop_
_entity.id
_entity.type
_entity.pdbx_description
1 polymer 'Guanine nucleotide-binding protein G(k) subunit alpha'
2 polymer 'G-protein-signaling modulator 2'
3 non-polymer "GUANOSINE-5'-DIPHOSPHATE"
4 non-polymer 'CITRIC ACID'
#
loop_
_entity_poly.entity_id
_entity_poly.type
_entity_poly.pdbx_seq_one_letter_code
_entity_poly.pdbx_strand_id
1 'polypeptide(L)'
;EDGEKAAKEVKLLLLGAGESGKSTIVKQMKIIHEDGYSEDECKQYKVVVYSNTIQSIIAIIRAMGRLKIDFGEAARADDA
RQLFVLAGSAEEGVMTPELAGVIKRLWRDGGVQACFSRSREYQLNDSASYYLNDLDRISQSNYIPTQQDVLRTRVKTTGI
VETHFTFKDLYFKMFDVGGQRSERKKWIHCFEGVTAIIFCVALSDYDLVLAEDEEMNRMHESMKLFDSICNNKWFTETSI
ILFLNKKDLFEEKIKRSPLTICYPEYTGSNTYEEAAAYIQCQFEDLNRRKDTKEIYTHFTCATDTKNVQFVFDAVTDVII
KNNLKECGLY
;
A,B,C,D
2 'polypeptide(L)' DEDFFDILVKCQGSRLDDQRCAPPS E,G,Z,F
#
# COMPACT_ATOMS: atom_id res chain seq x y z
N LYS A 8 1.82 21.63 5.31
CA LYS A 8 1.77 20.18 5.16
C LYS A 8 0.72 19.76 4.12
N GLU A 9 0.92 18.59 3.53
CA GLU A 9 0.05 18.10 2.47
C GLU A 9 -0.92 17.05 2.99
N VAL A 10 -2.12 17.03 2.40
CA VAL A 10 -3.15 16.10 2.82
C VAL A 10 -3.67 15.30 1.63
N LYS A 11 -3.50 13.97 1.71
CA LYS A 11 -3.97 13.07 0.67
C LYS A 11 -5.33 12.50 1.03
N LEU A 12 -6.36 12.95 0.32
CA LEU A 12 -7.70 12.45 0.53
C LEU A 12 -8.09 11.46 -0.56
N LEU A 13 -8.63 10.32 -0.15
CA LEU A 13 -9.01 9.27 -1.09
C LEU A 13 -10.50 8.93 -1.02
N LEU A 14 -11.21 9.17 -2.12
CA LEU A 14 -12.62 8.82 -2.21
C LEU A 14 -12.84 7.36 -2.63
N LEU A 15 -13.50 6.59 -1.78
CA LEU A 15 -13.86 5.23 -2.13
C LEU A 15 -15.35 5.00 -1.91
N GLY A 16 -15.85 3.86 -2.41
CA GLY A 16 -17.25 3.53 -2.32
C GLY A 16 -17.75 3.07 -3.67
N ALA A 17 -18.82 2.28 -3.69
CA ALA A 17 -19.37 1.75 -4.92
C ALA A 17 -19.77 2.85 -5.91
N GLY A 18 -20.05 2.44 -7.14
CA GLY A 18 -20.52 3.37 -8.15
C GLY A 18 -21.86 3.92 -7.72
N GLU A 19 -22.15 5.14 -8.14
CA GLU A 19 -23.40 5.82 -7.78
C GLU A 19 -23.51 6.06 -6.27
N SER A 20 -22.44 6.58 -5.68
CA SER A 20 -22.43 6.93 -4.27
C SER A 20 -22.08 8.41 -4.06
N GLY A 21 -21.78 9.10 -5.16
CA GLY A 21 -21.58 10.54 -5.14
C GLY A 21 -20.15 11.04 -5.16
N LYS A 22 -19.19 10.15 -5.38
CA LYS A 22 -17.77 10.52 -5.37
C LYS A 22 -17.41 11.62 -6.37
N SER A 23 -17.73 11.39 -7.64
CA SER A 23 -17.46 12.38 -8.69
C SER A 23 -18.20 13.67 -8.33
N THR A 24 -19.40 13.50 -7.79
CA THR A 24 -20.24 14.63 -7.39
C THR A 24 -19.58 15.41 -6.26
N ILE A 25 -18.99 14.67 -5.32
CA ILE A 25 -18.24 15.29 -4.24
C ILE A 25 -17.08 16.12 -4.81
N VAL A 26 -16.35 15.54 -5.75
CA VAL A 26 -15.24 16.24 -6.41
C VAL A 26 -15.68 17.55 -7.06
N LYS A 27 -16.71 17.46 -7.91
CA LYS A 27 -17.27 18.64 -8.57
C LYS A 27 -17.61 19.71 -7.54
N GLN A 28 -18.25 19.26 -6.46
CA GLN A 28 -18.61 20.15 -5.36
C GLN A 28 -17.37 20.86 -4.79
N MET A 29 -16.29 20.11 -4.62
CA MET A 29 -15.03 20.66 -4.13
C MET A 29 -14.52 21.73 -5.10
N LYS A 30 -14.63 21.45 -6.39
CA LYS A 30 -14.22 22.42 -7.40
C LYS A 30 -15.03 23.71 -7.28
N ILE A 31 -16.30 23.56 -6.90
CA ILE A 31 -17.16 24.73 -6.73
C ILE A 31 -16.82 25.55 -5.48
N ILE A 32 -16.54 24.86 -4.37
CA ILE A 32 -16.37 25.51 -3.07
C ILE A 32 -15.01 26.17 -2.86
N HIS A 33 -13.93 25.41 -3.05
CA HIS A 33 -12.61 25.90 -2.67
C HIS A 33 -11.81 26.39 -3.86
N GLU A 34 -12.31 26.11 -5.06
CA GLU A 34 -11.75 26.69 -6.27
C GLU A 34 -12.74 27.70 -6.81
N ASP A 35 -12.40 28.35 -7.92
CA ASP A 35 -13.23 29.42 -8.47
C ASP A 35 -14.64 28.94 -8.82
N GLY A 36 -14.75 27.65 -9.15
CA GLY A 36 -16.01 27.10 -9.61
C GLY A 36 -15.97 26.99 -11.12
N TYR A 37 -17.11 26.69 -11.74
CA TYR A 37 -17.18 26.52 -13.18
C TYR A 37 -17.59 27.81 -13.87
N SER A 38 -16.71 28.30 -14.75
CA SER A 38 -16.94 29.54 -15.48
C SER A 38 -17.97 29.40 -16.59
N GLU A 39 -18.41 30.54 -17.13
CA GLU A 39 -19.44 30.56 -18.16
C GLU A 39 -19.07 29.81 -19.43
N ASP A 40 -17.78 29.78 -19.75
CA ASP A 40 -17.29 29.05 -20.91
C ASP A 40 -17.51 27.55 -20.71
N GLU A 41 -17.08 27.07 -19.55
CA GLU A 41 -17.25 25.67 -19.19
C GLU A 41 -18.73 25.29 -19.09
N CYS A 42 -19.50 26.17 -18.45
CA CYS A 42 -20.94 25.99 -18.34
C CYS A 42 -21.55 25.84 -19.73
N LYS A 43 -21.07 26.66 -20.66
CA LYS A 43 -21.51 26.56 -22.05
C LYS A 43 -21.11 25.22 -22.65
N GLN A 44 -19.92 24.76 -22.32
CA GLN A 44 -19.44 23.47 -22.80
C GLN A 44 -20.30 22.29 -22.36
N TYR A 45 -20.77 22.31 -21.11
CA TYR A 45 -21.50 21.17 -20.56
C TYR A 45 -22.94 21.03 -21.07
N LYS A 46 -23.36 21.92 -21.95
CA LYS A 46 -24.74 21.93 -22.45
C LYS A 46 -25.09 20.60 -23.11
N VAL A 47 -24.29 20.21 -24.09
CA VAL A 47 -24.47 18.96 -24.81
C VAL A 47 -24.53 17.79 -23.84
N VAL A 48 -23.66 17.81 -22.84
CA VAL A 48 -23.63 16.77 -21.82
C VAL A 48 -24.99 16.70 -21.11
N VAL A 49 -25.52 17.85 -20.73
CA VAL A 49 -26.82 17.91 -20.07
C VAL A 49 -27.92 17.30 -20.94
N TYR A 50 -28.00 17.75 -22.18
CA TYR A 50 -28.99 17.23 -23.11
C TYR A 50 -28.88 15.71 -23.20
N SER A 51 -27.66 15.24 -23.41
CA SER A 51 -27.36 13.83 -23.51
C SER A 51 -27.87 13.05 -22.31
N ASN A 52 -27.43 13.42 -21.10
CA ASN A 52 -27.87 12.75 -19.88
C ASN A 52 -29.40 12.71 -19.75
N THR A 53 -30.04 13.83 -20.09
CA THR A 53 -31.50 13.92 -20.05
C THR A 53 -32.11 12.82 -20.92
N ILE A 54 -31.69 12.83 -22.18
CA ILE A 54 -32.16 11.85 -23.16
C ILE A 54 -31.90 10.40 -22.71
N GLN A 55 -30.66 10.11 -22.31
CA GLN A 55 -30.29 8.76 -21.88
C GLN A 55 -31.19 8.31 -20.73
N SER A 56 -31.47 9.23 -19.82
CA SER A 56 -32.36 8.95 -18.70
C SER A 56 -33.76 8.55 -19.17
N ILE A 57 -34.41 9.44 -19.93
CA ILE A 57 -35.78 9.16 -20.37
C ILE A 57 -35.85 7.87 -21.21
N ILE A 58 -34.86 7.67 -22.06
CA ILE A 58 -34.72 6.44 -22.83
C ILE A 58 -34.68 5.24 -21.91
N ALA A 59 -33.81 5.31 -20.90
CA ALA A 59 -33.64 4.22 -19.94
C ALA A 59 -34.97 3.86 -19.29
N ILE A 60 -35.73 4.88 -18.90
CA ILE A 60 -37.05 4.64 -18.33
C ILE A 60 -37.95 3.95 -19.35
N ILE A 61 -37.87 4.38 -20.60
CA ILE A 61 -38.68 3.81 -21.68
C ILE A 61 -38.40 2.32 -21.86
N ARG A 62 -37.12 1.98 -22.04
CA ARG A 62 -36.72 0.58 -22.19
C ARG A 62 -37.10 -0.23 -20.95
N ALA A 63 -37.01 0.40 -19.80
CA ALA A 63 -37.40 -0.22 -18.53
C ALA A 63 -38.89 -0.56 -18.51
N MET A 64 -39.70 0.26 -19.17
CA MET A 64 -41.14 0.02 -19.25
C MET A 64 -41.44 -1.35 -19.84
N GLY A 65 -40.59 -1.79 -20.75
CA GLY A 65 -40.72 -3.10 -21.38
C GLY A 65 -40.67 -4.29 -20.44
N ARG A 66 -39.50 -4.50 -19.84
CA ARG A 66 -39.25 -5.67 -18.98
C ARG A 66 -40.27 -5.84 -17.86
N LEU A 67 -40.84 -4.73 -17.40
CA LEU A 67 -41.81 -4.74 -16.33
C LEU A 67 -43.24 -4.94 -16.84
N LYS A 68 -43.40 -4.81 -18.16
CA LYS A 68 -44.73 -4.84 -18.79
C LYS A 68 -45.61 -3.73 -18.22
N ILE A 69 -45.34 -2.50 -18.62
CA ILE A 69 -46.12 -1.34 -18.16
C ILE A 69 -46.75 -0.57 -19.31
N ASP A 70 -48.08 -0.64 -19.41
CA ASP A 70 -48.82 0.01 -20.47
C ASP A 70 -49.02 1.51 -20.23
N PHE A 71 -48.90 2.30 -21.29
CA PHE A 71 -49.08 3.75 -21.23
C PHE A 71 -50.49 4.14 -20.81
N GLY A 72 -50.68 5.41 -20.49
CA GLY A 72 -52.01 5.94 -20.28
C GLY A 72 -52.74 6.02 -21.61
N GLU A 73 -52.45 7.06 -22.38
CA GLU A 73 -52.96 7.20 -23.75
C GLU A 73 -51.97 6.58 -24.74
N ALA A 74 -52.45 5.66 -25.56
CA ALA A 74 -51.59 4.88 -26.45
C ALA A 74 -50.80 5.72 -27.48
N ALA A 75 -51.34 6.88 -27.85
CA ALA A 75 -50.72 7.74 -28.85
C ALA A 75 -49.24 8.01 -28.57
N ARG A 76 -48.92 8.22 -27.29
CA ARG A 76 -47.57 8.54 -26.86
C ARG A 76 -46.53 7.55 -27.39
N ALA A 77 -46.98 6.33 -27.69
CA ALA A 77 -46.11 5.30 -28.24
C ALA A 77 -45.33 5.80 -29.44
N ASP A 78 -46.02 6.50 -30.34
CA ASP A 78 -45.36 7.02 -31.54
C ASP A 78 -44.16 7.88 -31.20
N ASP A 79 -44.28 8.71 -30.15
CA ASP A 79 -43.19 9.57 -29.72
C ASP A 79 -41.93 8.76 -29.50
N ALA A 80 -42.09 7.61 -28.83
CA ALA A 80 -40.95 6.75 -28.55
C ALA A 80 -40.24 6.41 -29.84
N ARG A 81 -41.01 6.01 -30.85
CA ARG A 81 -40.44 5.67 -32.14
C ARG A 81 -39.65 6.85 -32.69
N GLN A 82 -40.25 8.04 -32.60
CA GLN A 82 -39.58 9.24 -33.06
C GLN A 82 -38.34 9.53 -32.22
N LEU A 83 -38.45 9.27 -30.91
CA LEU A 83 -37.36 9.57 -29.97
C LEU A 83 -36.04 8.97 -30.39
N PHE A 84 -36.02 7.67 -30.63
CA PHE A 84 -34.81 6.95 -30.99
C PHE A 84 -34.15 7.51 -32.25
N VAL A 85 -34.94 8.20 -33.09
CA VAL A 85 -34.39 8.80 -34.29
C VAL A 85 -33.75 10.14 -33.94
N LEU A 86 -34.41 10.90 -33.09
CA LEU A 86 -33.96 12.24 -32.70
C LEU A 86 -32.92 12.18 -31.60
N ALA A 87 -32.59 10.96 -31.15
CA ALA A 87 -31.65 10.76 -30.06
C ALA A 87 -30.28 11.38 -30.32
N GLY A 88 -29.93 11.54 -31.59
CA GLY A 88 -28.65 12.10 -31.95
C GLY A 88 -28.80 13.49 -32.53
N SER A 89 -30.00 14.04 -32.41
CA SER A 89 -30.31 15.35 -32.98
C SER A 89 -29.79 16.45 -32.07
N ALA A 90 -29.58 16.08 -30.81
CA ALA A 90 -29.10 17.03 -29.81
C ALA A 90 -27.58 16.98 -29.68
N GLU A 91 -26.95 16.10 -30.45
CA GLU A 91 -25.50 15.92 -30.36
C GLU A 91 -24.73 17.18 -30.71
N GLU A 92 -25.42 18.14 -31.31
CA GLU A 92 -24.84 19.44 -31.65
C GLU A 92 -25.48 20.55 -30.83
N VAL A 94 -28.17 21.18 -29.21
CA VAL A 94 -29.37 21.99 -29.41
C VAL A 94 -30.61 21.13 -29.54
N MET A 95 -31.58 21.36 -28.66
CA MET A 95 -32.80 20.56 -28.65
C MET A 95 -33.87 21.16 -29.55
N THR A 96 -34.38 20.33 -30.46
CA THR A 96 -35.47 20.76 -31.33
C THR A 96 -36.74 20.87 -30.50
N PRO A 97 -37.52 21.94 -30.69
CA PRO A 97 -38.80 22.11 -30.00
C PRO A 97 -39.71 20.91 -30.21
N GLU A 98 -39.54 20.23 -31.33
CA GLU A 98 -40.26 19.00 -31.62
C GLU A 98 -39.83 17.92 -30.62
N LEU A 99 -38.52 17.76 -30.48
CA LEU A 99 -37.93 16.81 -29.54
C LEU A 99 -38.29 17.11 -28.08
N ALA A 100 -38.11 18.37 -27.69
CA ALA A 100 -38.46 18.81 -26.34
C ALA A 100 -39.95 18.58 -26.08
N GLY A 101 -40.75 18.76 -27.13
CA GLY A 101 -42.16 18.45 -27.08
C GLY A 101 -42.38 16.98 -26.78
N VAL A 102 -41.66 16.13 -27.50
CA VAL A 102 -41.71 14.68 -27.29
C VAL A 102 -41.43 14.33 -25.83
N ILE A 103 -40.28 14.78 -25.34
CA ILE A 103 -39.87 14.51 -23.96
C ILE A 103 -40.93 15.00 -22.96
N LYS A 104 -41.42 16.22 -23.17
CA LYS A 104 -42.46 16.77 -22.31
C LYS A 104 -43.71 15.89 -22.25
N ARG A 105 -44.22 15.51 -23.43
CA ARG A 105 -45.39 14.65 -23.52
C ARG A 105 -45.17 13.32 -22.81
N LEU A 106 -43.99 12.75 -22.99
CA LEU A 106 -43.63 11.46 -22.38
C LEU A 106 -43.57 11.54 -20.86
N TRP A 107 -42.86 12.53 -20.36
CA TRP A 107 -42.66 12.74 -18.94
C TRP A 107 -43.99 13.09 -18.27
N ARG A 108 -44.92 13.63 -19.08
CA ARG A 108 -46.25 13.95 -18.60
C ARG A 108 -47.14 12.73 -18.42
N ASP A 109 -46.82 11.65 -19.12
CA ASP A 109 -47.63 10.43 -19.09
C ASP A 109 -47.61 9.77 -17.72
N GLY A 110 -48.78 9.32 -17.27
CA GLY A 110 -48.93 8.75 -15.94
C GLY A 110 -48.30 7.38 -15.75
N GLY A 111 -48.32 6.57 -16.81
CA GLY A 111 -47.74 5.24 -16.75
C GLY A 111 -46.22 5.31 -16.62
N VAL A 112 -45.62 6.23 -17.37
CA VAL A 112 -44.19 6.49 -17.28
C VAL A 112 -43.84 6.85 -15.84
N GLN A 113 -44.67 7.69 -15.23
CA GLN A 113 -44.47 8.09 -13.84
C GLN A 113 -44.68 6.91 -12.88
N ALA A 114 -45.52 5.97 -13.26
CA ALA A 114 -45.69 4.76 -12.46
C ALA A 114 -44.42 3.91 -12.49
N CYS A 115 -43.79 3.87 -13.66
CA CYS A 115 -42.52 3.16 -13.82
C CYS A 115 -41.42 3.85 -13.01
N PHE A 116 -41.38 5.18 -13.11
CA PHE A 116 -40.43 5.98 -12.36
C PHE A 116 -40.63 5.79 -10.87
N SER A 117 -41.89 5.65 -10.47
CA SER A 117 -42.22 5.38 -9.07
C SER A 117 -41.86 3.95 -8.72
N ARG A 118 -41.65 3.13 -9.75
CA ARG A 118 -41.25 1.74 -9.55
C ARG A 118 -39.81 1.56 -10.02
N SER A 119 -39.03 2.63 -9.91
CA SER A 119 -37.62 2.64 -10.33
C SER A 119 -36.69 1.75 -9.50
N ARG A 120 -37.22 1.10 -8.47
CA ARG A 120 -36.39 0.22 -7.65
C ARG A 120 -36.16 -1.13 -8.34
N GLU A 121 -37.05 -1.45 -9.28
CA GLU A 121 -37.03 -2.77 -9.93
C GLU A 121 -36.13 -2.78 -11.16
N TYR A 122 -35.37 -1.69 -11.34
CA TYR A 122 -34.36 -1.63 -12.38
C TYR A 122 -33.27 -0.61 -12.03
N GLN A 123 -32.57 -0.11 -13.04
CA GLN A 123 -31.43 0.78 -12.82
C GLN A 123 -31.63 2.15 -13.45
N LEU A 124 -32.07 3.10 -12.63
CA LEU A 124 -32.29 4.47 -13.08
C LEU A 124 -31.40 5.44 -12.31
N ASN A 125 -30.66 6.26 -13.05
CA ASN A 125 -29.74 7.22 -12.43
C ASN A 125 -30.52 8.26 -11.61
N ASP A 126 -29.84 8.88 -10.66
CA ASP A 126 -30.51 9.77 -9.72
C ASP A 126 -30.49 11.22 -10.19
N SER A 127 -29.98 11.44 -11.40
CA SER A 127 -29.98 12.79 -11.98
C SER A 127 -31.07 12.91 -13.03
N ALA A 128 -31.91 11.89 -13.10
CA ALA A 128 -32.99 11.85 -14.08
C ALA A 128 -34.04 12.92 -13.81
N SER A 129 -34.74 12.77 -12.70
CA SER A 129 -35.86 13.64 -12.34
C SER A 129 -35.48 15.12 -12.31
N TYR A 130 -34.24 15.40 -11.92
CA TYR A 130 -33.73 16.76 -11.89
C TYR A 130 -33.82 17.39 -13.28
N TYR A 131 -33.27 16.69 -14.26
CA TYR A 131 -33.24 17.17 -15.63
C TYR A 131 -34.63 17.14 -16.28
N LEU A 132 -35.43 16.15 -15.93
CA LEU A 132 -36.75 15.98 -16.53
C LEU A 132 -37.79 16.97 -16.02
N ASN A 133 -37.69 17.37 -14.76
CA ASN A 133 -38.64 18.33 -14.20
C ASN A 133 -38.35 19.76 -14.64
N ASP A 134 -37.06 20.08 -14.80
CA ASP A 134 -36.63 21.38 -15.25
C ASP A 134 -36.43 21.40 -16.76
N LEU A 135 -37.34 20.73 -17.49
CA LEU A 135 -37.24 20.63 -18.94
C LEU A 135 -37.43 21.96 -19.65
N ASP A 136 -38.51 22.67 -19.31
CA ASP A 136 -38.84 23.93 -19.94
C ASP A 136 -37.68 24.92 -19.87
N ARG A 137 -36.93 24.87 -18.79
CA ARG A 137 -35.81 25.80 -18.58
C ARG A 137 -34.64 25.50 -19.51
N ILE A 138 -34.40 24.23 -19.79
CA ILE A 138 -33.24 23.82 -20.58
C ILE A 138 -33.57 23.64 -22.06
N SER A 139 -34.86 23.66 -22.39
CA SER A 139 -35.28 23.45 -23.77
C SER A 139 -35.35 24.76 -24.53
N GLN A 140 -34.96 25.85 -23.87
CA GLN A 140 -34.87 27.14 -24.50
C GLN A 140 -33.62 27.20 -25.36
N SER A 141 -33.69 27.88 -26.49
CA SER A 141 -32.58 27.97 -27.43
C SER A 141 -31.38 28.74 -26.84
N ASN A 142 -31.66 29.64 -25.90
CA ASN A 142 -30.62 30.47 -25.31
C ASN A 142 -30.15 29.95 -23.96
N TYR A 143 -30.39 28.67 -23.70
CA TYR A 143 -30.11 28.08 -22.40
C TYR A 143 -28.62 27.92 -22.07
N ILE A 144 -28.23 28.45 -20.92
CA ILE A 144 -26.90 28.22 -20.35
C ILE A 144 -27.04 27.50 -19.01
N PRO A 145 -26.33 26.38 -18.85
CA PRO A 145 -26.39 25.54 -17.64
C PRO A 145 -25.88 26.22 -16.38
N THR A 146 -26.62 26.07 -15.29
CA THR A 146 -26.20 26.56 -13.99
C THR A 146 -25.17 25.60 -13.41
N GLN A 147 -24.47 26.04 -12.36
CA GLN A 147 -23.48 25.22 -11.70
C GLN A 147 -24.10 23.95 -11.14
N GLN A 148 -25.34 24.07 -10.67
CA GLN A 148 -26.06 22.94 -10.11
C GLN A 148 -26.38 21.93 -11.20
N ASP A 149 -26.67 22.43 -12.40
CA ASP A 149 -26.91 21.57 -13.56
C ASP A 149 -25.66 20.77 -13.88
N VAL A 150 -24.52 21.45 -13.87
CA VAL A 150 -23.23 20.82 -14.11
C VAL A 150 -22.96 19.76 -13.05
N LEU A 151 -23.33 20.06 -11.81
CA LEU A 151 -23.17 19.13 -10.69
C LEU A 151 -23.89 17.82 -10.96
N ARG A 152 -25.05 17.91 -11.60
CA ARG A 152 -25.88 16.74 -11.84
C ARG A 152 -25.51 16.04 -13.14
N THR A 153 -24.53 16.57 -13.85
CA THR A 153 -24.05 15.94 -15.07
C THR A 153 -23.41 14.60 -14.76
N ARG A 154 -23.61 13.65 -15.66
CA ARG A 154 -23.02 12.33 -15.52
C ARG A 154 -22.06 12.11 -16.67
N VAL A 155 -20.78 12.02 -16.34
CA VAL A 155 -19.76 11.86 -17.35
C VAL A 155 -19.06 10.51 -17.21
N LYS A 156 -18.94 9.79 -18.32
CA LYS A 156 -18.22 8.53 -18.34
C LYS A 156 -16.76 8.83 -18.00
N THR A 157 -16.24 8.10 -17.01
CA THR A 157 -14.87 8.32 -16.59
C THR A 157 -14.02 7.14 -17.04
N THR A 158 -12.82 7.45 -17.50
CA THR A 158 -11.94 6.44 -18.06
C THR A 158 -10.71 6.28 -17.18
N GLY A 159 -10.24 7.38 -16.61
CA GLY A 159 -9.02 7.36 -15.83
C GLY A 159 -9.20 7.68 -14.36
N ILE A 160 -8.16 8.26 -13.77
CA ILE A 160 -8.18 8.68 -12.38
C ILE A 160 -8.53 10.14 -12.26
N VAL A 161 -9.57 10.45 -11.48
CA VAL A 161 -9.98 11.83 -11.25
C VAL A 161 -9.23 12.43 -10.07
N GLU A 162 -8.66 13.62 -10.29
CA GLU A 162 -7.87 14.29 -9.28
C GLU A 162 -8.25 15.76 -9.20
N THR A 163 -8.28 16.30 -7.99
CA THR A 163 -8.41 17.74 -7.83
C THR A 163 -7.68 18.22 -6.59
N HIS A 164 -7.03 19.37 -6.70
CA HIS A 164 -6.23 19.91 -5.62
C HIS A 164 -6.70 21.30 -5.27
N PHE A 165 -6.56 21.67 -4.01
CA PHE A 165 -6.91 23.03 -3.60
C PHE A 165 -6.26 23.45 -2.28
N THR A 166 -6.33 24.75 -1.99
CA THR A 166 -5.79 25.29 -0.75
C THR A 166 -6.96 25.78 0.09
N PHE A 167 -6.98 25.36 1.36
CA PHE A 167 -8.07 25.71 2.26
C PHE A 167 -7.62 25.66 3.71
N LYS A 168 -8.04 26.66 4.47
CA LYS A 168 -7.65 26.81 5.87
C LYS A 168 -6.14 26.66 6.02
N ASP A 169 -5.40 27.28 5.10
CA ASP A 169 -3.94 27.22 5.07
C ASP A 169 -3.41 25.79 5.03
N LEU A 170 -4.01 24.97 4.17
CA LEU A 170 -3.57 23.59 3.98
C LEU A 170 -3.64 23.18 2.52
N TYR A 171 -2.77 22.27 2.11
CA TYR A 171 -2.73 21.82 0.72
C TYR A 171 -3.39 20.45 0.55
N PHE A 172 -4.56 20.45 -0.06
CA PHE A 172 -5.33 19.22 -0.28
C PHE A 172 -5.16 18.65 -1.68
N LYS A 173 -4.82 17.36 -1.75
CA LYS A 173 -4.91 16.60 -3.00
C LYS A 173 -5.95 15.49 -2.83
N MET A 174 -7.01 15.55 -3.62
CA MET A 174 -8.11 14.60 -3.49
C MET A 174 -8.25 13.73 -4.74
N PHE A 175 -8.32 12.41 -4.51
CA PHE A 175 -8.30 11.40 -5.56
C PHE A 175 -9.58 10.57 -5.63
N ASP A 176 -10.20 10.53 -6.80
CA ASP A 176 -11.25 9.55 -7.08
C ASP A 176 -10.65 8.52 -8.04
N VAL A 177 -10.70 7.25 -7.64
CA VAL A 177 -10.00 6.19 -8.37
C VAL A 177 -10.80 5.59 -9.52
N GLY A 178 -12.07 5.29 -9.28
CA GLY A 178 -12.89 4.60 -10.25
C GLY A 178 -12.46 3.14 -10.38
N GLY A 179 -12.52 2.60 -11.60
CA GLY A 179 -12.28 1.18 -11.77
C GLY A 179 -11.18 0.75 -12.72
N GLN A 180 -10.76 1.64 -13.61
CA GLN A 180 -9.80 1.27 -14.64
C GLN A 180 -8.43 0.91 -14.10
N ARG A 181 -8.16 -0.40 -14.03
CA ARG A 181 -6.82 -0.89 -13.78
C ARG A 181 -6.06 -0.97 -15.09
N SER A 182 -6.56 -0.23 -16.09
CA SER A 182 -5.83 -0.01 -17.34
C SER A 182 -4.56 0.75 -16.97
N GLU A 183 -4.65 1.52 -15.89
CA GLU A 183 -3.49 2.14 -15.28
C GLU A 183 -3.27 1.35 -13.99
N ARG A 184 -2.19 0.57 -13.94
CA ARG A 184 -1.91 -0.27 -12.79
C ARG A 184 -0.81 0.28 -11.90
N LYS A 185 -0.22 1.41 -12.29
CA LYS A 185 0.84 2.04 -11.51
C LYS A 185 0.28 3.09 -10.57
N LYS A 186 0.59 4.36 -10.83
CA LYS A 186 -0.01 5.53 -10.16
C LYS A 186 -1.35 5.28 -9.45
N TRP A 187 -2.20 4.48 -10.10
CA TRP A 187 -3.43 3.96 -9.52
C TRP A 187 -3.21 3.45 -8.10
N ILE A 188 -2.19 2.63 -7.94
CA ILE A 188 -1.82 2.11 -6.63
C ILE A 188 -1.23 3.19 -5.74
N HIS A 189 -0.49 4.14 -6.35
CA HIS A 189 0.10 5.23 -5.58
C HIS A 189 -0.98 6.11 -4.96
N CYS A 190 -2.19 6.01 -5.50
CA CYS A 190 -3.33 6.69 -4.93
C CYS A 190 -3.67 6.12 -3.55
N PHE A 191 -3.22 4.89 -3.29
CA PHE A 191 -3.46 4.25 -2.00
C PHE A 191 -2.25 4.42 -1.08
N GLU A 192 -1.19 5.03 -1.60
CA GLU A 192 0.04 5.24 -0.84
C GLU A 192 0.01 6.56 -0.07
N GLY A 193 0.42 6.50 1.20
CA GLY A 193 0.54 7.68 2.04
C GLY A 193 -0.71 8.52 2.09
N VAL A 194 -1.84 7.87 2.37
CA VAL A 194 -3.12 8.56 2.46
C VAL A 194 -3.33 9.12 3.86
N THR A 195 -3.80 10.35 3.94
CA THR A 195 -4.10 10.98 5.22
C THR A 195 -5.43 10.47 5.74
N ALA A 196 -6.44 10.47 4.88
CA ALA A 196 -7.77 10.01 5.26
C ALA A 196 -8.56 9.45 4.07
N ILE A 197 -9.46 8.51 4.37
CA ILE A 197 -10.27 7.84 3.36
C ILE A 197 -11.73 8.23 3.53
N ILE A 198 -12.37 8.62 2.43
CA ILE A 198 -13.78 8.97 2.47
C ILE A 198 -14.66 7.95 1.74
N PHE A 199 -15.27 7.05 2.50
CA PHE A 199 -16.12 6.01 1.94
C PHE A 199 -17.54 6.55 1.75
N CYS A 200 -18.04 6.51 0.52
CA CYS A 200 -19.39 6.99 0.23
C CYS A 200 -20.39 5.86 0.10
N VAL A 201 -21.59 6.07 0.63
CA VAL A 201 -22.66 5.08 0.57
C VAL A 201 -23.99 5.68 0.18
N ALA A 202 -24.61 5.12 -0.86
CA ALA A 202 -25.95 5.54 -1.23
C ALA A 202 -26.94 4.79 -0.35
N LEU A 203 -27.57 5.54 0.55
CA LEU A 203 -28.51 4.94 1.48
C LEU A 203 -29.74 4.46 0.72
N SER A 204 -30.11 5.23 -0.30
CA SER A 204 -31.33 4.98 -1.06
C SER A 204 -31.34 3.60 -1.71
N ASP A 205 -30.16 2.97 -1.75
CA ASP A 205 -30.02 1.66 -2.36
C ASP A 205 -30.36 0.53 -1.40
N TYR A 206 -31.02 0.88 -0.29
CA TYR A 206 -31.41 -0.13 0.69
C TYR A 206 -32.54 -1.01 0.16
N ASP A 207 -33.42 -0.42 -0.64
CA ASP A 207 -34.64 -1.09 -1.07
C ASP A 207 -34.52 -1.62 -2.50
N LEU A 208 -33.35 -1.45 -3.10
CA LEU A 208 -33.15 -1.88 -4.47
C LEU A 208 -33.35 -3.39 -4.60
N VAL A 209 -34.02 -3.79 -5.68
CA VAL A 209 -34.28 -5.19 -5.96
C VAL A 209 -32.99 -5.89 -6.34
N LEU A 210 -32.89 -7.17 -6.00
CA LEU A 210 -31.65 -7.88 -6.24
C LEU A 210 -31.56 -8.18 -7.72
N ALA A 211 -30.53 -7.64 -8.36
CA ALA A 211 -30.28 -7.90 -9.76
C ALA A 211 -29.84 -9.33 -9.93
N GLU A 212 -29.97 -9.85 -11.14
CA GLU A 212 -29.63 -11.24 -11.40
C GLU A 212 -28.12 -11.44 -11.41
N ASP A 213 -27.37 -10.34 -11.48
CA ASP A 213 -25.91 -10.44 -11.49
C ASP A 213 -25.32 -10.10 -10.12
N GLU A 214 -26.15 -10.12 -9.08
CA GLU A 214 -25.69 -9.85 -7.73
C GLU A 214 -25.85 -11.08 -6.84
N GLU A 215 -24.92 -11.27 -5.89
CA GLU A 215 -25.01 -12.36 -4.94
C GLU A 215 -25.56 -11.89 -3.59
N MET A 216 -25.63 -10.56 -3.44
CA MET A 216 -26.14 -9.90 -2.25
C MET A 216 -26.52 -8.47 -2.65
N ASN A 217 -27.48 -7.88 -1.95
CA ASN A 217 -27.93 -6.54 -2.31
C ASN A 217 -26.84 -5.48 -2.16
N ARG A 218 -27.01 -4.35 -2.84
CA ARG A 218 -25.96 -3.34 -2.99
C ARG A 218 -25.42 -2.85 -1.64
N MET A 219 -26.31 -2.74 -0.67
CA MET A 219 -25.94 -2.29 0.65
C MET A 219 -24.93 -3.24 1.29
N HIS A 220 -25.24 -4.53 1.26
CA HIS A 220 -24.32 -5.53 1.83
C HIS A 220 -22.99 -5.58 1.09
N GLU A 221 -23.00 -5.23 -0.20
CA GLU A 221 -21.78 -5.09 -0.98
C GLU A 221 -20.93 -3.97 -0.39
N SER A 222 -21.55 -2.80 -0.24
CA SER A 222 -20.87 -1.65 0.34
C SER A 222 -20.31 -2.01 1.71
N MET A 223 -21.10 -2.73 2.49
CA MET A 223 -20.67 -3.23 3.79
C MET A 223 -19.43 -4.10 3.70
N LYS A 224 -19.42 -5.05 2.78
CA LYS A 224 -18.30 -5.97 2.63
C LYS A 224 -17.03 -5.22 2.25
N LEU A 225 -17.18 -4.29 1.32
CA LEU A 225 -16.07 -3.44 0.90
C LEU A 225 -15.52 -2.68 2.11
N PHE A 226 -16.42 -2.08 2.88
CA PHE A 226 -16.02 -1.34 4.07
C PHE A 226 -15.28 -2.22 5.06
N ASP A 227 -15.82 -3.41 5.30
CA ASP A 227 -15.20 -4.39 6.17
C ASP A 227 -13.76 -4.63 5.72
N SER A 228 -13.60 -4.85 4.43
CA SER A 228 -12.27 -5.11 3.88
C SER A 228 -11.33 -3.92 4.06
N ILE A 229 -11.86 -2.70 3.98
CA ILE A 229 -11.04 -1.50 4.13
C ILE A 229 -10.63 -1.18 5.56
N CYS A 230 -11.61 -1.13 6.46
CA CYS A 230 -11.40 -0.74 7.86
C CYS A 230 -10.37 -1.64 8.53
N ASN A 231 -10.54 -2.94 8.32
CA ASN A 231 -9.73 -3.94 9.01
C ASN A 231 -8.52 -4.34 8.16
N ASN A 232 -8.24 -3.57 7.13
CA ASN A 232 -7.02 -3.75 6.34
C ASN A 232 -5.83 -3.18 7.11
N LYS A 233 -4.78 -3.97 7.22
CA LYS A 233 -3.63 -3.58 8.04
C LYS A 233 -2.76 -2.48 7.44
N TRP A 234 -3.14 -1.98 6.27
CA TRP A 234 -2.35 -0.96 5.59
C TRP A 234 -2.81 0.46 5.91
N PHE A 235 -3.98 0.57 6.53
CA PHE A 235 -4.58 1.88 6.81
C PHE A 235 -4.69 2.12 8.31
N THR A 236 -3.88 1.41 9.08
CA THR A 236 -3.85 1.55 10.54
C THR A 236 -3.66 3.00 10.97
N GLU A 237 -2.83 3.74 10.23
CA GLU A 237 -2.56 5.13 10.55
C GLU A 237 -3.42 6.09 9.72
N THR A 238 -4.47 5.56 9.09
CA THR A 238 -5.32 6.37 8.23
C THR A 238 -6.69 6.63 8.85
N SER A 239 -7.09 7.89 8.88
CA SER A 239 -8.38 8.29 9.43
C SER A 239 -9.51 7.87 8.49
N ILE A 240 -10.50 7.17 9.03
CA ILE A 240 -11.61 6.66 8.23
C ILE A 240 -12.88 7.50 8.37
N ILE A 241 -13.35 8.00 7.23
CA ILE A 241 -14.49 8.89 7.19
C ILE A 241 -15.61 8.27 6.36
N LEU A 242 -16.79 8.17 6.95
CA LEU A 242 -17.92 7.54 6.31
C LEU A 242 -18.98 8.56 5.89
N PHE A 243 -19.31 8.58 4.60
CA PHE A 243 -20.36 9.46 4.09
C PHE A 243 -21.60 8.62 3.74
N LEU A 244 -22.60 8.64 4.61
CA LEU A 244 -23.88 8.04 4.25
C LEU A 244 -24.64 9.06 3.39
N ASN A 245 -24.35 9.05 2.10
CA ASN A 245 -24.89 10.03 1.17
C ASN A 245 -26.33 9.71 0.73
N LYS A 246 -26.90 10.60 -0.07
CA LYS A 246 -28.24 10.45 -0.60
C LYS A 246 -29.27 10.29 0.52
N LYS A 247 -29.14 11.13 1.55
CA LYS A 247 -30.01 11.07 2.70
C LYS A 247 -31.41 11.58 2.37
N ASP A 248 -31.52 12.48 1.40
CA ASP A 248 -32.81 13.04 1.01
C ASP A 248 -33.71 11.96 0.42
N LEU A 249 -33.17 11.27 -0.59
CA LEU A 249 -33.90 10.19 -1.25
C LEU A 249 -34.22 9.11 -0.25
N PHE A 250 -33.32 8.87 0.70
CA PHE A 250 -33.56 7.91 1.77
C PHE A 250 -34.77 8.30 2.59
N GLU A 251 -34.83 9.58 2.95
CA GLU A 251 -35.94 10.08 3.77
C GLU A 251 -37.25 9.93 3.03
N GLU A 252 -37.25 10.23 1.74
CA GLU A 252 -38.48 10.10 0.95
C GLU A 252 -38.91 8.64 0.83
N LYS A 253 -37.95 7.77 0.53
CA LYS A 253 -38.23 6.34 0.34
C LYS A 253 -38.69 5.61 1.60
N ILE A 254 -38.10 5.98 2.74
CA ILE A 254 -38.29 5.24 3.98
C ILE A 254 -39.72 5.32 4.54
N LYS A 255 -40.48 6.28 4.05
CA LYS A 255 -41.88 6.42 4.46
C LYS A 255 -42.69 5.24 3.94
N ARG A 256 -42.33 4.77 2.75
CA ARG A 256 -43.10 3.74 2.07
C ARG A 256 -42.44 2.35 2.11
N SER A 257 -41.21 2.23 1.63
CA SER A 257 -40.54 0.92 1.57
C SER A 257 -39.75 0.66 2.84
N PRO A 258 -40.15 -0.37 3.60
CA PRO A 258 -39.53 -0.79 4.86
C PRO A 258 -38.05 -1.15 4.72
N LEU A 259 -37.33 -1.10 5.84
CA LEU A 259 -35.92 -1.45 5.88
C LEU A 259 -35.75 -2.97 5.87
N THR A 260 -36.83 -3.68 6.14
CA THR A 260 -36.78 -5.15 6.23
C THR A 260 -36.33 -5.76 4.92
N ILE A 261 -36.61 -5.06 3.82
CA ILE A 261 -36.11 -5.40 2.50
C ILE A 261 -34.60 -5.63 2.54
N CYS A 262 -33.91 -4.70 3.19
CA CYS A 262 -32.45 -4.69 3.23
C CYS A 262 -31.94 -5.52 4.40
N TYR A 263 -32.55 -5.32 5.57
CA TYR A 263 -32.23 -6.10 6.76
C TYR A 263 -33.50 -6.73 7.31
N PRO A 264 -33.74 -8.02 7.01
CA PRO A 264 -34.96 -8.69 7.45
C PRO A 264 -35.05 -8.83 8.96
N GLU A 265 -33.90 -8.77 9.64
CA GLU A 265 -33.86 -8.95 11.09
C GLU A 265 -34.15 -7.66 11.84
N TYR A 266 -34.47 -6.59 11.11
CA TYR A 266 -34.70 -5.29 11.73
C TYR A 266 -36.04 -5.22 12.45
N THR A 267 -36.00 -4.82 13.71
CA THR A 267 -37.19 -4.84 14.56
C THR A 267 -37.74 -3.43 14.82
N GLY A 268 -36.88 -2.43 14.64
CA GLY A 268 -37.25 -1.06 14.96
C GLY A 268 -38.33 -0.49 14.06
N SER A 269 -38.67 0.78 14.28
CA SER A 269 -39.70 1.43 13.47
C SER A 269 -39.08 1.96 12.19
N ASN A 270 -39.92 2.47 11.30
CA ASN A 270 -39.45 2.98 10.02
C ASN A 270 -39.36 4.50 9.96
N THR A 271 -38.89 5.09 11.05
CA THR A 271 -38.57 6.51 11.05
C THR A 271 -37.20 6.67 10.42
N TYR A 272 -37.02 7.78 9.70
CA TYR A 272 -35.72 8.12 9.10
C TYR A 272 -34.67 7.94 10.17
N GLU A 273 -34.81 8.65 11.27
CA GLU A 273 -33.81 8.70 12.32
C GLU A 273 -33.36 7.31 12.80
N GLU A 274 -34.31 6.51 13.23
CA GLU A 274 -34.02 5.20 13.81
C GLU A 274 -33.38 4.28 12.78
N ALA A 275 -33.89 4.36 11.54
CA ALA A 275 -33.37 3.56 10.45
C ALA A 275 -31.90 3.90 10.15
N ALA A 276 -31.67 5.16 9.83
CA ALA A 276 -30.32 5.69 9.58
C ALA A 276 -29.38 5.27 10.70
N ALA A 277 -29.87 5.39 11.94
CA ALA A 277 -29.10 4.97 13.09
C ALA A 277 -28.73 3.49 12.98
N TYR A 278 -29.68 2.66 12.56
CA TYR A 278 -29.43 1.23 12.41
C TYR A 278 -28.37 0.96 11.34
N ILE A 279 -28.45 1.69 10.21
CA ILE A 279 -27.45 1.55 9.14
C ILE A 279 -26.06 1.92 9.61
N GLN A 280 -25.94 3.13 10.17
CA GLN A 280 -24.68 3.65 10.68
C GLN A 280 -24.09 2.66 11.67
N CYS A 281 -24.95 2.13 12.54
CA CYS A 281 -24.53 1.13 13.51
C CYS A 281 -23.99 -0.10 12.78
N GLN A 282 -24.74 -0.58 11.79
CA GLN A 282 -24.33 -1.75 11.00
C GLN A 282 -22.95 -1.61 10.37
N PHE A 283 -22.67 -0.45 9.79
CA PHE A 283 -21.36 -0.22 9.19
C PHE A 283 -20.26 -0.12 10.24
N GLU A 284 -20.50 0.68 11.27
CA GLU A 284 -19.50 0.92 12.31
C GLU A 284 -19.15 -0.37 13.05
N ASP A 285 -20.10 -1.29 13.14
CA ASP A 285 -19.92 -2.53 13.87
C ASP A 285 -18.90 -3.46 13.23
N LEU A 286 -18.53 -3.17 11.98
CA LEU A 286 -17.61 -4.04 11.24
C LEU A 286 -16.16 -3.80 11.63
N ASN A 287 -15.90 -2.71 12.34
CA ASN A 287 -14.55 -2.36 12.75
C ASN A 287 -14.05 -3.32 13.83
N ARG A 288 -13.18 -4.25 13.45
CA ARG A 288 -12.69 -5.23 14.40
C ARG A 288 -11.47 -4.70 15.15
N ARG A 289 -11.35 -3.38 15.20
CA ARG A 289 -10.38 -2.71 16.04
C ARG A 289 -11.05 -1.45 16.59
N LYS A 290 -12.08 -1.62 17.41
CA LYS A 290 -12.92 -0.51 17.86
C LYS A 290 -12.21 0.45 18.80
N ASP A 291 -11.32 -0.10 19.62
CA ASP A 291 -10.52 0.67 20.56
C ASP A 291 -9.56 1.61 19.83
N THR A 292 -8.68 1.00 19.04
CA THR A 292 -7.60 1.71 18.35
C THR A 292 -8.09 2.66 17.25
N LYS A 293 -9.09 2.22 16.49
CA LYS A 293 -9.55 2.94 15.31
C LYS A 293 -10.98 3.45 15.47
N GLU A 294 -11.18 4.77 15.40
CA GLU A 294 -12.53 5.32 15.45
C GLU A 294 -12.95 5.79 14.07
N ILE A 295 -14.26 5.75 13.83
CA ILE A 295 -14.80 6.04 12.51
C ILE A 295 -15.63 7.33 12.54
N TYR A 296 -15.38 8.21 11.57
CA TYR A 296 -16.00 9.52 11.57
C TYR A 296 -17.17 9.57 10.58
N THR A 297 -18.39 9.44 11.12
CA THR A 297 -19.58 9.30 10.31
C THR A 297 -20.28 10.64 10.05
N HIS A 298 -20.78 10.82 8.83
CA HIS A 298 -21.56 11.99 8.47
C HIS A 298 -22.70 11.60 7.52
N PHE A 299 -23.82 12.31 7.62
CA PHE A 299 -24.95 12.08 6.73
C PHE A 299 -25.03 13.19 5.70
N THR A 300 -24.72 12.86 4.44
CA THR A 300 -24.52 13.87 3.41
C THR A 300 -25.56 13.85 2.31
N CYS A 301 -25.65 14.96 1.59
CA CYS A 301 -26.41 15.06 0.35
C CYS A 301 -25.56 15.84 -0.62
N ALA A 302 -24.75 15.12 -1.39
CA ALA A 302 -23.72 15.72 -2.22
C ALA A 302 -24.21 16.78 -3.23
N THR A 303 -25.51 16.79 -3.50
CA THR A 303 -26.08 17.79 -4.39
C THR A 303 -26.33 19.12 -3.67
N ASP A 304 -26.38 19.07 -2.34
CA ASP A 304 -26.55 20.28 -1.56
C ASP A 304 -25.17 20.86 -1.27
N THR A 305 -24.81 21.89 -2.02
CA THR A 305 -23.49 22.49 -1.95
C THR A 305 -23.19 22.96 -0.53
N LYS A 306 -24.19 23.55 0.10
CA LYS A 306 -24.09 24.06 1.46
C LYS A 306 -23.72 22.95 2.43
N ASN A 307 -24.49 21.87 2.38
CA ASN A 307 -24.27 20.71 3.26
C ASN A 307 -22.85 20.19 3.12
N VAL A 308 -22.40 20.03 1.88
CA VAL A 308 -21.06 19.53 1.61
C VAL A 308 -20.01 20.47 2.17
N GLN A 309 -20.25 21.78 2.01
CA GLN A 309 -19.37 22.81 2.54
C GLN A 309 -19.19 22.63 4.04
N PHE A 310 -20.31 22.53 4.75
CA PHE A 310 -20.27 22.34 6.21
C PHE A 310 -19.56 21.05 6.62
N VAL A 311 -19.99 19.93 6.03
CA VAL A 311 -19.44 18.63 6.36
C VAL A 311 -17.92 18.63 6.17
N PHE A 312 -17.49 19.12 5.02
CA PHE A 312 -16.08 19.15 4.68
C PHE A 312 -15.29 20.05 5.63
N ASP A 313 -15.88 21.19 5.98
CA ASP A 313 -15.31 22.09 6.98
C ASP A 313 -15.03 21.31 8.26
N ALA A 314 -16.06 20.66 8.79
CA ALA A 314 -15.95 19.90 10.03
C ALA A 314 -14.87 18.82 9.93
N VAL A 315 -14.84 18.12 8.81
CA VAL A 315 -13.84 17.09 8.56
C VAL A 315 -12.43 17.69 8.64
N THR A 316 -12.27 18.85 8.00
CA THR A 316 -10.99 19.56 7.97
C THR A 316 -10.54 19.89 9.40
N ASP A 317 -11.44 20.46 10.19
CA ASP A 317 -11.14 20.75 11.59
C ASP A 317 -10.72 19.49 12.35
N VAL A 318 -11.45 18.41 12.12
CA VAL A 318 -11.09 17.11 12.68
C VAL A 318 -9.64 16.74 12.38
N ILE A 319 -9.27 16.87 11.10
CA ILE A 319 -7.91 16.58 10.67
C ILE A 319 -6.87 17.47 11.34
N ILE A 320 -7.14 18.77 11.42
CA ILE A 320 -6.23 19.71 12.10
C ILE A 320 -6.00 19.32 13.57
N LYS A 321 -7.11 19.09 14.28
CA LYS A 321 -7.05 18.65 15.67
C LYS A 321 -6.21 17.38 15.78
N ASN A 322 -6.38 16.47 14.83
CA ASN A 322 -5.58 15.26 14.80
C ASN A 322 -4.10 15.54 14.52
N ASN A 323 -3.84 16.63 13.80
CA ASN A 323 -2.47 17.06 13.47
C ASN A 323 -1.74 17.72 14.64
N LEU A 324 -2.46 18.27 15.60
CA LEU A 324 -1.80 18.97 16.70
C LEU A 324 -1.28 18.01 17.78
N LYS A 325 -1.83 16.81 17.83
CA LYS A 325 -1.36 15.81 18.77
C LYS A 325 -0.02 15.20 18.34
N LYS B 8 -66.86 3.94 17.29
CA LYS B 8 -66.29 4.04 18.63
C LYS B 8 -65.55 5.35 18.83
N GLU B 9 -65.46 5.78 20.08
CA GLU B 9 -64.83 7.06 20.42
C GLU B 9 -63.43 6.86 20.98
N VAL B 10 -62.56 7.82 20.67
CA VAL B 10 -61.16 7.79 21.09
C VAL B 10 -60.79 9.08 21.81
N LYS B 11 -60.36 8.95 23.06
CA LYS B 11 -59.93 10.12 23.81
C LYS B 11 -58.42 10.26 23.69
N LEU B 12 -58.00 11.30 22.98
CA LEU B 12 -56.59 11.62 22.82
C LEU B 12 -56.22 12.72 23.79
N LEU B 13 -55.13 12.52 24.50
CA LEU B 13 -54.71 13.48 25.50
C LEU B 13 -53.32 13.99 25.19
N LEU B 14 -53.24 15.28 24.85
CA LEU B 14 -51.98 15.94 24.57
C LEU B 14 -51.34 16.42 25.87
N LEU B 15 -50.14 15.91 26.14
CA LEU B 15 -49.39 16.34 27.31
C LEU B 15 -48.00 16.78 26.87
N GLY B 16 -47.27 17.40 27.79
CA GLY B 16 -45.94 17.90 27.51
C GLY B 16 -45.78 19.32 28.02
N ALA B 17 -44.53 19.70 28.29
CA ALA B 17 -44.21 21.01 28.83
C ALA B 17 -44.69 22.14 27.92
N GLY B 18 -44.67 23.36 28.46
CA GLY B 18 -45.05 24.53 27.69
C GLY B 18 -44.12 24.73 26.53
N GLU B 19 -44.65 25.28 25.44
CA GLU B 19 -43.87 25.54 24.23
C GLU B 19 -43.33 24.25 23.60
N SER B 20 -44.21 23.27 23.47
CA SER B 20 -43.85 21.99 22.85
C SER B 20 -44.71 21.64 21.63
N GLY B 21 -45.68 22.50 21.32
CA GLY B 21 -46.47 22.36 20.10
C GLY B 21 -47.87 21.80 20.26
N LYS B 22 -48.32 21.66 21.50
CA LYS B 22 -49.65 21.10 21.78
C LYS B 22 -50.78 21.88 21.09
N SER B 23 -50.84 23.18 21.37
CA SER B 23 -51.83 24.07 20.77
C SER B 23 -51.66 24.02 19.25
N THR B 24 -50.42 23.96 18.82
CA THR B 24 -50.08 23.92 17.41
C THR B 24 -50.61 22.63 16.77
N ILE B 25 -50.51 21.54 17.51
CA ILE B 25 -51.10 20.27 17.07
C ILE B 25 -52.61 20.43 16.90
N VAL B 26 -53.25 21.02 17.90
CA VAL B 26 -54.70 21.25 17.84
C VAL B 26 -55.11 22.04 16.58
N LYS B 27 -54.45 23.18 16.38
CA LYS B 27 -54.68 24.01 15.20
C LYS B 27 -54.52 23.17 13.93
N GLN B 28 -53.44 22.40 13.88
CA GLN B 28 -53.15 21.54 12.74
C GLN B 28 -54.29 20.57 12.45
N MET B 29 -54.81 19.96 13.51
CA MET B 29 -55.94 19.06 13.39
C MET B 29 -57.15 19.80 12.83
N LYS B 30 -57.37 21.03 13.30
CA LYS B 30 -58.49 21.84 12.81
C LYS B 30 -58.34 22.10 11.32
N ILE B 31 -57.10 22.25 10.86
CA ILE B 31 -56.83 22.48 9.45
C ILE B 31 -57.03 21.23 8.61
N ILE B 32 -56.55 20.10 9.12
CA ILE B 32 -56.53 18.84 8.37
C ILE B 32 -57.85 18.08 8.35
N HIS B 33 -58.37 17.77 9.53
CA HIS B 33 -59.53 16.89 9.63
C HIS B 33 -60.83 17.65 9.93
N GLU B 34 -60.70 18.93 10.26
CA GLU B 34 -61.85 19.79 10.40
C GLU B 34 -61.84 20.75 9.22
N ASP B 35 -62.82 21.64 9.16
CA ASP B 35 -62.96 22.52 7.99
C ASP B 35 -61.75 23.40 7.72
N GLY B 36 -61.01 23.75 8.77
CA GLY B 36 -59.89 24.66 8.65
C GLY B 36 -60.29 26.06 9.07
N TYR B 37 -59.40 27.02 8.82
CA TYR B 37 -59.65 28.40 9.21
C TYR B 37 -60.25 29.22 8.07
N SER B 38 -61.45 29.78 8.29
CA SER B 38 -62.12 30.58 7.26
C SER B 38 -61.49 31.96 7.13
N GLU B 39 -61.80 32.64 6.04
CA GLU B 39 -61.24 33.96 5.76
C GLU B 39 -61.63 35.01 6.81
N ASP B 40 -62.81 34.86 7.39
CA ASP B 40 -63.29 35.78 8.42
C ASP B 40 -62.40 35.69 9.65
N GLU B 41 -62.18 34.47 10.11
CA GLU B 41 -61.32 34.24 11.26
C GLU B 41 -59.90 34.72 10.98
N CYS B 42 -59.41 34.43 9.78
CA CYS B 42 -58.09 34.88 9.34
C CYS B 42 -57.99 36.40 9.47
N LYS B 43 -59.06 37.08 9.08
CA LYS B 43 -59.12 38.53 9.23
C LYS B 43 -59.09 38.92 10.70
N GLN B 44 -59.78 38.15 11.53
CA GLN B 44 -59.81 38.38 12.97
C GLN B 44 -58.41 38.30 13.61
N TYR B 45 -57.58 37.36 13.16
CA TYR B 45 -56.29 37.12 13.79
C TYR B 45 -55.19 38.15 13.46
N LYS B 46 -55.52 39.16 12.66
CA LYS B 46 -54.54 40.15 12.22
C LYS B 46 -53.86 40.83 13.41
N VAL B 47 -54.70 41.38 14.29
CA VAL B 47 -54.24 42.04 15.50
C VAL B 47 -53.32 41.12 16.30
N VAL B 48 -53.70 39.85 16.38
CA VAL B 48 -52.91 38.83 17.07
C VAL B 48 -51.52 38.77 16.46
N VAL B 49 -51.47 38.73 15.13
CA VAL B 49 -50.19 38.68 14.42
C VAL B 49 -49.31 39.87 14.79
N TYR B 50 -49.86 41.07 14.63
CA TYR B 50 -49.13 42.30 14.93
C TYR B 50 -48.58 42.28 16.36
N SER B 51 -49.46 41.99 17.30
CA SER B 51 -49.11 41.92 18.71
C SER B 51 -47.96 40.96 18.95
N ASN B 52 -48.12 39.71 18.52
CA ASN B 52 -47.07 38.70 18.70
C ASN B 52 -45.72 39.18 18.17
N THR B 53 -45.76 39.80 16.99
CA THR B 53 -44.56 40.32 16.35
C THR B 53 -43.86 41.33 17.27
N ILE B 54 -44.63 42.35 17.67
CA ILE B 54 -44.13 43.40 18.54
C ILE B 54 -43.54 42.83 19.84
N GLN B 55 -44.30 41.97 20.50
CA GLN B 55 -43.87 41.35 21.75
C GLN B 55 -42.54 40.65 21.56
N SER B 56 -42.40 39.98 20.42
CA SER B 56 -41.17 39.29 20.08
C SER B 56 -40.00 40.26 20.01
N ILE B 57 -40.09 41.24 19.13
CA ILE B 57 -38.98 42.17 18.93
C ILE B 57 -38.61 42.91 20.23
N ILE B 58 -39.64 43.32 20.98
CA ILE B 58 -39.46 43.94 22.28
C ILE B 58 -38.66 43.02 23.19
N ALA B 59 -39.09 41.77 23.27
CA ALA B 59 -38.42 40.78 24.12
C ALA B 59 -36.94 40.70 23.75
N ILE B 60 -36.65 40.73 22.45
CA ILE B 60 -35.26 40.74 22.00
C ILE B 60 -34.53 41.99 22.50
N ILE B 61 -35.21 43.14 22.44
CA ILE B 61 -34.64 44.41 22.88
C ILE B 61 -34.28 44.38 24.38
N ARG B 62 -35.25 44.03 25.22
CA ARG B 62 -35.02 43.93 26.66
C ARG B 62 -33.92 42.90 26.93
N ALA B 63 -33.88 41.87 26.09
CA ALA B 63 -32.86 40.85 26.18
C ALA B 63 -31.47 41.42 25.92
N MET B 64 -31.38 42.40 25.02
CA MET B 64 -30.12 43.06 24.73
C MET B 64 -29.51 43.69 25.99
N GLY B 65 -30.38 44.15 26.89
CA GLY B 65 -29.95 44.74 28.14
C GLY B 65 -29.15 43.85 29.07
N ARG B 66 -29.80 42.83 29.63
CA ARG B 66 -29.19 41.95 30.62
C ARG B 66 -27.87 41.32 30.15
N LEU B 67 -27.75 41.13 28.84
CA LEU B 67 -26.56 40.53 28.26
C LEU B 67 -25.49 41.57 28.02
N LYS B 68 -25.89 42.83 28.08
CA LYS B 68 -25.02 43.97 27.77
C LYS B 68 -24.43 43.86 26.36
N ILE B 69 -25.30 43.98 25.37
CA ILE B 69 -24.87 43.96 23.97
C ILE B 69 -25.38 45.18 23.20
N ASP B 70 -24.46 46.06 22.83
CA ASP B 70 -24.80 47.32 22.14
C ASP B 70 -25.12 47.11 20.67
N PHE B 71 -26.09 47.86 20.18
CA PHE B 71 -26.53 47.74 18.78
C PHE B 71 -25.40 48.08 17.80
N GLY B 72 -25.62 47.76 16.53
CA GLY B 72 -24.67 48.12 15.48
C GLY B 72 -24.59 49.62 15.30
N GLU B 73 -25.58 50.18 14.62
CA GLU B 73 -25.67 51.64 14.53
C GLU B 73 -26.48 52.16 15.70
N ALA B 74 -25.85 53.05 16.47
CA ALA B 74 -26.44 53.55 17.71
C ALA B 74 -27.74 54.32 17.51
N ALA B 75 -27.93 54.88 16.32
CA ALA B 75 -29.13 55.65 15.99
C ALA B 75 -30.40 54.87 16.32
N ARG B 76 -30.37 53.57 16.01
CA ARG B 76 -31.50 52.68 16.24
C ARG B 76 -32.02 52.73 17.68
N ALA B 77 -31.15 53.10 18.62
CA ALA B 77 -31.55 53.25 20.01
C ALA B 77 -32.75 54.18 20.15
N ASP B 78 -32.70 55.32 19.46
CA ASP B 78 -33.83 56.25 19.49
C ASP B 78 -35.10 55.56 19.02
N ASP B 79 -34.98 54.74 17.97
CA ASP B 79 -36.12 53.99 17.45
C ASP B 79 -36.73 53.19 18.59
N ALA B 80 -35.87 52.54 19.38
CA ALA B 80 -36.32 51.75 20.51
C ALA B 80 -37.17 52.59 21.44
N ARG B 81 -36.72 53.81 21.73
CA ARG B 81 -37.47 54.71 22.60
C ARG B 81 -38.85 54.92 22.01
N GLN B 82 -38.90 55.19 20.71
CA GLN B 82 -40.17 55.36 20.03
C GLN B 82 -40.98 54.07 20.05
N LEU B 83 -40.28 52.94 19.93
CA LEU B 83 -40.92 51.62 19.89
C LEU B 83 -41.84 51.39 21.08
N PHE B 84 -41.31 51.55 22.29
CA PHE B 84 -42.10 51.32 23.50
C PHE B 84 -43.32 52.23 23.55
N VAL B 85 -43.25 53.36 22.85
CA VAL B 85 -44.37 54.29 22.79
C VAL B 85 -45.37 53.81 21.74
N LEU B 86 -44.82 53.34 20.62
CA LEU B 86 -45.63 52.91 19.49
C LEU B 86 -46.12 51.47 19.67
N ALA B 87 -45.77 50.87 20.80
CA ALA B 87 -46.12 49.48 21.12
C ALA B 87 -47.61 49.19 21.10
N GLY B 88 -48.43 50.22 21.32
CA GLY B 88 -49.87 50.04 21.38
C GLY B 88 -50.55 50.62 20.15
N SER B 89 -49.75 50.95 19.14
CA SER B 89 -50.25 51.60 17.94
C SER B 89 -50.89 50.61 16.97
N ALA B 90 -50.54 49.34 17.09
CA ALA B 90 -51.09 48.30 16.25
C ALA B 90 -52.25 47.60 16.93
N GLU B 91 -52.51 47.99 18.17
CA GLU B 91 -53.53 47.36 19.01
C GLU B 91 -54.94 47.46 18.45
N GLU B 92 -55.11 48.29 17.42
CA GLU B 92 -56.43 48.48 16.80
C GLU B 92 -56.52 47.86 15.40
N GLY B 93 -55.55 47.02 15.07
CA GLY B 93 -55.59 46.27 13.82
C GLY B 93 -54.94 46.96 12.64
N VAL B 94 -54.21 48.04 12.90
CA VAL B 94 -53.51 48.75 11.84
C VAL B 94 -52.13 49.21 12.29
N MET B 95 -51.10 48.76 11.58
CA MET B 95 -49.73 49.11 11.92
C MET B 95 -49.33 50.36 11.14
N THR B 96 -48.81 51.36 11.85
CA THR B 96 -48.32 52.57 11.21
C THR B 96 -47.05 52.23 10.44
N PRO B 97 -46.95 52.71 9.19
CA PRO B 97 -45.75 52.51 8.37
C PRO B 97 -44.48 53.01 9.07
N GLU B 98 -44.64 53.98 9.96
CA GLU B 98 -43.53 54.46 10.76
C GLU B 98 -43.00 53.35 11.65
N LEU B 99 -43.93 52.69 12.35
CA LEU B 99 -43.60 51.56 13.21
C LEU B 99 -42.91 50.44 12.42
N ALA B 100 -43.49 50.10 11.28
CA ALA B 100 -42.91 49.08 10.40
C ALA B 100 -41.49 49.47 10.00
N GLY B 101 -41.27 50.77 9.82
CA GLY B 101 -39.94 51.28 9.55
C GLY B 101 -39.00 51.01 10.71
N VAL B 102 -39.47 51.32 11.91
CA VAL B 102 -38.72 51.08 13.14
C VAL B 102 -38.30 49.61 13.26
N ILE B 103 -39.29 48.72 13.23
CA ILE B 103 -39.05 47.28 13.35
C ILE B 103 -38.11 46.77 12.26
N LYS B 104 -38.36 47.19 11.02
CA LYS B 104 -37.51 46.79 9.90
C LYS B 104 -36.04 47.17 10.14
N ARG B 105 -35.83 48.43 10.50
CA ARG B 105 -34.48 48.93 10.78
C ARG B 105 -33.83 48.12 11.90
N LEU B 106 -34.61 47.81 12.93
CA LEU B 106 -34.12 47.05 14.07
C LEU B 106 -33.70 45.63 13.70
N TRP B 107 -34.58 44.92 13.00
CA TRP B 107 -34.33 43.54 12.62
C TRP B 107 -33.19 43.47 11.62
N ARG B 108 -32.94 44.58 10.93
CA ARG B 108 -31.82 44.65 9.99
C ARG B 108 -30.48 44.77 10.73
N ASP B 109 -30.53 45.28 11.95
CA ASP B 109 -29.32 45.55 12.73
C ASP B 109 -28.60 44.27 13.14
N GLY B 110 -27.28 44.28 13.05
CA GLY B 110 -26.45 43.11 13.30
C GLY B 110 -26.33 42.67 14.75
N GLY B 111 -26.34 43.62 15.67
CA GLY B 111 -26.25 43.29 17.09
C GLY B 111 -27.51 42.56 17.55
N VAL B 112 -28.64 43.04 17.07
CA VAL B 112 -29.93 42.41 17.33
C VAL B 112 -29.86 40.96 16.86
N GLN B 113 -29.26 40.75 15.69
CA GLN B 113 -29.09 39.41 15.15
C GLN B 113 -28.13 38.57 15.96
N ALA B 114 -27.15 39.21 16.60
CA ALA B 114 -26.24 38.48 17.49
C ALA B 114 -27.00 37.98 18.72
N CYS B 115 -27.91 38.81 19.22
CA CYS B 115 -28.75 38.41 20.35
C CYS B 115 -29.68 37.27 19.95
N PHE B 116 -30.29 37.41 18.78
CA PHE B 116 -31.17 36.38 18.25
C PHE B 116 -30.39 35.07 18.10
N SER B 117 -29.13 35.18 17.68
CA SER B 117 -28.26 34.03 17.54
C SER B 117 -27.87 33.50 18.92
N ARG B 118 -28.11 34.33 19.94
CA ARG B 118 -27.82 33.95 21.31
C ARG B 118 -29.13 33.78 22.10
N SER B 119 -30.18 33.39 21.39
CA SER B 119 -31.50 33.20 22.01
C SER B 119 -31.57 32.07 23.04
N ARG B 120 -30.48 31.34 23.24
CA ARG B 120 -30.47 30.26 24.23
C ARG B 120 -30.28 30.80 25.63
N GLU B 121 -29.77 32.02 25.72
CA GLU B 121 -29.42 32.60 27.01
C GLU B 121 -30.59 33.33 27.65
N TYR B 122 -31.76 33.21 27.02
CA TYR B 122 -32.97 33.74 27.61
C TYR B 122 -34.21 33.03 27.07
N GLN B 123 -35.34 33.69 27.14
CA GLN B 123 -36.61 33.09 26.74
C GLN B 123 -37.21 33.84 25.57
N LEU B 124 -36.96 33.33 24.37
CA LEU B 124 -37.52 33.88 23.15
C LEU B 124 -38.38 32.82 22.47
N ASN B 125 -39.61 33.18 22.15
CA ASN B 125 -40.52 32.25 21.50
C ASN B 125 -40.02 31.84 20.12
N ASP B 126 -40.46 30.67 19.66
CA ASP B 126 -39.93 30.11 18.42
C ASP B 126 -40.79 30.50 17.22
N SER B 127 -41.75 31.39 17.44
CA SER B 127 -42.58 31.91 16.35
C SER B 127 -42.12 33.31 15.97
N ALA B 128 -41.00 33.73 16.54
CA ALA B 128 -40.44 35.06 16.32
C ALA B 128 -39.95 35.26 14.89
N SER B 129 -38.91 34.51 14.53
CA SER B 129 -38.23 34.67 13.24
C SER B 129 -39.19 34.55 12.07
N TYR B 130 -40.23 33.73 12.24
CA TYR B 130 -41.25 33.55 11.23
C TYR B 130 -41.92 34.89 10.93
N TYR B 131 -42.37 35.57 11.98
CA TYR B 131 -43.05 36.85 11.84
C TYR B 131 -42.11 37.98 11.42
N LEU B 132 -40.87 37.96 11.89
CA LEU B 132 -39.93 39.02 11.56
C LEU B 132 -39.38 38.95 10.15
N ASN B 133 -39.22 37.75 9.63
CA ASN B 133 -38.69 37.59 8.27
C ASN B 133 -39.72 37.93 7.19
N ASP B 134 -40.99 37.66 7.48
CA ASP B 134 -42.08 38.02 6.57
C ASP B 134 -42.71 39.36 6.96
N LEU B 135 -41.88 40.32 7.35
CA LEU B 135 -42.38 41.62 7.79
C LEU B 135 -42.99 42.44 6.66
N ASP B 136 -42.26 42.58 5.56
CA ASP B 136 -42.70 43.36 4.41
C ASP B 136 -44.06 42.90 3.91
N ARG B 137 -44.29 41.60 3.98
CA ARG B 137 -45.53 41.00 3.49
C ARG B 137 -46.73 41.34 4.39
N ILE B 138 -46.49 41.43 5.69
CA ILE B 138 -47.57 41.64 6.65
C ILE B 138 -47.77 43.11 7.04
N SER B 139 -46.86 43.97 6.60
CA SER B 139 -46.93 45.39 6.98
C SER B 139 -47.76 46.20 5.99
N GLN B 140 -48.38 45.50 5.04
CA GLN B 140 -49.28 46.13 4.08
C GLN B 140 -50.62 46.44 4.73
N SER B 141 -51.25 47.54 4.31
CA SER B 141 -52.53 47.96 4.87
C SER B 141 -53.66 46.99 4.55
N ASN B 142 -53.56 46.31 3.41
CA ASN B 142 -54.61 45.38 2.98
C ASN B 142 -54.22 43.93 3.27
N TYR B 143 -53.31 43.75 4.22
CA TYR B 143 -52.77 42.42 4.50
C TYR B 143 -53.77 41.45 5.11
N ILE B 144 -53.88 40.27 4.49
CA ILE B 144 -54.66 39.17 5.03
C ILE B 144 -53.75 37.97 5.34
N PRO B 145 -53.84 37.45 6.57
CA PRO B 145 -53.03 36.35 7.09
C PRO B 145 -53.27 35.01 6.38
N THR B 146 -52.19 34.30 6.08
CA THR B 146 -52.30 32.95 5.55
C THR B 146 -52.65 32.03 6.72
N GLN B 147 -53.07 30.81 6.39
CA GLN B 147 -53.42 29.82 7.41
C GLN B 147 -52.21 29.49 8.29
N GLN B 148 -51.03 29.49 7.68
CA GLN B 148 -49.80 29.18 8.39
C GLN B 148 -49.49 30.28 9.42
N ASP B 149 -49.81 31.50 9.03
CA ASP B 149 -49.65 32.65 9.91
C ASP B 149 -50.51 32.43 11.14
N VAL B 150 -51.73 31.97 10.91
CA VAL B 150 -52.65 31.62 12.00
C VAL B 150 -52.06 30.52 12.87
N LEU B 151 -51.44 29.54 12.22
CA LEU B 151 -50.79 28.43 12.92
C LEU B 151 -49.75 28.92 13.90
N ARG B 152 -49.00 29.95 13.50
CA ARG B 152 -47.90 30.43 14.33
C ARG B 152 -48.32 31.45 15.40
N THR B 153 -49.61 31.77 15.45
CA THR B 153 -50.11 32.70 16.45
C THR B 153 -49.96 32.11 17.84
N ARG B 154 -49.64 32.97 18.80
CA ARG B 154 -49.48 32.55 20.17
C ARG B 154 -50.53 33.24 21.04
N VAL B 155 -51.47 32.45 21.54
CA VAL B 155 -52.56 32.97 22.34
C VAL B 155 -52.54 32.42 23.76
N LYS B 156 -52.67 33.31 24.74
CA LYS B 156 -52.78 32.89 26.12
C LYS B 156 -54.04 32.07 26.36
N THR B 157 -53.87 30.88 26.91
CA THR B 157 -54.99 30.00 27.25
C THR B 157 -55.10 29.88 28.76
N THR B 158 -56.32 29.80 29.27
CA THR B 158 -56.55 29.76 30.70
C THR B 158 -57.07 28.39 31.11
N GLY B 159 -57.85 27.80 30.21
CA GLY B 159 -58.50 26.53 30.49
C GLY B 159 -58.03 25.37 29.64
N ILE B 160 -58.96 24.46 29.38
CA ILE B 160 -58.69 23.27 28.59
C ILE B 160 -59.05 23.49 27.11
N VAL B 161 -58.08 23.29 26.24
CA VAL B 161 -58.33 23.38 24.80
C VAL B 161 -58.78 22.02 24.29
N GLU B 162 -59.90 22.00 23.57
CA GLU B 162 -60.43 20.75 23.07
C GLU B 162 -60.85 20.89 21.61
N THR B 163 -60.62 19.84 20.83
CA THR B 163 -61.17 19.80 19.49
C THR B 163 -61.56 18.37 19.15
N HIS B 164 -62.68 18.23 18.46
CA HIS B 164 -63.20 16.92 18.12
C HIS B 164 -63.38 16.82 16.61
N PHE B 165 -63.20 15.63 16.08
CA PHE B 165 -63.39 15.41 14.64
C PHE B 165 -63.60 13.94 14.30
N THR B 166 -64.02 13.67 13.08
CA THR B 166 -64.20 12.29 12.63
C THR B 166 -63.17 11.97 11.54
N PHE B 167 -62.49 10.84 11.69
CA PHE B 167 -61.42 10.45 10.79
C PHE B 167 -61.23 8.94 10.79
N LYS B 168 -61.05 8.37 9.61
CA LYS B 168 -60.90 6.92 9.42
C LYS B 168 -61.99 6.13 10.14
N ASP B 169 -63.23 6.60 9.99
CA ASP B 169 -64.38 6.00 10.65
C ASP B 169 -64.21 5.93 12.16
N LEU B 170 -63.71 7.00 12.74
CA LEU B 170 -63.54 7.09 14.19
C LEU B 170 -63.83 8.50 14.70
N TYR B 171 -64.31 8.58 15.94
CA TYR B 171 -64.60 9.86 16.55
C TYR B 171 -63.51 10.23 17.54
N PHE B 172 -62.68 11.18 17.17
CA PHE B 172 -61.59 11.63 18.01
C PHE B 172 -62.01 12.83 18.85
N LYS B 173 -61.79 12.71 20.15
CA LYS B 173 -61.91 13.84 21.07
C LYS B 173 -60.51 14.13 21.57
N MET B 174 -59.99 15.31 21.25
CA MET B 174 -58.61 15.64 21.57
C MET B 174 -58.53 16.78 22.58
N PHE B 175 -57.76 16.54 23.64
CA PHE B 175 -57.68 17.45 24.77
C PHE B 175 -56.27 18.00 24.99
N ASP B 176 -56.14 19.31 25.04
CA ASP B 176 -54.90 19.93 25.51
C ASP B 176 -55.17 20.42 26.91
N VAL B 177 -54.37 19.96 27.87
CA VAL B 177 -54.65 20.20 29.28
C VAL B 177 -54.09 21.53 29.80
N GLY B 178 -52.81 21.78 29.56
CA GLY B 178 -52.16 22.99 30.04
C GLY B 178 -52.11 23.10 31.55
N GLY B 179 -52.25 24.34 32.04
CA GLY B 179 -52.12 24.61 33.46
C GLY B 179 -53.34 25.31 34.03
N SER B 182 -53.03 25.18 38.15
CA SER B 182 -54.43 25.20 38.56
C SER B 182 -55.11 23.90 38.10
N GLU B 183 -55.35 23.01 39.05
CA GLU B 183 -56.05 21.75 38.79
C GLU B 183 -57.48 21.77 39.32
N ARG B 184 -58.45 21.70 38.41
CA ARG B 184 -59.86 21.72 38.79
C ARG B 184 -60.46 20.32 38.78
N LYS B 185 -61.78 20.23 38.64
CA LYS B 185 -62.46 18.93 38.62
C LYS B 185 -62.80 18.41 37.23
N LYS B 186 -62.95 19.32 36.27
CA LYS B 186 -63.16 18.92 34.88
C LYS B 186 -61.83 18.53 34.23
N TRP B 187 -60.80 19.28 34.62
CA TRP B 187 -59.40 18.99 34.31
C TRP B 187 -59.03 17.53 34.54
N ILE B 188 -59.38 17.00 35.71
CA ILE B 188 -59.07 15.62 36.08
C ILE B 188 -59.82 14.58 35.26
N HIS B 189 -61.02 14.90 34.81
CA HIS B 189 -61.78 13.97 33.99
C HIS B 189 -61.08 13.65 32.68
N CYS B 190 -60.14 14.51 32.28
CA CYS B 190 -59.32 14.27 31.10
C CYS B 190 -58.40 13.07 31.25
N PHE B 191 -58.17 12.65 32.48
CA PHE B 191 -57.29 11.52 32.75
C PHE B 191 -58.07 10.23 32.95
N GLU B 192 -59.40 10.34 32.96
CA GLU B 192 -60.25 9.15 33.10
C GLU B 192 -60.55 8.57 31.72
N GLY B 193 -60.39 7.26 31.60
CA GLY B 193 -60.70 6.56 30.36
C GLY B 193 -59.95 7.11 29.17
N VAL B 194 -58.64 7.21 29.29
CA VAL B 194 -57.84 7.75 28.21
C VAL B 194 -57.56 6.64 27.22
N THR B 195 -57.75 6.94 25.94
CA THR B 195 -57.45 5.97 24.90
C THR B 195 -55.96 5.96 24.60
N ALA B 196 -55.42 7.15 24.36
CA ALA B 196 -54.00 7.29 24.06
C ALA B 196 -53.48 8.67 24.46
N ILE B 197 -52.21 8.70 24.83
CA ILE B 197 -51.55 9.93 25.24
C ILE B 197 -50.47 10.29 24.23
N ILE B 198 -50.50 11.54 23.76
CA ILE B 198 -49.47 12.01 22.83
C ILE B 198 -48.60 13.02 23.55
N PHE B 199 -47.43 12.55 24.01
CA PHE B 199 -46.51 13.40 24.74
C PHE B 199 -45.62 14.16 23.77
N CYS B 200 -45.63 15.49 23.89
CA CYS B 200 -44.80 16.31 23.04
C CYS B 200 -43.52 16.74 23.74
N VAL B 201 -42.42 16.75 22.99
CA VAL B 201 -41.12 17.19 23.49
C VAL B 201 -40.46 18.12 22.48
N ALA B 202 -40.10 19.31 22.94
CA ALA B 202 -39.34 20.24 22.11
C ALA B 202 -37.86 19.89 22.23
N LEU B 203 -37.29 19.40 21.13
CA LEU B 203 -35.89 18.99 21.13
C LEU B 203 -34.96 20.19 21.28
N SER B 204 -35.35 21.30 20.66
CA SER B 204 -34.51 22.50 20.57
C SER B 204 -34.11 23.05 21.93
N ASP B 205 -34.80 22.59 22.97
CA ASP B 205 -34.54 23.07 24.32
C ASP B 205 -33.43 22.27 25.01
N TYR B 206 -32.66 21.53 24.22
CA TYR B 206 -31.56 20.76 24.77
C TYR B 206 -30.43 21.67 25.25
N ASP B 207 -30.25 22.80 24.56
CA ASP B 207 -29.12 23.68 24.82
C ASP B 207 -29.52 24.94 25.58
N LEU B 208 -30.80 25.05 25.92
CA LEU B 208 -31.26 26.23 26.66
C LEU B 208 -30.56 26.32 28.01
N VAL B 209 -30.14 27.53 28.36
CA VAL B 209 -29.49 27.77 29.64
C VAL B 209 -30.51 27.69 30.76
N LEU B 210 -30.09 27.20 31.92
CA LEU B 210 -31.01 26.99 33.03
C LEU B 210 -31.60 28.32 33.46
N ALA B 211 -32.93 28.38 33.46
CA ALA B 211 -33.65 29.55 33.93
C ALA B 211 -33.45 29.75 35.42
N GLU B 212 -33.67 30.97 35.89
CA GLU B 212 -33.45 31.28 37.30
C GLU B 212 -34.53 30.68 38.18
N ASP B 213 -35.66 30.31 37.57
CA ASP B 213 -36.77 29.73 38.31
C ASP B 213 -36.96 28.23 38.10
N GLU B 214 -35.94 27.55 37.57
CA GLU B 214 -36.03 26.11 37.32
C GLU B 214 -35.09 25.30 38.22
N GLU B 215 -35.50 24.08 38.57
CA GLU B 215 -34.65 23.21 39.38
C GLU B 215 -33.87 22.20 38.53
N MET B 216 -34.19 22.13 37.24
CA MET B 216 -33.50 21.27 36.28
C MET B 216 -33.82 21.79 34.88
N ASN B 217 -32.93 21.56 33.91
CA ASN B 217 -33.17 22.07 32.57
C ASN B 217 -34.40 21.41 31.95
N ARG B 218 -34.98 22.09 30.96
CA ARG B 218 -36.31 21.74 30.45
C ARG B 218 -36.43 20.29 29.97
N MET B 219 -35.38 19.80 29.34
CA MET B 219 -35.38 18.44 28.81
C MET B 219 -35.52 17.41 29.94
N HIS B 220 -34.74 17.57 31.00
CA HIS B 220 -34.83 16.65 32.14
C HIS B 220 -36.19 16.73 32.87
N GLU B 221 -36.82 17.90 32.82
CA GLU B 221 -38.19 18.04 33.32
C GLU B 221 -39.11 17.16 32.49
N SER B 222 -39.05 17.37 31.17
CA SER B 222 -39.87 16.61 30.22
C SER B 222 -39.67 15.12 30.44
N MET B 223 -38.43 14.72 30.62
CA MET B 223 -38.07 13.35 30.93
C MET B 223 -38.75 12.86 32.20
N LYS B 224 -38.71 13.68 33.25
CA LYS B 224 -39.31 13.27 34.52
C LYS B 224 -40.80 13.05 34.38
N LEU B 225 -41.45 13.99 33.70
CA LEU B 225 -42.88 13.91 33.43
C LEU B 225 -43.22 12.63 32.67
N PHE B 226 -42.48 12.37 31.59
CA PHE B 226 -42.70 11.18 30.79
C PHE B 226 -42.53 9.93 31.65
N ASP B 227 -41.48 9.92 32.46
CA ASP B 227 -41.23 8.84 33.40
C ASP B 227 -42.46 8.59 34.24
N SER B 228 -43.02 9.66 34.79
CA SER B 228 -44.20 9.54 35.66
C SER B 228 -45.39 8.98 34.90
N ILE B 229 -45.52 9.33 33.62
CA ILE B 229 -46.65 8.86 32.81
C ILE B 229 -46.55 7.39 32.41
N CYS B 230 -45.41 6.99 31.86
CA CYS B 230 -45.22 5.65 31.33
C CYS B 230 -45.53 4.60 32.39
N ASN B 231 -44.99 4.79 33.58
CA ASN B 231 -45.07 3.79 34.63
C ASN B 231 -46.24 4.02 35.60
N ASN B 232 -47.17 4.88 35.23
CA ASN B 232 -48.39 5.07 36.01
C ASN B 232 -49.34 3.92 35.72
N LYS B 233 -49.87 3.31 36.78
CA LYS B 233 -50.71 2.13 36.64
C LYS B 233 -52.10 2.44 36.07
N TRP B 234 -52.33 3.70 35.72
CA TRP B 234 -53.62 4.14 35.21
C TRP B 234 -53.64 4.06 33.70
N PHE B 235 -52.46 3.98 33.09
CA PHE B 235 -52.36 4.04 31.65
C PHE B 235 -51.78 2.75 31.08
N THR B 236 -51.86 1.68 31.88
CA THR B 236 -51.42 0.35 31.46
C THR B 236 -52.14 -0.04 30.19
N GLU B 237 -53.40 0.36 30.09
CA GLU B 237 -54.24 0.06 28.94
C GLU B 237 -54.23 1.21 27.94
N THR B 238 -53.32 2.15 28.13
CA THR B 238 -53.26 3.34 27.29
C THR B 238 -52.05 3.36 26.35
N SER B 239 -52.30 3.62 25.08
CA SER B 239 -51.23 3.69 24.09
C SER B 239 -50.39 4.94 24.31
N ILE B 240 -49.08 4.75 24.42
CA ILE B 240 -48.18 5.88 24.66
C ILE B 240 -47.43 6.32 23.41
N ILE B 241 -47.66 7.57 23.02
CA ILE B 241 -47.13 8.10 21.79
C ILE B 241 -46.24 9.29 22.07
N LEU B 242 -45.00 9.23 21.59
CA LEU B 242 -44.02 10.26 21.86
C LEU B 242 -43.72 11.13 20.63
N PHE B 243 -43.94 12.43 20.74
CA PHE B 243 -43.62 13.36 19.66
C PHE B 243 -42.39 14.19 20.00
N LEU B 244 -41.27 13.84 19.42
CA LEU B 244 -40.09 14.68 19.55
C LEU B 244 -40.19 15.81 18.53
N ASN B 245 -40.88 16.88 18.91
CA ASN B 245 -41.19 18.00 18.01
C ASN B 245 -40.01 18.97 17.84
N LYS B 246 -40.20 19.97 16.97
CA LYS B 246 -39.18 20.99 16.72
C LYS B 246 -37.86 20.37 16.28
N LYS B 247 -37.94 19.42 15.36
CA LYS B 247 -36.76 18.72 14.89
C LYS B 247 -35.89 19.60 13.99
N ASP B 248 -36.52 20.56 13.32
CA ASP B 248 -35.79 21.47 12.43
C ASP B 248 -34.82 22.37 13.20
N LEU B 249 -35.36 23.03 14.22
CA LEU B 249 -34.58 23.94 15.06
C LEU B 249 -33.45 23.15 15.71
N PHE B 250 -33.73 21.91 16.06
CA PHE B 250 -32.74 21.00 16.61
C PHE B 250 -31.64 20.74 15.60
N GLU B 251 -32.03 20.53 14.35
CA GLU B 251 -31.07 20.26 13.28
C GLU B 251 -30.13 21.44 13.11
N GLU B 252 -30.67 22.64 13.15
CA GLU B 252 -29.86 23.84 13.02
C GLU B 252 -28.95 24.05 14.23
N LYS B 253 -29.51 23.90 15.42
CA LYS B 253 -28.80 24.14 16.66
C LYS B 253 -27.65 23.15 16.87
N ILE B 254 -27.87 21.91 16.46
CA ILE B 254 -26.91 20.84 16.74
C ILE B 254 -25.59 21.03 15.97
N LYS B 255 -25.62 21.90 14.96
CA LYS B 255 -24.42 22.24 14.21
C LYS B 255 -23.47 23.04 15.10
N ARG B 256 -24.05 23.83 15.99
CA ARG B 256 -23.27 24.69 16.87
C ARG B 256 -23.15 24.16 18.30
N SER B 257 -24.30 23.99 18.96
CA SER B 257 -24.34 23.64 20.37
C SER B 257 -24.35 22.13 20.58
N PRO B 258 -23.32 21.62 21.25
CA PRO B 258 -23.17 20.19 21.57
C PRO B 258 -24.31 19.64 22.42
N LEU B 259 -24.51 18.33 22.35
CA LEU B 259 -25.55 17.68 23.14
C LEU B 259 -25.07 17.50 24.57
N THR B 260 -23.76 17.62 24.77
CA THR B 260 -23.16 17.42 26.09
C THR B 260 -23.69 18.44 27.09
N ILE B 261 -24.11 19.61 26.58
CA ILE B 261 -24.78 20.62 27.38
C ILE B 261 -25.91 20.00 28.19
N CYS B 262 -26.74 19.20 27.50
CA CYS B 262 -27.92 18.61 28.10
C CYS B 262 -27.61 17.27 28.74
N TYR B 263 -26.84 16.45 28.03
CA TYR B 263 -26.38 15.17 28.56
C TYR B 263 -24.86 15.14 28.52
N PRO B 264 -24.22 15.43 29.67
CA PRO B 264 -22.77 15.47 29.76
C PRO B 264 -22.14 14.09 29.54
N GLU B 265 -22.92 13.04 29.70
CA GLU B 265 -22.42 11.68 29.57
C GLU B 265 -22.40 11.22 28.11
N TYR B 266 -22.73 12.12 27.20
CA TYR B 266 -22.81 11.80 25.78
C TYR B 266 -21.45 11.73 25.10
N THR B 267 -21.18 10.62 24.43
CA THR B 267 -19.88 10.36 23.82
C THR B 267 -19.93 10.50 22.30
N GLY B 268 -21.13 10.38 21.74
CA GLY B 268 -21.32 10.36 20.29
C GLY B 268 -20.99 11.66 19.59
N SER B 269 -21.23 11.68 18.28
CA SER B 269 -20.95 12.85 17.47
C SER B 269 -22.10 13.84 17.54
N ASN B 270 -21.89 15.02 16.96
CA ASN B 270 -22.92 16.05 16.96
C ASN B 270 -23.65 16.08 15.63
N THR B 271 -23.88 14.90 15.09
CA THR B 271 -24.71 14.73 13.92
C THR B 271 -26.15 14.75 14.41
N TYR B 272 -27.04 15.34 13.62
CA TYR B 272 -28.47 15.35 13.92
C TYR B 272 -28.89 13.91 14.25
N GLU B 273 -28.69 13.02 13.30
CA GLU B 273 -29.17 11.64 13.40
C GLU B 273 -28.79 10.92 14.70
N GLU B 274 -27.48 10.88 14.99
CA GLU B 274 -26.97 10.18 16.15
C GLU B 274 -27.51 10.81 17.43
N ALA B 275 -27.59 12.13 17.42
CA ALA B 275 -28.09 12.89 18.56
C ALA B 275 -29.56 12.54 18.87
N ALA B 276 -30.41 12.79 17.88
CA ALA B 276 -31.83 12.47 17.96
C ALA B 276 -32.04 11.04 18.45
N ALA B 277 -31.26 10.13 17.88
CA ALA B 277 -31.31 8.74 18.31
C ALA B 277 -31.00 8.63 19.80
N TYR B 278 -29.99 9.38 20.25
CA TYR B 278 -29.62 9.32 21.65
C TYR B 278 -30.73 9.82 22.58
N ILE B 279 -31.37 10.92 22.18
CA ILE B 279 -32.47 11.48 22.95
C ILE B 279 -33.62 10.47 23.04
N GLN B 280 -34.03 9.97 21.88
CA GLN B 280 -35.12 8.99 21.80
C GLN B 280 -34.84 7.80 22.71
N CYS B 281 -33.60 7.32 22.66
CA CYS B 281 -33.18 6.21 23.50
C CYS B 281 -33.33 6.60 24.97
N GLN B 282 -32.85 7.78 25.33
CA GLN B 282 -32.96 8.27 26.70
C GLN B 282 -34.40 8.32 27.24
N PHE B 283 -35.33 8.81 26.42
CA PHE B 283 -36.74 8.84 26.83
C PHE B 283 -37.32 7.44 26.94
N GLU B 284 -37.11 6.62 25.92
CA GLU B 284 -37.67 5.27 25.88
C GLU B 284 -37.16 4.40 27.03
N ASP B 285 -35.92 4.65 27.45
CA ASP B 285 -35.27 3.86 28.48
C ASP B 285 -35.90 4.05 29.85
N LEU B 286 -36.73 5.08 29.99
CA LEU B 286 -37.34 5.39 31.28
C LEU B 286 -38.50 4.45 31.58
N ASN B 287 -38.94 3.72 30.55
CA ASN B 287 -40.04 2.78 30.67
C ASN B 287 -39.65 1.57 31.50
N ARG B 288 -40.11 1.52 32.75
CA ARG B 288 -39.74 0.41 33.62
C ARG B 288 -40.67 -0.78 33.41
N ARG B 289 -41.36 -0.77 32.28
CA ARG B 289 -42.17 -1.90 31.87
C ARG B 289 -42.04 -2.08 30.37
N LYS B 290 -40.83 -2.41 29.92
CA LYS B 290 -40.53 -2.50 28.49
C LYS B 290 -41.25 -3.69 27.88
N ASP B 291 -41.47 -4.69 28.72
CA ASP B 291 -42.17 -5.92 28.35
C ASP B 291 -43.60 -5.64 27.92
N THR B 292 -44.42 -5.30 28.92
CA THR B 292 -45.85 -5.13 28.71
C THR B 292 -46.21 -3.91 27.86
N LYS B 293 -45.52 -2.80 28.08
CA LYS B 293 -45.89 -1.55 27.43
C LYS B 293 -44.85 -1.06 26.44
N GLU B 294 -45.28 -0.83 25.20
CA GLU B 294 -44.42 -0.31 24.16
C GLU B 294 -44.73 1.15 23.82
N ILE B 295 -43.70 1.86 23.36
CA ILE B 295 -43.79 3.29 23.12
C ILE B 295 -43.64 3.63 21.64
N TYR B 296 -44.55 4.45 21.13
CA TYR B 296 -44.59 4.76 19.70
C TYR B 296 -43.98 6.12 19.43
N THR B 297 -42.71 6.12 19.02
CA THR B 297 -41.95 7.36 18.87
C THR B 297 -42.02 7.91 17.45
N HIS B 298 -42.12 9.23 17.34
CA HIS B 298 -42.13 9.92 16.05
C HIS B 298 -41.38 11.25 16.15
N PHE B 299 -40.75 11.63 15.05
CA PHE B 299 -40.03 12.90 14.97
C PHE B 299 -40.84 13.90 14.16
N THR B 300 -41.38 14.90 14.84
CA THR B 300 -42.39 15.79 14.25
C THR B 300 -41.95 17.23 14.08
N CYS B 301 -42.68 17.95 13.23
CA CYS B 301 -42.56 19.40 13.12
C CYS B 301 -43.95 19.99 12.99
N ALA B 302 -44.55 20.32 14.14
CA ALA B 302 -45.95 20.69 14.21
C ALA B 302 -46.37 21.88 13.33
N THR B 303 -45.40 22.65 12.85
CA THR B 303 -45.69 23.77 11.96
C THR B 303 -45.86 23.27 10.53
N ASP B 304 -45.36 22.06 10.26
CA ASP B 304 -45.45 21.45 8.95
C ASP B 304 -46.74 20.64 8.84
N THR B 305 -47.73 21.22 8.17
CA THR B 305 -49.05 20.59 8.07
C THR B 305 -48.96 19.18 7.46
N LYS B 306 -48.14 19.05 6.43
CA LYS B 306 -47.95 17.77 5.73
C LYS B 306 -47.42 16.69 6.68
N ASN B 307 -46.32 17.01 7.35
CA ASN B 307 -45.68 16.09 8.28
C ASN B 307 -46.66 15.62 9.34
N VAL B 308 -47.38 16.57 9.93
CA VAL B 308 -48.34 16.25 10.97
C VAL B 308 -49.45 15.36 10.44
N GLN B 309 -49.91 15.64 9.22
CA GLN B 309 -50.94 14.82 8.58
C GLN B 309 -50.47 13.37 8.53
N PHE B 310 -49.27 13.17 7.98
CA PHE B 310 -48.71 11.81 7.86
C PHE B 310 -48.51 11.10 9.20
N VAL B 311 -47.81 11.78 10.12
CA VAL B 311 -47.52 11.20 11.43
C VAL B 311 -48.82 10.80 12.11
N PHE B 312 -49.79 11.70 12.11
CA PHE B 312 -51.06 11.43 12.77
C PHE B 312 -51.77 10.26 12.10
N ASP B 313 -51.68 10.18 10.78
CA ASP B 313 -52.22 9.02 10.05
C ASP B 313 -51.66 7.72 10.61
N ALA B 314 -50.34 7.61 10.62
CA ALA B 314 -49.68 6.41 11.11
C ALA B 314 -50.07 6.09 12.56
N VAL B 315 -50.13 7.14 13.37
CA VAL B 315 -50.56 7.04 14.76
C VAL B 315 -51.95 6.44 14.86
N THR B 316 -52.85 6.93 14.02
CA THR B 316 -54.24 6.49 13.98
C THR B 316 -54.28 5.00 13.70
N ASP B 317 -53.52 4.58 12.68
CA ASP B 317 -53.43 3.15 12.35
C ASP B 317 -52.97 2.32 13.56
N VAL B 318 -51.93 2.81 14.22
CA VAL B 318 -51.43 2.19 15.44
C VAL B 318 -52.54 1.98 16.47
N ILE B 319 -53.32 3.03 16.70
CA ILE B 319 -54.42 2.97 17.65
C ILE B 319 -55.45 1.92 17.25
N ILE B 320 -55.78 1.89 15.96
CA ILE B 320 -56.73 0.93 15.41
C ILE B 320 -56.29 -0.49 15.71
N LYS B 321 -55.05 -0.81 15.39
CA LYS B 321 -54.49 -2.12 15.71
C LYS B 321 -54.54 -2.40 17.22
N ASN B 322 -54.23 -1.38 18.02
CA ASN B 322 -54.23 -1.48 19.48
C ASN B 322 -55.57 -1.73 20.16
N ASN B 323 -56.67 -1.32 19.53
CA ASN B 323 -57.98 -1.53 20.13
C ASN B 323 -58.39 -3.00 20.15
N LEU B 324 -57.79 -3.78 19.26
CA LEU B 324 -58.12 -5.19 19.10
C LEU B 324 -57.37 -6.13 20.05
N LYS B 325 -56.86 -5.60 21.15
CA LYS B 325 -56.05 -6.40 22.07
C LYS B 325 -56.40 -6.17 23.54
N ALA C 7 15.84 16.52 -9.77
CA ALA C 7 15.99 15.19 -10.35
C ALA C 7 14.89 14.24 -9.89
N LYS C 8 14.85 13.04 -10.48
CA LYS C 8 13.87 12.02 -10.11
C LYS C 8 14.26 11.32 -8.80
N GLU C 9 13.26 10.79 -8.10
CA GLU C 9 13.47 10.16 -6.80
C GLU C 9 13.36 8.63 -6.86
N VAL C 10 14.19 7.95 -6.07
CA VAL C 10 14.20 6.49 -6.02
C VAL C 10 14.13 5.94 -4.58
N LYS C 11 13.09 5.17 -4.29
CA LYS C 11 12.90 4.55 -2.98
C LYS C 11 13.37 3.09 -2.96
N LEU C 12 14.44 2.81 -2.22
CA LEU C 12 14.94 1.45 -2.07
C LEU C 12 14.56 0.82 -0.73
N LEU C 13 14.06 -0.42 -0.76
CA LEU C 13 13.65 -1.10 0.45
C LEU C 13 14.40 -2.42 0.68
N LEU C 14 15.19 -2.45 1.75
CA LEU C 14 15.89 -3.67 2.15
C LEU C 14 15.02 -4.56 3.04
N LEU C 15 14.76 -5.78 2.58
CA LEU C 15 14.05 -6.76 3.37
C LEU C 15 14.87 -8.04 3.43
N GLY C 16 14.47 -8.96 4.30
CA GLY C 16 15.19 -10.21 4.47
C GLY C 16 15.40 -10.50 5.95
N ALA C 17 15.60 -11.78 6.26
CA ALA C 17 15.77 -12.23 7.64
C ALA C 17 16.93 -11.56 8.36
N GLY C 18 16.99 -11.74 9.67
CA GLY C 18 18.09 -11.21 10.45
C GLY C 18 19.39 -11.90 10.07
N GLU C 19 20.48 -11.15 10.13
CA GLU C 19 21.80 -11.65 9.79
C GLU C 19 21.84 -12.12 8.32
N SER C 20 21.34 -11.27 7.43
CA SER C 20 21.34 -11.54 6.00
C SER C 20 22.07 -10.45 5.21
N GLY C 21 22.57 -9.45 5.93
CA GLY C 21 23.45 -8.45 5.34
C GLY C 21 22.86 -7.08 5.05
N LYS C 22 21.65 -6.82 5.52
CA LYS C 22 20.99 -5.54 5.26
C LYS C 22 21.79 -4.33 5.77
N SER C 23 22.13 -4.35 7.06
CA SER C 23 22.90 -3.26 7.66
C SER C 23 24.24 -3.11 6.95
N THR C 24 24.82 -4.25 6.58
CA THR C 24 26.11 -4.28 5.91
C THR C 24 26.02 -3.60 4.55
N ILE C 25 24.92 -3.89 3.84
CA ILE C 25 24.65 -3.24 2.56
C ILE C 25 24.53 -1.72 2.76
N VAL C 26 23.81 -1.32 3.80
CA VAL C 26 23.65 0.11 4.11
C VAL C 26 25.01 0.78 4.30
N LYS C 27 25.84 0.20 5.17
CA LYS C 27 27.18 0.70 5.43
C LYS C 27 27.95 0.83 4.12
N GLN C 28 27.88 -0.22 3.32
CA GLN C 28 28.56 -0.28 2.04
C GLN C 28 28.16 0.89 1.16
N MET C 29 26.86 1.19 1.14
CA MET C 29 26.35 2.34 0.39
C MET C 29 26.95 3.63 0.92
N LYS C 30 27.06 3.75 2.24
CA LYS C 30 27.66 4.94 2.83
C LYS C 30 29.10 5.10 2.37
N ILE C 31 29.79 3.98 2.21
CA ILE C 31 31.18 4.01 1.76
C ILE C 31 31.36 4.34 0.27
N ILE C 32 30.52 3.74 -0.58
CA ILE C 32 30.70 3.84 -2.02
C ILE C 32 30.21 5.16 -2.63
N HIS C 33 28.96 5.53 -2.35
CA HIS C 33 28.37 6.70 -3.01
C HIS C 33 28.35 7.96 -2.17
N GLU C 34 28.68 7.82 -0.89
CA GLU C 34 28.84 8.98 -0.02
C GLU C 34 30.32 9.15 0.30
N ASP C 35 30.63 10.18 1.10
CA ASP C 35 32.01 10.52 1.42
C ASP C 35 32.77 9.36 2.08
N GLY C 36 32.03 8.52 2.78
CA GLY C 36 32.64 7.42 3.51
C GLY C 36 32.75 7.73 4.99
N TYR C 37 33.45 6.88 5.72
CA TYR C 37 33.57 7.06 7.16
C TYR C 37 34.83 7.85 7.50
N SER C 38 34.65 8.99 8.15
CA SER C 38 35.77 9.87 8.50
C SER C 38 36.56 9.33 9.70
N GLU C 39 37.75 9.88 9.90
CA GLU C 39 38.65 9.43 10.95
C GLU C 39 38.07 9.59 12.35
N ASP C 40 37.25 10.62 12.55
CA ASP C 40 36.60 10.85 13.84
C ASP C 40 35.61 9.73 14.15
N GLU C 41 34.74 9.42 13.20
CA GLU C 41 33.76 8.34 13.35
C GLU C 41 34.46 6.99 13.50
N CYS C 42 35.46 6.76 12.67
CA CYS C 42 36.26 5.54 12.75
C CYS C 42 36.84 5.39 14.15
N LYS C 43 37.33 6.48 14.69
CA LYS C 43 37.85 6.51 16.05
C LYS C 43 36.74 6.19 17.06
N GLN C 44 35.54 6.71 16.78
CA GLN C 44 34.39 6.46 17.64
C GLN C 44 34.02 4.98 17.72
N TYR C 45 34.08 4.28 16.61
CA TYR C 45 33.65 2.88 16.56
C TYR C 45 34.64 1.86 17.14
N LYS C 46 35.78 2.35 17.64
CA LYS C 46 36.82 1.47 18.19
C LYS C 46 36.25 0.60 19.30
N VAL C 47 35.64 1.26 20.28
CA VAL C 47 35.02 0.59 21.41
C VAL C 47 34.02 -0.46 20.92
N VAL C 48 33.28 -0.11 19.88
CA VAL C 48 32.34 -1.05 19.27
C VAL C 48 33.06 -2.29 18.76
N VAL C 49 34.18 -2.09 18.08
CA VAL C 49 34.97 -3.21 17.57
C VAL C 49 35.37 -4.14 18.72
N TYR C 50 35.94 -3.54 19.76
CA TYR C 50 36.35 -4.30 20.93
C TYR C 50 35.16 -5.10 21.46
N SER C 51 34.02 -4.43 21.61
CA SER C 51 32.79 -5.03 22.08
C SER C 51 32.41 -6.27 21.28
N ASN C 52 32.22 -6.08 19.97
CA ASN C 52 31.86 -7.17 19.07
C ASN C 52 32.82 -8.35 19.19
N THR C 53 34.11 -8.03 19.25
CA THR C 53 35.17 -9.03 19.39
C THR C 53 34.93 -9.88 20.63
N ILE C 54 34.84 -9.20 21.77
CA ILE C 54 34.63 -9.85 23.06
C ILE C 54 33.38 -10.72 23.04
N GLN C 55 32.26 -10.14 22.63
CA GLN C 55 30.99 -10.85 22.61
C GLN C 55 31.07 -12.12 21.74
N SER C 56 31.77 -12.00 20.60
CA SER C 56 31.97 -13.13 19.71
C SER C 56 32.71 -14.25 20.42
N ILE C 57 33.91 -13.95 20.89
CA ILE C 57 34.74 -14.98 21.53
C ILE C 57 34.05 -15.60 22.75
N ILE C 58 33.34 -14.77 23.51
CA ILE C 58 32.52 -15.23 24.62
C ILE C 58 31.52 -16.26 24.16
N ALA C 59 30.76 -15.91 23.12
CA ALA C 59 29.74 -16.80 22.59
C ALA C 59 30.35 -18.14 22.20
N ILE C 60 31.52 -18.08 21.56
CA ILE C 60 32.24 -19.30 21.18
C ILE C 60 32.62 -20.14 22.41
N ILE C 61 33.06 -19.47 23.47
CA ILE C 61 33.45 -20.15 24.71
C ILE C 61 32.25 -20.89 25.32
N ARG C 62 31.15 -20.16 25.50
CA ARG C 62 29.93 -20.75 26.05
C ARG C 62 29.49 -21.92 25.20
N ALA C 63 29.69 -21.79 23.89
CA ALA C 63 29.38 -22.88 22.97
C ALA C 63 30.28 -24.10 23.24
N MET C 64 31.55 -23.84 23.56
CA MET C 64 32.47 -24.93 23.92
C MET C 64 31.92 -25.62 25.15
N GLY C 65 31.30 -24.83 26.02
CA GLY C 65 30.64 -25.35 27.19
C GLY C 65 29.53 -26.32 26.81
N ARG C 66 28.49 -25.77 26.17
CA ARG C 66 27.31 -26.54 25.80
C ARG C 66 27.59 -27.79 24.95
N LEU C 67 28.64 -27.74 24.13
CA LEU C 67 28.96 -28.84 23.23
C LEU C 67 29.83 -29.91 23.86
N LYS C 68 30.39 -29.61 25.04
CA LYS C 68 31.34 -30.49 25.70
C LYS C 68 32.56 -30.71 24.81
N ILE C 69 33.35 -29.65 24.65
CA ILE C 69 34.58 -29.71 23.89
C ILE C 69 35.71 -29.25 24.80
N ASP C 70 36.57 -30.18 25.18
CA ASP C 70 37.65 -29.84 26.10
C ASP C 70 38.75 -29.09 25.37
N PHE C 71 39.28 -28.05 26.03
CA PHE C 71 40.32 -27.23 25.43
C PHE C 71 41.58 -28.07 25.16
N GLY C 72 42.52 -27.52 24.40
CA GLY C 72 43.78 -28.19 24.16
C GLY C 72 44.60 -28.30 25.43
N GLU C 73 45.23 -27.21 25.82
CA GLU C 73 45.94 -27.15 27.09
C GLU C 73 44.97 -26.68 28.17
N ALA C 74 44.84 -27.48 29.24
CA ALA C 74 43.85 -27.24 30.28
C ALA C 74 44.02 -25.88 30.95
N ALA C 75 45.24 -25.35 30.91
CA ALA C 75 45.58 -24.06 31.50
C ALA C 75 44.61 -22.97 31.07
N ARG C 76 44.21 -23.01 29.80
CA ARG C 76 43.30 -22.03 29.22
C ARG C 76 42.01 -21.87 30.01
N ALA C 77 41.62 -22.93 30.73
CA ALA C 77 40.43 -22.87 31.57
C ALA C 77 40.52 -21.68 32.52
N ASP C 78 41.66 -21.55 33.18
CA ASP C 78 41.90 -20.43 34.08
C ASP C 78 41.71 -19.11 33.35
N ASP C 79 42.26 -19.04 32.14
CA ASP C 79 42.13 -17.84 31.31
C ASP C 79 40.66 -17.50 31.15
N ALA C 80 39.86 -18.52 30.89
CA ALA C 80 38.43 -18.33 30.66
C ALA C 80 37.82 -17.61 31.85
N ARG C 81 38.17 -18.07 33.06
CA ARG C 81 37.64 -17.47 34.26
C ARG C 81 37.97 -15.98 34.29
N GLN C 82 39.23 -15.66 34.01
CA GLN C 82 39.68 -14.28 34.07
C GLN C 82 38.91 -13.44 33.05
N LEU C 83 38.63 -14.06 31.90
CA LEU C 83 37.90 -13.39 30.82
C LEU C 83 36.59 -12.87 31.40
N PHE C 84 35.93 -13.75 32.14
CA PHE C 84 34.60 -13.49 32.70
C PHE C 84 34.56 -12.22 33.55
N VAL C 85 35.72 -11.72 33.96
CA VAL C 85 35.78 -10.53 34.79
C VAL C 85 35.55 -9.25 33.99
N LEU C 86 36.15 -9.17 32.79
CA LEU C 86 36.03 -7.94 32.00
C LEU C 86 34.73 -7.86 31.20
N ALA C 87 33.88 -8.87 31.32
CA ALA C 87 32.62 -8.92 30.60
C ALA C 87 31.73 -7.71 30.89
N MET C 95 40.49 -1.79 25.66
CA MET C 95 40.79 -3.19 25.94
C MET C 95 42.18 -3.36 26.56
N THR C 96 42.23 -4.05 27.68
CA THR C 96 43.50 -4.33 28.36
C THR C 96 44.31 -5.37 27.58
N PRO C 97 45.60 -5.10 27.37
CA PRO C 97 46.54 -6.03 26.73
C PRO C 97 46.65 -7.39 27.44
N GLU C 98 46.40 -7.44 28.74
CA GLU C 98 46.39 -8.70 29.47
C GLU C 98 45.25 -9.55 28.94
N LEU C 99 44.09 -8.92 28.82
CA LEU C 99 42.90 -9.53 28.27
C LEU C 99 43.19 -10.02 26.86
N ALA C 100 43.82 -9.17 26.06
CA ALA C 100 44.21 -9.53 24.69
C ALA C 100 45.13 -10.75 24.66
N GLY C 101 46.01 -10.86 25.66
CA GLY C 101 46.85 -12.04 25.81
C GLY C 101 46.01 -13.28 26.02
N VAL C 102 45.05 -13.16 26.93
CA VAL C 102 44.09 -14.23 27.21
C VAL C 102 43.45 -14.67 25.89
N ILE C 103 42.87 -13.70 25.18
CA ILE C 103 42.21 -13.94 23.90
C ILE C 103 43.10 -14.63 22.88
N LYS C 104 44.34 -14.15 22.73
CA LYS C 104 45.29 -14.76 21.81
C LYS C 104 45.46 -16.24 22.13
N ARG C 105 45.72 -16.52 23.41
CA ARG C 105 45.87 -17.89 23.89
C ARG C 105 44.64 -18.71 23.52
N LEU C 106 43.47 -18.09 23.65
CA LEU C 106 42.20 -18.75 23.37
C LEU C 106 42.01 -19.11 21.89
N TRP C 107 42.20 -18.11 21.04
CA TRP C 107 41.99 -18.21 19.59
C TRP C 107 43.03 -19.11 18.94
N ARG C 108 44.19 -19.23 19.57
CA ARG C 108 45.25 -20.13 19.07
C ARG C 108 44.96 -21.60 19.37
N ASP C 109 44.11 -21.85 20.36
CA ASP C 109 43.83 -23.19 20.86
C ASP C 109 43.13 -24.09 19.84
N GLY C 110 43.56 -25.35 19.78
CA GLY C 110 43.05 -26.29 18.81
C GLY C 110 41.63 -26.78 19.06
N GLY C 111 41.28 -26.93 20.33
CA GLY C 111 39.94 -27.35 20.70
C GLY C 111 38.92 -26.27 20.36
N VAL C 112 39.29 -25.02 20.66
CA VAL C 112 38.49 -23.86 20.30
C VAL C 112 38.22 -23.82 18.80
N GLN C 113 39.25 -24.08 18.01
CA GLN C 113 39.12 -24.09 16.56
C GLN C 113 38.28 -25.27 16.10
N ALA C 114 38.33 -26.36 16.86
CA ALA C 114 37.49 -27.52 16.58
C ALA C 114 36.03 -27.13 16.80
N CYS C 115 35.80 -26.27 17.78
CA CYS C 115 34.48 -25.73 18.03
C CYS C 115 34.03 -24.79 16.90
N PHE C 116 34.93 -23.91 16.48
CA PHE C 116 34.64 -22.96 15.39
C PHE C 116 34.30 -23.71 14.10
N SER C 117 34.94 -24.85 13.89
CA SER C 117 34.70 -25.65 12.69
C SER C 117 33.29 -26.23 12.71
N ARG C 118 32.65 -26.17 13.87
CA ARG C 118 31.30 -26.68 14.06
C ARG C 118 30.31 -25.56 14.35
N SER C 119 30.57 -24.38 13.79
CA SER C 119 29.73 -23.20 14.04
C SER C 119 28.30 -23.32 13.50
N ARG C 120 28.02 -24.43 12.82
CA ARG C 120 26.68 -24.66 12.27
C ARG C 120 25.72 -25.19 13.33
N GLU C 121 26.28 -25.74 14.40
CA GLU C 121 25.47 -26.38 15.44
C GLU C 121 25.05 -25.41 16.54
N TYR C 122 25.34 -24.14 16.32
CA TYR C 122 24.87 -23.09 17.21
C TYR C 122 24.82 -21.76 16.45
N GLN C 123 24.87 -20.66 17.18
CA GLN C 123 24.76 -19.34 16.55
C GLN C 123 25.98 -18.45 16.84
N LEU C 124 26.89 -18.42 15.87
CA LEU C 124 28.07 -17.56 15.93
C LEU C 124 28.00 -16.57 14.78
N ASN C 125 28.10 -15.28 15.14
CA ASN C 125 28.01 -14.22 14.15
C ASN C 125 29.14 -14.29 13.13
N ASP C 126 28.92 -13.67 11.98
CA ASP C 126 29.83 -13.85 10.85
C ASP C 126 30.94 -12.81 10.82
N SER C 127 31.01 -11.98 11.85
CA SER C 127 32.08 -11.00 11.97
C SER C 127 33.12 -11.45 12.99
N ALA C 128 32.98 -12.68 13.48
CA ALA C 128 33.86 -13.21 14.50
C ALA C 128 35.29 -13.38 14.00
N SER C 129 35.48 -14.34 13.10
CA SER C 129 36.81 -14.69 12.61
C SER C 129 37.56 -13.50 12.02
N TYR C 130 36.82 -12.57 11.41
CA TYR C 130 37.42 -11.35 10.87
C TYR C 130 38.15 -10.58 11.96
N TYR C 131 37.43 -10.31 13.05
CA TYR C 131 37.96 -9.54 14.15
C TYR C 131 39.02 -10.31 14.93
N LEU C 132 38.86 -11.62 14.99
CA LEU C 132 39.80 -12.45 15.74
C LEU C 132 41.13 -12.65 15.02
N ASN C 133 41.10 -12.69 13.69
CA ASN C 133 42.33 -12.85 12.91
C ASN C 133 43.14 -11.57 12.82
N ASP C 134 42.45 -10.43 12.78
CA ASP C 134 43.11 -9.13 12.80
C ASP C 134 43.19 -8.64 14.23
N LEU C 135 43.47 -9.56 15.16
CA LEU C 135 43.52 -9.25 16.58
C LEU C 135 44.68 -8.33 16.91
N ASP C 136 45.87 -8.70 16.46
CA ASP C 136 47.08 -7.92 16.70
C ASP C 136 46.93 -6.48 16.19
N ARG C 137 46.20 -6.33 15.09
CA ARG C 137 46.01 -5.03 14.44
C ARG C 137 45.16 -4.05 15.24
N ILE C 138 44.15 -4.55 15.93
CA ILE C 138 43.22 -3.68 16.65
C ILE C 138 43.59 -3.47 18.12
N SER C 139 44.61 -4.18 18.58
CA SER C 139 45.01 -4.14 19.98
C SER C 139 46.01 -3.03 20.30
N GLN C 140 46.29 -2.18 19.31
CA GLN C 140 47.18 -1.04 19.50
C GLN C 140 46.47 0.09 20.25
N SER C 141 47.23 0.80 21.08
CA SER C 141 46.67 1.93 21.83
C SER C 141 46.30 3.04 20.86
N ASN C 142 47.04 3.12 19.75
CA ASN C 142 46.82 4.14 18.74
C ASN C 142 46.05 3.60 17.55
N TYR C 143 45.35 2.48 17.75
CA TYR C 143 44.66 1.84 16.65
C TYR C 143 43.48 2.66 16.15
N ILE C 144 43.48 2.94 14.86
CA ILE C 144 42.35 3.58 14.21
C ILE C 144 41.78 2.62 13.17
N PRO C 145 40.47 2.35 13.25
CA PRO C 145 39.81 1.41 12.36
C PRO C 145 39.78 1.85 10.90
N THR C 146 40.10 0.92 10.00
CA THR C 146 39.93 1.15 8.58
C THR C 146 38.44 0.99 8.33
N GLN C 147 37.98 1.38 7.15
CA GLN C 147 36.57 1.27 6.81
C GLN C 147 36.07 -0.17 6.92
N GLN C 148 36.95 -1.13 6.61
CA GLN C 148 36.60 -2.54 6.65
C GLN C 148 36.30 -2.97 8.08
N ASP C 149 37.01 -2.38 9.02
CA ASP C 149 36.77 -2.63 10.44
C ASP C 149 35.35 -2.21 10.81
N VAL C 150 34.96 -1.03 10.31
CA VAL C 150 33.61 -0.51 10.51
C VAL C 150 32.52 -1.39 9.88
N LEU C 151 32.78 -1.90 8.68
CA LEU C 151 31.82 -2.74 7.97
C LEU C 151 31.38 -3.96 8.76
N ARG C 152 32.33 -4.57 9.45
CA ARG C 152 32.07 -5.82 10.15
C ARG C 152 31.54 -5.59 11.56
N THR C 153 31.37 -4.33 11.93
CA THR C 153 30.77 -4.00 13.22
C THR C 153 29.31 -4.41 13.25
N ARG C 154 28.87 -4.91 14.40
CA ARG C 154 27.47 -5.29 14.58
C ARG C 154 26.86 -4.39 15.64
N VAL C 155 25.89 -3.59 15.22
CA VAL C 155 25.23 -2.63 16.10
C VAL C 155 23.78 -3.02 16.34
N LYS C 156 23.37 -3.02 17.61
CA LYS C 156 21.99 -3.29 17.96
C LYS C 156 21.08 -2.22 17.35
N THR C 157 20.06 -2.65 16.64
CA THR C 157 19.15 -1.72 15.99
C THR C 157 17.79 -1.71 16.68
N THR C 158 17.24 -0.52 16.88
CA THR C 158 15.98 -0.35 17.58
C THR C 158 14.92 0.23 16.65
N GLY C 159 15.37 1.10 15.76
CA GLY C 159 14.46 1.82 14.87
C GLY C 159 14.65 1.49 13.41
N ILE C 160 14.37 2.47 12.55
CA ILE C 160 14.53 2.30 11.11
C ILE C 160 15.88 2.86 10.66
N VAL C 161 16.66 2.03 9.97
CA VAL C 161 17.93 2.48 9.42
C VAL C 161 17.70 3.08 8.04
N GLU C 162 18.17 4.30 7.84
CA GLU C 162 17.96 5.02 6.59
C GLU C 162 19.22 5.72 6.11
N THR C 163 19.45 5.70 4.80
CA THR C 163 20.52 6.50 4.22
C THR C 163 20.21 7.00 2.82
N HIS C 164 20.63 8.22 2.52
CA HIS C 164 20.33 8.83 1.23
C HIS C 164 21.61 9.25 0.53
N PHE C 165 21.60 9.25 -0.79
CA PHE C 165 22.76 9.72 -1.56
C PHE C 165 22.39 10.11 -2.98
N THR C 166 23.31 10.77 -3.68
CA THR C 166 23.07 11.16 -5.06
C THR C 166 23.99 10.37 -5.99
N PHE C 167 23.40 9.80 -7.04
CA PHE C 167 24.17 9.00 -7.99
C PHE C 167 23.50 8.96 -9.36
N LYS C 168 24.32 9.06 -10.40
CA LYS C 168 23.85 9.05 -11.79
C LYS C 168 22.71 10.04 -12.03
N ASP C 169 22.86 11.23 -11.47
CA ASP C 169 21.83 12.27 -11.54
C ASP C 169 20.49 11.78 -11.01
N LEU C 170 20.53 11.07 -9.89
CA LEU C 170 19.34 10.56 -9.22
C LEU C 170 19.48 10.62 -7.71
N TYR C 171 18.35 10.77 -7.02
CA TYR C 171 18.33 10.85 -5.58
C TYR C 171 17.84 9.55 -4.95
N PHE C 172 18.74 8.81 -4.32
CA PHE C 172 18.42 7.54 -3.69
C PHE C 172 18.11 7.67 -2.20
N LYS C 173 16.96 7.11 -1.82
CA LYS C 173 16.57 6.92 -0.42
C LYS C 173 16.51 5.42 -0.12
N MET C 174 17.36 4.94 0.79
CA MET C 174 17.40 3.51 1.09
C MET C 174 17.02 3.23 2.55
N PHE C 175 16.08 2.29 2.73
CA PHE C 175 15.49 1.97 4.02
C PHE C 175 15.69 0.52 4.45
N ASP C 176 16.24 0.32 5.64
CA ASP C 176 16.23 -1.00 6.29
C ASP C 176 15.23 -0.98 7.44
N VAL C 177 14.27 -1.88 7.43
CA VAL C 177 13.20 -1.84 8.44
C VAL C 177 13.53 -2.60 9.72
N GLY C 178 13.94 -3.86 9.59
CA GLY C 178 14.27 -4.68 10.74
C GLY C 178 13.09 -4.99 11.65
N ARG C 184 4.76 2.48 14.66
CA ARG C 184 4.44 1.78 13.42
C ARG C 184 3.71 2.68 12.43
N LYS C 185 4.12 3.95 12.38
CA LYS C 185 3.57 4.90 11.43
C LYS C 185 4.48 4.90 10.20
N LYS C 186 5.22 5.98 10.01
CA LYS C 186 6.34 6.06 9.03
C LYS C 186 6.93 4.70 8.63
N TRP C 187 7.00 3.80 9.62
CA TRP C 187 7.34 2.39 9.43
C TRP C 187 6.65 1.82 8.20
N ILE C 188 5.34 2.00 8.13
CA ILE C 188 4.55 1.55 7.00
C ILE C 188 4.85 2.40 5.75
N HIS C 189 5.14 3.68 5.95
CA HIS C 189 5.44 4.59 4.84
C HIS C 189 6.70 4.14 4.10
N CYS C 190 7.52 3.33 4.78
CA CYS C 190 8.68 2.73 4.13
C CYS C 190 8.26 1.74 3.04
N PHE C 191 7.01 1.28 3.12
CA PHE C 191 6.46 0.37 2.13
C PHE C 191 5.63 1.14 1.10
N GLU C 192 5.51 2.45 1.32
CA GLU C 192 4.74 3.30 0.42
C GLU C 192 5.61 3.82 -0.72
N GLY C 193 5.11 3.72 -1.94
CA GLY C 193 5.79 4.24 -3.11
C GLY C 193 7.22 3.76 -3.26
N VAL C 194 7.41 2.45 -3.19
CA VAL C 194 8.74 1.88 -3.32
C VAL C 194 9.07 1.68 -4.78
N THR C 195 10.28 2.09 -5.17
CA THR C 195 10.75 1.90 -6.53
C THR C 195 11.26 0.47 -6.70
N ALA C 196 12.04 0.01 -5.72
CA ALA C 196 12.57 -1.35 -5.76
C ALA C 196 12.80 -1.94 -4.37
N ILE C 197 12.65 -3.25 -4.29
CA ILE C 197 12.82 -3.99 -3.04
C ILE C 197 14.02 -4.90 -3.19
N ILE C 198 14.92 -4.85 -2.21
CA ILE C 198 16.11 -5.68 -2.25
C ILE C 198 16.02 -6.76 -1.18
N PHE C 199 15.63 -7.96 -1.59
CA PHE C 199 15.48 -9.08 -0.67
C PHE C 199 16.82 -9.77 -0.48
N CYS C 200 17.29 -9.83 0.76
CA CYS C 200 18.57 -10.46 1.05
C CYS C 200 18.38 -11.86 1.61
N VAL C 201 19.26 -12.77 1.18
CA VAL C 201 19.23 -14.15 1.64
C VAL C 201 20.63 -14.62 2.01
N ALA C 202 20.78 -15.10 3.23
CA ALA C 202 22.04 -15.70 3.64
C ALA C 202 22.09 -17.13 3.16
N LEU C 203 22.92 -17.39 2.16
CA LEU C 203 23.05 -18.74 1.61
C LEU C 203 23.67 -19.64 2.66
N SER C 204 24.58 -19.04 3.44
CA SER C 204 25.38 -19.78 4.41
C SER C 204 24.53 -20.53 5.43
N ASP C 205 23.26 -20.19 5.51
CA ASP C 205 22.34 -20.82 6.45
C ASP C 205 21.69 -22.08 5.89
N TYR C 206 22.23 -22.62 4.81
CA TYR C 206 21.63 -23.81 4.21
C TYR C 206 21.83 -25.07 5.07
N ASP C 207 22.95 -25.11 5.79
CA ASP C 207 23.35 -26.31 6.52
C ASP C 207 23.10 -26.21 8.03
N LEU C 208 22.47 -25.13 8.46
CA LEU C 208 22.20 -24.89 9.87
C LEU C 208 21.40 -26.00 10.54
N VAL C 209 21.74 -26.25 11.80
CA VAL C 209 21.08 -27.29 12.58
C VAL C 209 19.63 -26.92 12.89
N LEU C 210 18.77 -27.92 12.92
CA LEU C 210 17.32 -27.72 13.05
C LEU C 210 16.75 -28.54 14.20
N ALA C 211 15.99 -27.89 15.08
CA ALA C 211 15.31 -28.62 16.14
C ALA C 211 14.24 -29.53 15.54
N GLU C 212 13.88 -30.58 16.26
CA GLU C 212 12.89 -31.55 15.78
C GLU C 212 11.47 -30.98 15.85
N ASP C 213 11.32 -29.88 16.57
CA ASP C 213 10.03 -29.25 16.79
C ASP C 213 9.81 -28.04 15.88
N GLU C 214 10.59 -27.97 14.80
CA GLU C 214 10.46 -26.88 13.83
C GLU C 214 9.89 -27.45 12.53
N GLU C 215 9.16 -26.62 11.80
CA GLU C 215 8.45 -27.07 10.61
C GLU C 215 9.24 -26.89 9.30
N MET C 216 10.26 -26.05 9.34
CA MET C 216 11.10 -25.83 8.16
C MET C 216 12.42 -25.17 8.51
N ASN C 217 13.46 -25.50 7.73
CA ASN C 217 14.77 -24.90 7.89
C ASN C 217 14.75 -23.42 7.51
N ARG C 218 15.75 -22.67 8.00
CA ARG C 218 15.75 -21.22 7.88
C ARG C 218 15.60 -20.74 6.43
N MET C 219 16.18 -21.51 5.52
CA MET C 219 16.12 -21.20 4.10
C MET C 219 14.69 -21.20 3.59
N HIS C 220 13.94 -22.25 3.90
CA HIS C 220 12.55 -22.34 3.44
C HIS C 220 11.68 -21.24 4.06
N GLU C 221 12.07 -20.78 5.25
CA GLU C 221 11.43 -19.63 5.87
C GLU C 221 11.66 -18.43 4.97
N SER C 222 12.93 -18.21 4.61
CA SER C 222 13.28 -17.10 3.71
C SER C 222 12.50 -17.17 2.39
N MET C 223 12.40 -18.37 1.84
CA MET C 223 11.63 -18.63 0.62
C MET C 223 10.17 -18.23 0.82
N LYS C 224 9.60 -18.60 1.96
CA LYS C 224 8.22 -18.30 2.28
C LYS C 224 7.98 -16.80 2.29
N LEU C 225 8.88 -16.09 2.97
CA LEU C 225 8.83 -14.63 3.02
C LEU C 225 8.90 -14.06 1.61
N PHE C 226 9.83 -14.59 0.81
CA PHE C 226 10.01 -14.13 -0.56
C PHE C 226 8.72 -14.29 -1.35
N ASP C 227 8.13 -15.46 -1.24
CA ASP C 227 6.84 -15.78 -1.88
C ASP C 227 5.83 -14.71 -1.49
N SER C 228 5.76 -14.41 -0.20
CA SER C 228 4.79 -13.44 0.28
C SER C 228 5.02 -12.05 -0.34
N ILE C 229 6.28 -11.70 -0.54
CA ILE C 229 6.62 -10.38 -1.09
C ILE C 229 6.38 -10.28 -2.60
N CYS C 230 6.91 -11.26 -3.32
CA CYS C 230 6.87 -11.29 -4.78
C CYS C 230 5.45 -11.17 -5.32
N ASN C 231 4.57 -12.01 -4.76
CA ASN C 231 3.21 -12.13 -5.27
C ASN C 231 2.22 -11.24 -4.53
N ASN C 232 2.74 -10.28 -3.78
CA ASN C 232 1.87 -9.30 -3.13
C ASN C 232 1.39 -8.30 -4.18
N LYS C 233 0.08 -8.05 -4.19
CA LYS C 233 -0.51 -7.19 -5.20
C LYS C 233 -0.17 -5.71 -5.01
N TRP C 234 0.63 -5.42 -3.99
CA TRP C 234 1.00 -4.05 -3.69
C TRP C 234 2.33 -3.68 -4.35
N PHE C 235 3.05 -4.67 -4.83
CA PHE C 235 4.37 -4.45 -5.41
C PHE C 235 4.48 -4.83 -6.89
N THR C 236 3.35 -4.88 -7.59
CA THR C 236 3.36 -5.20 -9.02
C THR C 236 4.24 -4.23 -9.81
N GLU C 237 4.21 -2.96 -9.41
CA GLU C 237 5.00 -1.94 -10.07
C GLU C 237 6.31 -1.66 -9.32
N THR C 238 6.65 -2.57 -8.40
CA THR C 238 7.87 -2.44 -7.64
C THR C 238 8.86 -3.49 -8.13
N SER C 239 10.07 -3.04 -8.46
CA SER C 239 11.10 -3.94 -8.98
C SER C 239 11.61 -4.87 -7.90
N ILE C 240 11.63 -6.16 -8.20
CA ILE C 240 12.07 -7.15 -7.21
C ILE C 240 13.50 -7.60 -7.44
N ILE C 241 14.34 -7.35 -6.45
CA ILE C 241 15.76 -7.64 -6.54
C ILE C 241 16.16 -8.61 -5.45
N LEU C 242 16.77 -9.72 -5.85
CA LEU C 242 17.15 -10.78 -4.94
C LEU C 242 18.66 -10.81 -4.76
N PHE C 243 19.12 -10.69 -3.51
CA PHE C 243 20.53 -10.79 -3.20
C PHE C 243 20.82 -12.12 -2.50
N LEU C 244 21.34 -13.08 -3.24
CA LEU C 244 21.80 -14.30 -2.59
C LEU C 244 23.18 -14.00 -2.00
N ASN C 245 23.17 -13.40 -0.80
CA ASN C 245 24.37 -12.90 -0.15
C ASN C 245 25.17 -14.00 0.55
N LYS C 246 26.31 -13.62 1.12
CA LYS C 246 27.18 -14.54 1.86
C LYS C 246 27.58 -15.74 1.00
N LYS C 247 27.94 -15.47 -0.25
CA LYS C 247 28.28 -16.53 -1.20
C LYS C 247 29.63 -17.18 -0.91
N ASP C 248 30.54 -16.44 -0.29
CA ASP C 248 31.88 -16.98 0.00
C ASP C 248 31.81 -18.13 0.98
N LEU C 249 31.12 -17.88 2.10
CA LEU C 249 30.94 -18.87 3.15
C LEU C 249 30.24 -20.07 2.55
N PHE C 250 29.32 -19.81 1.61
CA PHE C 250 28.61 -20.88 0.93
C PHE C 250 29.60 -21.75 0.15
N GLU C 251 30.51 -21.10 -0.58
CA GLU C 251 31.45 -21.84 -1.41
C GLU C 251 32.31 -22.72 -0.53
N GLU C 252 32.71 -22.20 0.62
CA GLU C 252 33.50 -23.01 1.54
C GLU C 252 32.72 -24.18 2.14
N LYS C 253 31.50 -23.91 2.59
CA LYS C 253 30.68 -24.94 3.22
C LYS C 253 30.30 -26.07 2.27
N ILE C 254 30.03 -25.71 1.03
CA ILE C 254 29.48 -26.63 0.05
C ILE C 254 30.49 -27.73 -0.30
N LYS C 255 31.76 -27.49 0.05
CA LYS C 255 32.81 -28.48 -0.15
C LYS C 255 32.58 -29.68 0.75
N ARG C 256 32.05 -29.42 1.94
CA ARG C 256 31.83 -30.44 2.95
C ARG C 256 30.37 -30.86 3.06
N SER C 257 29.50 -29.89 3.36
CA SER C 257 28.09 -30.17 3.59
C SER C 257 27.24 -30.05 2.33
N PRO C 258 26.67 -31.18 1.89
CA PRO C 258 25.79 -31.24 0.72
C PRO C 258 24.56 -30.36 0.85
N LEU C 259 23.93 -30.06 -0.30
CA LEU C 259 22.72 -29.25 -0.33
C LEU C 259 21.50 -30.07 0.10
N THR C 260 21.65 -31.39 0.12
CA THR C 260 20.54 -32.30 0.42
C THR C 260 19.95 -32.04 1.80
N ILE C 261 20.79 -31.54 2.71
CA ILE C 261 20.33 -31.09 4.02
C ILE C 261 19.15 -30.15 3.88
N CYS C 262 19.31 -29.16 2.99
CA CYS C 262 18.32 -28.10 2.81
C CYS C 262 17.28 -28.48 1.76
N TYR C 263 17.76 -29.00 0.63
CA TYR C 263 16.87 -29.49 -0.42
C TYR C 263 17.18 -30.96 -0.69
N PRO C 264 16.41 -31.85 -0.06
CA PRO C 264 16.61 -33.31 -0.15
C PRO C 264 16.34 -33.86 -1.54
N GLU C 265 15.58 -33.11 -2.33
CA GLU C 265 15.22 -33.55 -3.68
C GLU C 265 16.29 -33.18 -4.70
N TYR C 266 17.41 -32.65 -4.20
CA TYR C 266 18.48 -32.20 -5.08
C TYR C 266 19.26 -33.38 -5.65
N THR C 267 19.37 -33.41 -6.97
CA THR C 267 19.99 -34.54 -7.68
C THR C 267 21.38 -34.18 -8.20
N GLY C 268 21.63 -32.89 -8.31
CA GLY C 268 22.87 -32.39 -8.90
C GLY C 268 24.13 -32.70 -8.10
N SER C 269 25.26 -32.19 -8.59
CA SER C 269 26.55 -32.41 -7.93
C SER C 269 26.76 -31.41 -6.81
N ASN C 270 27.86 -31.58 -6.08
CA ASN C 270 28.14 -30.73 -4.94
C ASN C 270 29.14 -29.63 -5.30
N THR C 271 29.00 -29.12 -6.52
CA THR C 271 29.73 -27.95 -6.97
C THR C 271 29.00 -26.70 -6.52
N TYR C 272 29.77 -25.67 -6.16
CA TYR C 272 29.21 -24.36 -5.82
C TYR C 272 28.25 -23.88 -6.90
N GLU C 273 28.72 -23.84 -8.14
CA GLU C 273 27.95 -23.31 -9.27
C GLU C 273 26.55 -23.93 -9.43
N GLU C 274 26.51 -25.24 -9.55
CA GLU C 274 25.26 -25.96 -9.80
C GLU C 274 24.29 -25.75 -8.64
N ALA C 275 24.83 -25.79 -7.43
CA ALA C 275 24.05 -25.61 -6.22
C ALA C 275 23.41 -24.23 -6.18
N ALA C 276 24.26 -23.21 -6.23
CA ALA C 276 23.82 -21.81 -6.28
C ALA C 276 22.74 -21.63 -7.34
N ALA C 277 22.95 -22.25 -8.49
CA ALA C 277 21.96 -22.23 -9.56
C ALA C 277 20.63 -22.81 -9.09
N TYR C 278 20.71 -23.93 -8.38
CA TYR C 278 19.52 -24.60 -7.90
C TYR C 278 18.75 -23.74 -6.91
N ILE C 279 19.47 -23.09 -6.00
CA ILE C 279 18.85 -22.19 -5.03
C ILE C 279 18.16 -21.02 -5.72
N GLN C 280 18.90 -20.36 -6.62
CA GLN C 280 18.40 -19.23 -7.38
C GLN C 280 17.10 -19.64 -8.08
N CYS C 281 17.11 -20.82 -8.66
CA CYS C 281 15.96 -21.38 -9.35
C CYS C 281 14.76 -21.54 -8.40
N GLN C 282 15.03 -22.17 -7.25
CA GLN C 282 14.01 -22.42 -6.24
C GLN C 282 13.31 -21.13 -5.82
N PHE C 283 14.10 -20.08 -5.60
CA PHE C 283 13.53 -18.78 -5.24
C PHE C 283 12.74 -18.16 -6.39
N GLU C 284 13.31 -18.15 -7.60
CA GLU C 284 12.66 -17.53 -8.75
C GLU C 284 11.33 -18.19 -9.07
N ASP C 285 11.23 -19.50 -8.82
CA ASP C 285 10.02 -20.25 -9.16
C ASP C 285 8.82 -19.88 -8.31
N LEU C 286 9.06 -19.14 -7.23
CA LEU C 286 7.99 -18.75 -6.31
C LEU C 286 7.17 -17.62 -6.89
N ASN C 287 7.66 -17.04 -7.98
CA ASN C 287 6.97 -15.96 -8.67
C ASN C 287 5.75 -16.50 -9.40
N ARG C 288 4.57 -16.34 -8.82
CA ARG C 288 3.37 -16.88 -9.44
C ARG C 288 2.75 -15.87 -10.41
N ARG C 289 3.57 -14.92 -10.85
CA ARG C 289 3.19 -14.00 -11.91
C ARG C 289 4.42 -13.84 -12.79
N LYS C 290 4.81 -14.92 -13.45
CA LYS C 290 6.08 -14.96 -14.19
C LYS C 290 6.09 -14.06 -15.41
N ASP C 291 4.91 -13.84 -15.98
CA ASP C 291 4.76 -12.99 -17.16
C ASP C 291 5.18 -11.54 -16.89
N THR C 292 4.31 -10.79 -16.24
CA THR C 292 4.55 -9.37 -16.03
C THR C 292 5.62 -9.04 -14.98
N LYS C 293 6.05 -10.04 -14.23
CA LYS C 293 6.96 -9.83 -13.11
C LYS C 293 8.27 -10.59 -13.28
N GLU C 294 9.34 -9.90 -13.66
CA GLU C 294 10.63 -10.58 -13.74
C GLU C 294 11.51 -10.20 -12.54
N ILE C 295 12.35 -11.14 -12.14
CA ILE C 295 13.11 -11.02 -10.90
C ILE C 295 14.59 -10.82 -11.16
N TYR C 296 15.17 -9.85 -10.46
CA TYR C 296 16.56 -9.50 -10.70
C TYR C 296 17.48 -10.10 -9.64
N THR C 297 18.09 -11.22 -10.01
CA THR C 297 18.90 -12.00 -9.08
C THR C 297 20.37 -11.63 -9.18
N HIS C 298 21.04 -11.58 -8.04
CA HIS C 298 22.47 -11.34 -7.99
C HIS C 298 23.12 -12.18 -6.89
N PHE C 299 24.35 -12.59 -7.12
CA PHE C 299 25.11 -13.32 -6.12
C PHE C 299 26.12 -12.38 -5.47
N THR C 300 25.87 -12.03 -4.22
CA THR C 300 26.60 -10.96 -3.57
C THR C 300 27.46 -11.45 -2.41
N CYS C 301 28.44 -10.62 -2.04
CA CYS C 301 29.21 -10.81 -0.83
C CYS C 301 29.39 -9.44 -0.22
N ALA C 302 28.44 -9.06 0.64
CA ALA C 302 28.32 -7.69 1.13
C ALA C 302 29.57 -7.13 1.82
N THR C 303 30.51 -8.01 2.20
CA THR C 303 31.75 -7.55 2.79
C THR C 303 32.77 -7.11 1.73
N ASP C 304 32.58 -7.55 0.49
CA ASP C 304 33.47 -7.14 -0.61
C ASP C 304 32.90 -5.87 -1.26
N THR C 305 33.47 -4.74 -0.89
CA THR C 305 32.98 -3.42 -1.32
C THR C 305 32.95 -3.30 -2.84
N LYS C 306 33.96 -3.84 -3.50
CA LYS C 306 34.03 -3.82 -4.96
C LYS C 306 32.81 -4.52 -5.55
N ASN C 307 32.56 -5.73 -5.08
CA ASN C 307 31.46 -6.56 -5.56
C ASN C 307 30.15 -5.79 -5.42
N VAL C 308 29.93 -5.21 -4.26
CA VAL C 308 28.73 -4.44 -3.98
C VAL C 308 28.61 -3.26 -4.93
N GLN C 309 29.74 -2.59 -5.19
CA GLN C 309 29.76 -1.48 -6.12
C GLN C 309 29.23 -1.93 -7.48
N PHE C 310 29.79 -3.02 -7.99
CA PHE C 310 29.35 -3.53 -9.30
C PHE C 310 27.88 -3.93 -9.33
N VAL C 311 27.48 -4.78 -8.38
CA VAL C 311 26.11 -5.27 -8.33
C VAL C 311 25.14 -4.10 -8.27
N PHE C 312 25.42 -3.16 -7.38
CA PHE C 312 24.56 -2.00 -7.20
C PHE C 312 24.51 -1.16 -8.47
N ASP C 313 25.65 -1.04 -9.15
CA ASP C 313 25.71 -0.37 -10.44
C ASP C 313 24.69 -0.97 -11.39
N ALA C 314 24.81 -2.29 -11.60
CA ALA C 314 23.92 -3.00 -12.50
C ALA C 314 22.45 -2.79 -12.12
N VAL C 315 22.18 -2.86 -10.82
CA VAL C 315 20.85 -2.62 -10.29
C VAL C 315 20.34 -1.24 -10.68
N THR C 316 21.20 -0.24 -10.52
CA THR C 316 20.86 1.13 -10.84
C THR C 316 20.49 1.26 -12.32
N ASP C 317 21.33 0.71 -13.18
CA ASP C 317 21.05 0.71 -14.62
C ASP C 317 19.70 0.08 -14.94
N VAL C 318 19.44 -1.09 -14.36
CA VAL C 318 18.16 -1.76 -14.51
C VAL C 318 17.00 -0.85 -14.11
N ILE C 319 17.14 -0.17 -12.97
CA ILE C 319 16.13 0.76 -12.48
C ILE C 319 15.87 1.87 -13.50
N ILE C 320 16.94 2.42 -14.06
CA ILE C 320 16.84 3.44 -15.10
C ILE C 320 16.05 2.95 -16.32
N LYS C 321 16.42 1.77 -16.82
CA LYS C 321 15.71 1.16 -17.94
C LYS C 321 14.23 1.06 -17.64
N ASN C 322 13.92 0.65 -16.42
CA ASN C 322 12.53 0.56 -15.98
C ASN C 322 11.85 1.92 -15.85
N ASN C 323 12.64 2.95 -15.59
CA ASN C 323 12.11 4.31 -15.51
C ASN C 323 11.76 4.83 -16.90
N LEU C 324 12.46 4.30 -17.91
CA LEU C 324 12.17 4.71 -19.27
C LEU C 324 11.05 3.86 -19.85
N LYS C 325 10.86 2.67 -19.29
CA LYS C 325 9.76 1.80 -19.71
C LYS C 325 8.42 2.27 -19.15
N GLU C 326 8.49 3.15 -18.15
CA GLU C 326 7.30 3.73 -17.53
C GLU C 326 6.82 5.00 -18.22
N CYS C 327 7.59 5.46 -19.22
CA CYS C 327 7.27 6.70 -19.90
C CYS C 327 6.73 6.45 -21.32
N GLY C 328 6.54 5.18 -21.66
CA GLY C 328 5.95 4.82 -22.94
C GLY C 328 6.95 4.76 -24.08
N LEU C 329 8.16 4.34 -23.77
CA LEU C 329 9.23 4.30 -24.77
C LEU C 329 9.83 2.91 -24.89
N ALA D 7 50.75 -51.90 -6.41
CA ALA D 7 49.39 -51.38 -6.29
C ALA D 7 48.60 -51.62 -7.56
N LYS D 8 47.32 -51.30 -7.52
CA LYS D 8 46.47 -51.47 -8.70
C LYS D 8 46.78 -50.35 -9.68
N GLU D 9 46.57 -50.62 -10.97
CA GLU D 9 46.92 -49.63 -12.00
C GLU D 9 45.70 -48.89 -12.52
N VAL D 10 45.89 -47.61 -12.80
CA VAL D 10 44.84 -46.73 -13.29
C VAL D 10 45.29 -45.98 -14.53
N LYS D 11 44.57 -46.17 -15.64
CA LYS D 11 44.89 -45.46 -16.87
C LYS D 11 44.04 -44.20 -16.99
N LEU D 12 44.69 -43.05 -16.81
CA LEU D 12 44.02 -41.76 -16.98
C LEU D 12 44.40 -41.11 -18.30
N LEU D 13 43.39 -40.62 -19.00
CA LEU D 13 43.59 -40.00 -20.30
C LEU D 13 43.09 -38.56 -20.30
N LEU D 14 44.01 -37.62 -20.45
CA LEU D 14 43.68 -36.20 -20.54
C LEU D 14 43.34 -35.85 -21.99
N LEU D 15 42.12 -35.37 -22.20
CA LEU D 15 41.69 -34.93 -23.51
C LEU D 15 41.13 -33.52 -23.42
N GLY D 16 40.92 -32.91 -24.57
CA GLY D 16 40.42 -31.55 -24.65
C GLY D 16 41.25 -30.76 -25.63
N ALA D 17 40.65 -29.70 -26.19
CA ALA D 17 41.32 -28.87 -27.17
C ALA D 17 42.61 -28.26 -26.65
N GLY D 18 43.40 -27.70 -27.57
CA GLY D 18 44.60 -26.98 -27.19
C GLY D 18 44.15 -25.79 -26.39
N GLU D 19 44.98 -25.34 -25.45
CA GLU D 19 44.66 -24.22 -24.57
C GLU D 19 43.48 -24.52 -23.65
N SER D 20 43.49 -25.70 -23.05
CA SER D 20 42.46 -26.09 -22.11
C SER D 20 43.03 -26.48 -20.74
N GLY D 21 44.35 -26.45 -20.63
CA GLY D 21 45.02 -26.65 -19.36
C GLY D 21 45.63 -28.02 -19.15
N LYS D 22 45.64 -28.85 -20.19
CA LYS D 22 46.13 -30.23 -20.09
C LYS D 22 47.56 -30.34 -19.56
N SER D 23 48.48 -29.66 -20.25
CA SER D 23 49.89 -29.66 -19.85
C SER D 23 50.00 -29.11 -18.43
N THR D 24 49.19 -28.08 -18.17
CA THR D 24 49.17 -27.42 -16.88
C THR D 24 48.68 -28.38 -15.80
N ILE D 25 47.67 -29.19 -16.14
CA ILE D 25 47.18 -30.23 -15.24
C ILE D 25 48.30 -31.24 -14.92
N VAL D 26 49.02 -31.68 -15.95
CA VAL D 26 50.14 -32.59 -15.75
C VAL D 26 51.16 -31.99 -14.78
N LYS D 27 51.57 -30.74 -15.04
CA LYS D 27 52.50 -30.03 -14.18
C LYS D 27 52.01 -30.02 -12.74
N GLN D 28 50.73 -29.68 -12.57
CA GLN D 28 50.11 -29.65 -11.25
C GLN D 28 50.19 -31.00 -10.54
N MET D 29 49.93 -32.07 -11.28
CA MET D 29 50.04 -33.42 -10.74
C MET D 29 51.45 -33.69 -10.27
N LYS D 30 52.42 -33.24 -11.05
CA LYS D 30 53.82 -33.39 -10.69
C LYS D 30 54.11 -32.65 -9.39
N ILE D 31 53.47 -31.50 -9.21
CA ILE D 31 53.65 -30.68 -8.01
C ILE D 31 53.00 -31.31 -6.77
N ILE D 32 51.80 -31.86 -6.94
CA ILE D 32 51.02 -32.38 -5.81
C ILE D 32 51.45 -33.77 -5.34
N HIS D 33 51.49 -34.73 -6.25
CA HIS D 33 51.69 -36.13 -5.87
C HIS D 33 53.10 -36.65 -6.14
N GLU D 34 53.89 -35.88 -6.88
CA GLU D 34 55.30 -36.21 -7.08
C GLU D 34 56.15 -35.21 -6.30
N ASP D 35 57.47 -35.35 -6.41
CA ASP D 35 58.39 -34.53 -5.61
C ASP D 35 58.20 -33.04 -5.85
N GLY D 36 57.80 -32.67 -7.06
CA GLY D 36 57.62 -31.28 -7.43
C GLY D 36 58.81 -30.73 -8.18
N TYR D 37 58.79 -29.42 -8.46
CA TYR D 37 59.88 -28.78 -9.19
C TYR D 37 60.87 -28.11 -8.25
N SER D 38 62.12 -28.54 -8.31
CA SER D 38 63.18 -27.96 -7.49
C SER D 38 63.64 -26.62 -8.07
N GLU D 39 64.45 -25.90 -7.31
CA GLU D 39 64.94 -24.59 -7.73
C GLU D 39 65.73 -24.66 -9.02
N ASP D 40 66.38 -25.80 -9.25
CA ASP D 40 67.16 -26.02 -10.46
C ASP D 40 66.31 -26.04 -11.73
N GLU D 41 65.25 -26.85 -11.73
CA GLU D 41 64.34 -26.93 -12.86
C GLU D 41 63.65 -25.57 -13.08
N CYS D 42 63.25 -24.95 -11.98
CA CYS D 42 62.68 -23.61 -12.03
C CYS D 42 63.64 -22.70 -12.76
N LYS D 43 64.94 -22.84 -12.45
CA LYS D 43 65.97 -22.08 -13.14
C LYS D 43 65.98 -22.42 -14.63
N GLN D 44 65.73 -23.68 -14.97
CA GLN D 44 65.65 -24.08 -16.38
C GLN D 44 64.54 -23.35 -17.12
N TYR D 45 63.37 -23.18 -16.49
CA TYR D 45 62.22 -22.59 -17.18
C TYR D 45 62.29 -21.06 -17.37
N LYS D 46 63.37 -20.47 -16.91
CA LYS D 46 63.56 -19.02 -16.94
C LYS D 46 63.44 -18.45 -18.34
N VAL D 47 64.26 -18.98 -19.24
CA VAL D 47 64.26 -18.57 -20.64
C VAL D 47 62.86 -18.71 -21.26
N VAL D 48 62.19 -19.81 -20.95
CA VAL D 48 60.84 -20.04 -21.44
C VAL D 48 59.91 -18.92 -20.99
N VAL D 49 60.01 -18.56 -19.72
CA VAL D 49 59.20 -17.48 -19.17
C VAL D 49 59.43 -16.19 -19.96
N TYR D 50 60.70 -15.82 -20.12
CA TYR D 50 61.04 -14.63 -20.89
C TYR D 50 60.44 -14.67 -22.29
N SER D 51 60.65 -15.79 -22.99
CA SER D 51 60.11 -15.98 -24.34
C SER D 51 58.61 -15.74 -24.39
N ASN D 52 57.87 -16.46 -23.55
CA ASN D 52 56.42 -16.31 -23.48
C ASN D 52 56.02 -14.84 -23.27
N THR D 53 56.74 -14.18 -22.37
CA THR D 53 56.51 -12.76 -22.06
C THR D 53 56.66 -11.86 -23.29
N ILE D 54 57.83 -11.96 -23.91
CA ILE D 54 58.16 -11.20 -25.11
C ILE D 54 57.15 -11.42 -26.22
N GLN D 55 56.90 -12.69 -26.52
CA GLN D 55 55.99 -13.09 -27.57
C GLN D 55 54.59 -12.52 -27.32
N SER D 56 54.20 -12.52 -26.06
CA SER D 56 52.93 -11.96 -25.69
C SER D 56 52.90 -10.50 -26.09
N ILE D 57 53.76 -9.70 -25.47
CA ILE D 57 53.72 -8.24 -25.71
C ILE D 57 53.84 -7.89 -27.21
N ILE D 58 54.69 -8.63 -27.93
CA ILE D 58 54.82 -8.49 -29.38
C ILE D 58 53.46 -8.69 -30.03
N ALA D 59 52.80 -9.80 -29.68
CA ALA D 59 51.50 -10.13 -30.23
C ALA D 59 50.50 -9.00 -30.02
N ILE D 60 50.51 -8.43 -28.81
CA ILE D 60 49.65 -7.27 -28.53
C ILE D 60 49.96 -6.11 -29.47
N ILE D 61 51.25 -5.87 -29.69
CA ILE D 61 51.67 -4.77 -30.56
C ILE D 61 51.18 -4.97 -32.00
N ARG D 62 51.47 -6.14 -32.56
CA ARG D 62 51.07 -6.47 -33.93
C ARG D 62 49.55 -6.38 -34.07
N ALA D 63 48.84 -6.78 -33.02
CA ALA D 63 47.40 -6.65 -33.00
C ALA D 63 46.97 -5.18 -33.04
N MET D 64 47.72 -4.33 -32.33
CA MET D 64 47.47 -2.89 -32.37
C MET D 64 47.62 -2.43 -33.81
N GLY D 65 48.56 -3.08 -34.51
CA GLY D 65 48.77 -2.82 -35.92
C GLY D 65 47.49 -3.11 -36.69
N ARG D 66 47.11 -4.39 -36.73
CA ARG D 66 45.95 -4.82 -37.51
C ARG D 66 44.65 -4.09 -37.19
N LEU D 67 44.47 -3.68 -35.93
CA LEU D 67 43.23 -3.02 -35.53
C LEU D 67 43.29 -1.50 -35.72
N LYS D 68 44.49 -0.99 -35.99
CA LYS D 68 44.70 0.46 -36.11
C LYS D 68 44.30 1.21 -34.85
N ILE D 69 45.10 1.04 -33.79
CA ILE D 69 44.85 1.73 -32.52
C ILE D 69 46.07 2.54 -32.10
N ASP D 70 45.92 3.87 -32.11
CA ASP D 70 47.02 4.78 -31.82
C ASP D 70 47.39 4.86 -30.33
N PHE D 71 48.69 4.94 -30.07
CA PHE D 71 49.26 4.95 -28.73
C PHE D 71 48.80 6.15 -27.88
N GLY D 72 49.06 6.05 -26.58
CA GLY D 72 48.85 7.16 -25.66
C GLY D 72 49.86 8.26 -25.91
N GLU D 73 51.07 8.07 -25.42
CA GLU D 73 52.19 8.97 -25.70
C GLU D 73 52.88 8.49 -26.97
N ALA D 74 52.99 9.37 -27.96
CA ALA D 74 53.49 8.98 -29.27
C ALA D 74 54.94 8.47 -29.25
N ALA D 75 55.73 8.97 -28.31
CA ALA D 75 57.13 8.59 -28.19
C ALA D 75 57.33 7.08 -28.15
N ARG D 76 56.43 6.42 -27.41
CA ARG D 76 56.49 4.98 -27.21
C ARG D 76 56.59 4.20 -28.53
N ALA D 77 56.10 4.81 -29.61
CA ALA D 77 56.19 4.19 -30.93
C ALA D 77 57.61 3.73 -31.25
N ASP D 78 58.57 4.62 -31.00
CA ASP D 78 59.97 4.30 -31.27
C ASP D 78 60.39 3.02 -30.55
N ASP D 79 59.94 2.88 -29.30
CA ASP D 79 60.26 1.72 -28.48
C ASP D 79 59.90 0.45 -29.22
N ALA D 80 58.73 0.46 -29.85
CA ALA D 80 58.24 -0.72 -30.56
C ALA D 80 59.28 -1.19 -31.57
N ARG D 81 59.84 -0.26 -32.33
CA ARG D 81 60.83 -0.63 -33.33
C ARG D 81 61.98 -1.35 -32.65
N GLN D 82 62.49 -0.74 -31.58
CA GLN D 82 63.63 -1.29 -30.87
C GLN D 82 63.28 -2.67 -30.36
N LEU D 83 62.02 -2.83 -29.94
CA LEU D 83 61.55 -4.10 -29.42
C LEU D 83 61.81 -5.21 -30.44
N PHE D 84 61.35 -4.99 -31.67
CA PHE D 84 61.50 -6.03 -32.69
C PHE D 84 62.98 -6.35 -32.96
N VAL D 85 63.85 -5.39 -32.65
CA VAL D 85 65.28 -5.57 -32.82
C VAL D 85 65.83 -6.35 -31.63
N LEU D 86 65.31 -6.02 -30.45
CA LEU D 86 65.74 -6.61 -29.20
C LEU D 86 65.09 -7.97 -28.94
N ALA D 87 64.27 -8.41 -29.88
CA ALA D 87 63.49 -9.65 -29.75
C ALA D 87 64.30 -10.91 -29.45
N GLY D 88 65.59 -10.92 -29.82
CA GLY D 88 66.41 -12.10 -29.65
C GLY D 88 67.47 -12.04 -28.57
N SER D 89 67.42 -11.03 -27.71
CA SER D 89 68.46 -10.82 -26.72
C SER D 89 68.33 -11.73 -25.48
N ALA D 90 67.12 -12.18 -25.20
CA ALA D 90 66.88 -13.04 -24.05
C ALA D 90 66.81 -14.52 -24.43
N GLU D 91 66.84 -14.80 -25.73
CA GLU D 91 66.69 -16.17 -26.24
C GLU D 91 67.82 -17.11 -25.81
N VAL D 94 68.40 -13.96 -20.41
CA VAL D 94 68.68 -12.77 -19.61
C VAL D 94 68.14 -11.50 -20.27
N MET D 95 67.27 -10.80 -19.54
CA MET D 95 66.62 -9.60 -20.06
C MET D 95 67.40 -8.33 -19.72
N THR D 96 67.69 -7.53 -20.75
CA THR D 96 68.37 -6.25 -20.55
C THR D 96 67.43 -5.25 -19.90
N PRO D 97 67.91 -4.54 -18.87
CA PRO D 97 67.12 -3.49 -18.21
C PRO D 97 66.62 -2.41 -19.17
N GLU D 98 67.34 -2.19 -20.27
CA GLU D 98 66.88 -1.28 -21.31
C GLU D 98 65.61 -1.83 -21.93
N LEU D 99 65.66 -3.11 -22.30
CA LEU D 99 64.52 -3.83 -22.86
C LEU D 99 63.35 -3.82 -21.91
N ALA D 100 63.61 -4.18 -20.65
CA ALA D 100 62.59 -4.16 -19.62
C ALA D 100 61.98 -2.76 -19.48
N GLY D 101 62.81 -1.75 -19.69
CA GLY D 101 62.34 -0.37 -19.70
C GLY D 101 61.35 -0.18 -20.83
N VAL D 102 61.70 -0.66 -22.01
CA VAL D 102 60.82 -0.59 -23.18
C VAL D 102 59.46 -1.24 -22.90
N ILE D 103 59.49 -2.51 -22.52
CA ILE D 103 58.27 -3.27 -22.23
C ILE D 103 57.44 -2.61 -21.14
N LYS D 104 58.08 -2.21 -20.05
CA LYS D 104 57.38 -1.52 -18.96
C LYS D 104 56.65 -0.30 -19.48
N ARG D 105 57.37 0.52 -20.25
CA ARG D 105 56.80 1.73 -20.82
C ARG D 105 55.58 1.40 -21.68
N LEU D 106 55.68 0.33 -22.46
CA LEU D 106 54.59 -0.11 -23.33
C LEU D 106 53.36 -0.56 -22.55
N TRP D 107 53.59 -1.44 -21.58
CA TRP D 107 52.53 -2.02 -20.76
C TRP D 107 51.86 -0.93 -19.94
N ARG D 108 52.60 0.14 -19.69
CA ARG D 108 52.07 1.30 -19.00
C ARG D 108 51.20 2.15 -19.91
N ASP D 109 51.41 2.03 -21.22
CA ASP D 109 50.70 2.86 -22.20
C ASP D 109 49.21 2.53 -22.23
N GLY D 110 48.38 3.56 -22.29
CA GLY D 110 46.94 3.40 -22.22
C GLY D 110 46.30 2.79 -23.46
N GLY D 111 46.86 3.09 -24.62
CA GLY D 111 46.35 2.55 -25.87
C GLY D 111 46.60 1.06 -25.94
N VAL D 112 47.79 0.64 -25.53
CA VAL D 112 48.14 -0.78 -25.45
C VAL D 112 47.15 -1.52 -24.55
N GLN D 113 46.79 -0.90 -23.43
CA GLN D 113 45.81 -1.51 -22.52
C GLN D 113 44.41 -1.54 -23.13
N ALA D 114 44.11 -0.53 -23.95
CA ALA D 114 42.83 -0.49 -24.64
C ALA D 114 42.75 -1.64 -25.64
N CYS D 115 43.89 -1.94 -26.27
CA CYS D 115 43.96 -3.09 -27.16
C CYS D 115 43.83 -4.39 -26.37
N PHE D 116 44.53 -4.46 -25.24
CA PHE D 116 44.48 -5.65 -24.38
C PHE D 116 43.06 -5.95 -23.94
N SER D 117 42.25 -4.91 -23.73
CA SER D 117 40.88 -5.10 -23.31
C SER D 117 40.06 -5.78 -24.41
N ARG D 118 40.61 -5.83 -25.61
CA ARG D 118 39.96 -6.46 -26.74
C ARG D 118 40.70 -7.72 -27.18
N SER D 119 41.32 -8.41 -26.22
CA SER D 119 42.10 -9.61 -26.53
C SER D 119 41.24 -10.74 -27.10
N ARG D 120 39.94 -10.53 -27.15
CA ARG D 120 39.02 -11.50 -27.74
C ARG D 120 39.02 -11.35 -29.25
N GLU D 121 39.49 -10.20 -29.72
CA GLU D 121 39.47 -9.89 -31.16
C GLU D 121 40.73 -10.37 -31.86
N TYR D 122 41.58 -11.10 -31.12
CA TYR D 122 42.73 -11.77 -31.71
C TYR D 122 43.20 -12.95 -30.87
N GLN D 123 44.46 -13.33 -31.04
CA GLN D 123 44.97 -14.53 -30.38
C GLN D 123 46.08 -14.18 -29.40
N LEU D 124 45.69 -14.00 -28.15
CA LEU D 124 46.62 -13.71 -27.08
C LEU D 124 46.52 -14.79 -26.02
N ASN D 125 47.65 -15.40 -25.68
CA ASN D 125 47.68 -16.46 -24.68
C ASN D 125 47.26 -15.90 -23.31
N ASP D 126 46.80 -16.79 -22.44
CA ASP D 126 46.17 -16.36 -21.20
C ASP D 126 47.16 -16.21 -20.05
N SER D 127 48.44 -16.35 -20.36
CA SER D 127 49.50 -16.19 -19.36
C SER D 127 50.15 -14.82 -19.50
N ALA D 128 49.57 -13.97 -20.33
CA ALA D 128 50.12 -12.66 -20.63
C ALA D 128 50.10 -11.71 -19.43
N SER D 129 48.89 -11.34 -19.00
CA SER D 129 48.70 -10.36 -17.94
C SER D 129 49.46 -10.75 -16.68
N TYR D 130 49.56 -12.04 -16.43
CA TYR D 130 50.31 -12.58 -15.31
C TYR D 130 51.78 -12.19 -15.35
N TYR D 131 52.43 -12.48 -16.48
CA TYR D 131 53.85 -12.20 -16.64
C TYR D 131 54.14 -10.70 -16.74
N LEU D 132 53.24 -9.96 -17.39
CA LEU D 132 53.44 -8.55 -17.62
C LEU D 132 53.20 -7.72 -16.36
N ASN D 133 52.28 -8.16 -15.50
CA ASN D 133 52.03 -7.44 -14.26
C ASN D 133 53.13 -7.70 -13.25
N ASP D 134 53.65 -8.93 -13.27
CA ASP D 134 54.80 -9.27 -12.44
C ASP D 134 56.11 -9.15 -13.24
N LEU D 135 56.19 -8.09 -14.05
CA LEU D 135 57.36 -7.87 -14.88
C LEU D 135 58.58 -7.52 -14.05
N ASP D 136 58.41 -6.55 -13.15
CA ASP D 136 59.47 -6.04 -12.31
C ASP D 136 60.16 -7.17 -11.54
N ARG D 137 59.36 -8.17 -11.16
CA ARG D 137 59.84 -9.31 -10.38
C ARG D 137 60.76 -10.23 -11.18
N ILE D 138 60.47 -10.41 -12.46
CA ILE D 138 61.20 -11.36 -13.30
C ILE D 138 62.33 -10.72 -14.10
N SER D 139 62.41 -9.39 -14.09
CA SER D 139 63.41 -8.67 -14.87
C SER D 139 64.70 -8.48 -14.09
N GLN D 140 64.76 -9.05 -12.89
CA GLN D 140 65.97 -8.99 -12.07
C GLN D 140 67.04 -9.93 -12.58
N SER D 141 68.30 -9.50 -12.46
CA SER D 141 69.43 -10.29 -12.91
C SER D 141 69.56 -11.58 -12.10
N ASN D 142 69.08 -11.52 -10.86
CA ASN D 142 69.13 -12.64 -9.94
C ASN D 142 67.81 -13.40 -9.80
N TYR D 143 66.94 -13.26 -10.80
CA TYR D 143 65.59 -13.84 -10.75
C TYR D 143 65.54 -15.37 -10.89
N ILE D 144 64.87 -16.03 -9.95
CA ILE D 144 64.55 -17.45 -10.07
C ILE D 144 63.03 -17.64 -10.10
N PRO D 145 62.53 -18.38 -11.11
CA PRO D 145 61.10 -18.60 -11.33
C PRO D 145 60.40 -19.41 -10.23
N THR D 146 59.23 -18.94 -9.81
CA THR D 146 58.39 -19.65 -8.86
C THR D 146 57.64 -20.78 -9.56
N GLN D 147 57.05 -21.67 -8.77
CA GLN D 147 56.28 -22.77 -9.33
C GLN D 147 55.09 -22.27 -10.15
N GLN D 148 54.50 -21.16 -9.72
CA GLN D 148 53.36 -20.59 -10.43
C GLN D 148 53.83 -20.09 -11.79
N ASP D 149 55.03 -19.53 -11.81
CA ASP D 149 55.62 -19.03 -13.04
C ASP D 149 55.78 -20.19 -14.02
N VAL D 150 56.30 -21.31 -13.53
CA VAL D 150 56.45 -22.52 -14.32
C VAL D 150 55.10 -23.05 -14.82
N LEU D 151 54.11 -22.99 -13.93
CA LEU D 151 52.75 -23.42 -14.24
C LEU D 151 52.21 -22.61 -15.41
N ARG D 152 52.58 -21.33 -15.44
CA ARG D 152 52.07 -20.41 -16.45
C ARG D 152 52.93 -20.43 -17.71
N THR D 153 54.01 -21.21 -17.68
CA THR D 153 54.84 -21.37 -18.87
C THR D 153 54.11 -22.14 -19.95
N ARG D 154 54.40 -21.76 -21.18
CA ARG D 154 53.81 -22.40 -22.33
C ARG D 154 54.94 -23.06 -23.11
N VAL D 155 54.89 -24.38 -23.19
CA VAL D 155 55.93 -25.14 -23.86
C VAL D 155 55.36 -25.73 -25.12
N LYS D 156 56.09 -25.57 -26.22
CA LYS D 156 55.69 -26.15 -27.48
C LYS D 156 55.65 -27.65 -27.29
N THR D 157 54.51 -28.25 -27.58
CA THR D 157 54.36 -29.68 -27.38
C THR D 157 54.30 -30.38 -28.72
N THR D 158 55.05 -31.47 -28.84
CA THR D 158 55.15 -32.20 -30.09
C THR D 158 54.67 -33.64 -29.96
N GLY D 159 54.96 -34.26 -28.82
CA GLY D 159 54.64 -35.66 -28.64
C GLY D 159 53.63 -35.91 -27.55
N ILE D 160 53.71 -37.09 -26.94
CA ILE D 160 52.81 -37.46 -25.86
C ILE D 160 53.48 -37.22 -24.51
N VAL D 161 52.83 -36.40 -23.69
CA VAL D 161 53.31 -36.14 -22.34
C VAL D 161 52.69 -37.18 -21.41
N GLU D 162 53.53 -37.81 -20.60
CA GLU D 162 53.07 -38.84 -19.68
C GLU D 162 53.66 -38.60 -18.31
N THR D 163 52.86 -38.84 -17.28
CA THR D 163 53.38 -38.82 -15.92
C THR D 163 52.66 -39.83 -15.05
N HIS D 164 53.43 -40.46 -14.16
CA HIS D 164 52.89 -41.50 -13.30
C HIS D 164 53.14 -41.14 -11.85
N PHE D 165 52.25 -41.57 -10.96
CA PHE D 165 52.45 -41.31 -9.53
C PHE D 165 51.66 -42.25 -8.63
N THR D 166 51.98 -42.24 -7.34
CA THR D 166 51.28 -43.08 -6.38
C THR D 166 50.46 -42.24 -5.43
N PHE D 167 49.19 -42.58 -5.27
CA PHE D 167 48.29 -41.79 -4.42
C PHE D 167 47.08 -42.60 -3.94
N LYS D 168 46.74 -42.40 -2.66
CA LYS D 168 45.61 -43.10 -2.03
C LYS D 168 45.62 -44.60 -2.29
N ASP D 169 46.80 -45.20 -2.15
CA ASP D 169 47.02 -46.62 -2.41
C ASP D 169 46.64 -47.04 -3.83
N LEU D 170 47.00 -46.21 -4.81
CA LEU D 170 46.78 -46.54 -6.22
C LEU D 170 47.90 -46.01 -7.11
N TYR D 171 48.16 -46.72 -8.20
CA TYR D 171 49.20 -46.35 -9.16
C TYR D 171 48.59 -45.72 -10.41
N PHE D 172 48.79 -44.41 -10.55
CA PHE D 172 48.24 -43.65 -11.68
C PHE D 172 49.23 -43.53 -12.82
N LYS D 173 48.78 -43.88 -14.02
CA LYS D 173 49.51 -43.54 -15.24
C LYS D 173 48.63 -42.58 -16.02
N MET D 174 49.10 -41.35 -16.18
CA MET D 174 48.32 -40.27 -16.80
C MET D 174 48.95 -39.80 -18.10
N PHE D 175 48.13 -39.75 -19.16
CA PHE D 175 48.60 -39.48 -20.51
C PHE D 175 47.97 -38.22 -21.11
N ASP D 176 48.80 -37.31 -21.61
CA ASP D 176 48.32 -36.17 -22.39
C ASP D 176 48.58 -36.42 -23.87
N VAL D 177 47.52 -36.53 -24.65
CA VAL D 177 47.63 -36.79 -26.08
C VAL D 177 48.00 -35.53 -26.86
N GLY D 178 47.15 -35.14 -27.81
CA GLY D 178 47.40 -33.98 -28.63
C GLY D 178 47.77 -34.34 -30.05
N ARG D 184 50.51 -40.55 -34.28
CA ARG D 184 51.02 -41.45 -35.30
C ARG D 184 50.91 -42.92 -34.87
N LYS D 185 52.04 -43.56 -34.63
CA LYS D 185 52.07 -44.95 -34.19
C LYS D 185 52.16 -45.03 -32.66
N LYS D 186 51.74 -46.15 -32.08
CA LYS D 186 51.82 -46.41 -30.63
C LYS D 186 50.84 -45.52 -29.86
N TRP D 187 50.65 -44.33 -30.40
CA TRP D 187 49.65 -43.34 -30.02
C TRP D 187 48.30 -44.01 -29.71
N ILE D 188 47.86 -44.89 -30.61
CA ILE D 188 46.58 -45.57 -30.46
C ILE D 188 46.52 -46.46 -29.22
N HIS D 189 47.67 -47.01 -28.80
CA HIS D 189 47.70 -47.85 -27.60
C HIS D 189 47.29 -47.06 -26.35
N CYS D 190 47.33 -45.74 -26.42
CA CYS D 190 46.86 -44.91 -25.31
C CYS D 190 45.36 -45.06 -25.06
N PHE D 191 44.64 -45.60 -26.04
CA PHE D 191 43.19 -45.77 -25.93
C PHE D 191 42.80 -47.17 -25.44
N GLU D 192 43.78 -48.02 -25.21
CA GLU D 192 43.50 -49.38 -24.76
C GLU D 192 43.37 -49.46 -23.24
N GLY D 193 42.31 -50.11 -22.78
CA GLY D 193 42.09 -50.36 -21.37
C GLY D 193 42.15 -49.13 -20.47
N VAL D 194 41.40 -48.10 -20.83
CA VAL D 194 41.39 -46.87 -20.04
C VAL D 194 40.42 -46.99 -18.87
N THR D 195 40.88 -46.56 -17.70
CA THR D 195 40.07 -46.57 -16.50
C THR D 195 39.13 -45.36 -16.47
N ALA D 196 39.69 -44.18 -16.71
CA ALA D 196 38.89 -42.94 -16.71
C ALA D 196 39.47 -41.86 -17.61
N ILE D 197 38.60 -41.00 -18.12
CA ILE D 197 38.99 -39.93 -19.02
C ILE D 197 38.71 -38.52 -18.45
N ILE D 198 39.69 -37.63 -18.51
CA ILE D 198 39.50 -36.26 -18.05
C ILE D 198 39.48 -35.27 -19.23
N PHE D 199 38.29 -34.86 -19.63
CA PHE D 199 38.11 -33.91 -20.73
C PHE D 199 38.19 -32.48 -20.22
N CYS D 200 39.09 -31.69 -20.80
CA CYS D 200 39.25 -30.30 -20.40
C CYS D 200 38.52 -29.34 -21.34
N VAL D 201 37.92 -28.31 -20.74
CA VAL D 201 37.24 -27.27 -21.51
C VAL D 201 37.64 -25.90 -21.01
N ALA D 202 38.13 -25.05 -21.90
CA ALA D 202 38.43 -23.68 -21.55
C ALA D 202 37.16 -22.87 -21.68
N LEU D 203 36.60 -22.46 -20.56
CA LEU D 203 35.35 -21.72 -20.55
C LEU D 203 35.56 -20.34 -21.16
N SER D 204 36.74 -19.77 -20.89
CA SER D 204 37.06 -18.39 -21.29
C SER D 204 36.94 -18.20 -22.81
N ASP D 205 36.85 -19.29 -23.54
CA ASP D 205 36.76 -19.26 -24.99
C ASP D 205 35.32 -19.08 -25.47
N TYR D 206 34.42 -18.69 -24.56
CA TYR D 206 33.02 -18.49 -24.95
C TYR D 206 32.85 -17.23 -25.79
N ASP D 207 33.66 -16.20 -25.53
CA ASP D 207 33.45 -14.89 -26.15
C ASP D 207 34.41 -14.63 -27.31
N LEU D 208 35.20 -15.66 -27.64
CA LEU D 208 36.16 -15.55 -28.74
C LEU D 208 35.45 -15.22 -30.04
N VAL D 209 36.08 -14.37 -30.85
CA VAL D 209 35.51 -13.96 -32.12
C VAL D 209 35.54 -15.11 -33.12
N LEU D 210 34.46 -15.24 -33.89
CA LEU D 210 34.30 -16.33 -34.84
C LEU D 210 34.69 -15.89 -36.24
N ALA D 211 35.55 -16.65 -36.91
CA ALA D 211 35.85 -16.36 -38.30
C ALA D 211 34.59 -16.61 -39.13
N GLU D 212 34.49 -15.97 -40.28
CA GLU D 212 33.30 -16.10 -41.12
C GLU D 212 33.29 -17.44 -41.86
N ASP D 213 34.45 -18.08 -41.94
CA ASP D 213 34.59 -19.33 -42.69
C ASP D 213 34.62 -20.55 -41.76
N GLU D 214 34.13 -20.37 -40.55
CA GLU D 214 34.08 -21.46 -39.58
C GLU D 214 32.62 -21.85 -39.36
N GLU D 215 32.39 -23.13 -39.07
CA GLU D 215 31.02 -23.62 -38.92
C GLU D 215 30.52 -23.61 -37.48
N MET D 216 31.44 -23.44 -36.53
CA MET D 216 31.04 -23.35 -35.13
C MET D 216 32.14 -22.76 -34.26
N ASN D 217 31.73 -22.08 -33.19
CA ASN D 217 32.66 -21.48 -32.24
C ASN D 217 33.45 -22.52 -31.46
N ARG D 218 34.57 -22.10 -30.88
CA ARG D 218 35.52 -23.03 -30.27
C ARG D 218 34.87 -23.91 -29.22
N MET D 219 33.92 -23.33 -28.49
CA MET D 219 33.19 -24.03 -27.44
C MET D 219 32.43 -25.20 -28.03
N HIS D 220 31.66 -24.94 -29.09
CA HIS D 220 30.87 -25.97 -29.74
C HIS D 220 31.75 -27.04 -30.38
N GLU D 221 32.96 -26.66 -30.79
CA GLU D 221 33.95 -27.62 -31.25
C GLU D 221 34.27 -28.58 -30.11
N SER D 222 34.60 -27.99 -28.96
CA SER D 222 34.89 -28.77 -27.76
C SER D 222 33.74 -29.72 -27.44
N MET D 223 32.52 -29.20 -27.55
CA MET D 223 31.31 -29.99 -27.34
C MET D 223 31.23 -31.18 -28.29
N LYS D 224 31.46 -30.94 -29.58
CA LYS D 224 31.37 -31.98 -30.59
C LYS D 224 32.39 -33.07 -30.31
N LEU D 225 33.62 -32.66 -29.98
CA LEU D 225 34.67 -33.59 -29.61
C LEU D 225 34.19 -34.44 -28.43
N PHE D 226 33.63 -33.77 -27.44
CA PHE D 226 33.13 -34.45 -26.24
C PHE D 226 32.08 -35.50 -26.59
N ASP D 227 31.13 -35.13 -27.44
CA ASP D 227 30.11 -36.06 -27.93
C ASP D 227 30.80 -37.27 -28.54
N SER D 228 31.78 -37.03 -29.40
CA SER D 228 32.48 -38.12 -30.07
C SER D 228 33.17 -39.05 -29.08
N ILE D 229 33.66 -38.49 -27.98
CA ILE D 229 34.35 -39.26 -26.97
C ILE D 229 33.39 -40.09 -26.10
N CYS D 230 32.36 -39.43 -25.58
CA CYS D 230 31.41 -40.05 -24.66
C CYS D 230 30.72 -41.27 -25.26
N ASN D 231 30.26 -41.13 -26.49
CA ASN D 231 29.46 -42.16 -27.16
C ASN D 231 30.31 -43.13 -27.98
N ASN D 232 31.61 -43.12 -27.73
CA ASN D 232 32.52 -44.07 -28.34
C ASN D 232 32.37 -45.43 -27.67
N LYS D 233 32.28 -46.48 -28.47
CA LYS D 233 32.03 -47.83 -27.94
C LYS D 233 33.23 -48.43 -27.20
N TRP D 234 34.31 -47.67 -27.08
CA TRP D 234 35.51 -48.13 -26.43
C TRP D 234 35.53 -47.74 -24.95
N PHE D 235 34.66 -46.80 -24.58
CA PHE D 235 34.63 -46.26 -23.23
C PHE D 235 33.30 -46.47 -22.50
N THR D 236 32.52 -47.44 -22.92
CA THR D 236 31.22 -47.72 -22.29
C THR D 236 31.35 -47.97 -20.79
N GLU D 237 32.42 -48.66 -20.39
CA GLU D 237 32.67 -48.97 -18.99
C GLU D 237 33.69 -48.00 -18.38
N THR D 238 33.92 -46.88 -19.06
CA THR D 238 34.94 -45.92 -18.64
C THR D 238 34.35 -44.66 -18.01
N SER D 239 34.89 -44.28 -16.85
CA SER D 239 34.42 -43.12 -16.12
C SER D 239 34.82 -41.82 -16.82
N ILE D 240 33.83 -40.97 -17.10
CA ILE D 240 34.06 -39.70 -17.79
C ILE D 240 34.04 -38.50 -16.85
N ILE D 241 35.13 -37.75 -16.85
CA ILE D 241 35.31 -36.63 -15.93
C ILE D 241 35.47 -35.34 -16.73
N LEU D 242 34.65 -34.35 -16.41
CA LEU D 242 34.63 -33.09 -17.15
C LEU D 242 35.26 -31.97 -16.34
N PHE D 243 36.29 -31.34 -16.88
CA PHE D 243 36.94 -30.20 -16.23
C PHE D 243 36.60 -28.90 -16.95
N LEU D 244 35.68 -28.12 -16.39
CA LEU D 244 35.42 -26.80 -16.93
C LEU D 244 36.48 -25.81 -16.41
N ASN D 245 37.62 -25.76 -17.10
CA ASN D 245 38.77 -24.98 -16.66
C ASN D 245 38.65 -23.48 -16.99
N LYS D 246 39.63 -22.71 -16.54
CA LYS D 246 39.69 -21.27 -16.78
C LYS D 246 38.43 -20.57 -16.28
N LYS D 247 37.99 -20.97 -15.09
CA LYS D 247 36.78 -20.42 -14.49
C LYS D 247 36.99 -19.00 -13.99
N ASP D 248 38.22 -18.68 -13.62
CA ASP D 248 38.55 -17.34 -13.16
C ASP D 248 38.37 -16.33 -14.28
N LEU D 249 38.98 -16.67 -15.41
CA LEU D 249 38.92 -15.86 -16.61
C LEU D 249 37.47 -15.74 -17.05
N PHE D 250 36.72 -16.83 -16.90
CA PHE D 250 35.31 -16.85 -17.26
C PHE D 250 34.51 -15.86 -16.41
N GLU D 251 34.76 -15.89 -15.11
CA GLU D 251 34.05 -15.03 -14.17
C GLU D 251 34.35 -13.58 -14.50
N GLU D 252 35.60 -13.28 -14.85
CA GLU D 252 35.92 -11.91 -15.23
C GLU D 252 35.24 -11.50 -16.52
N LYS D 253 35.27 -12.38 -17.52
CA LYS D 253 34.70 -12.10 -18.83
C LYS D 253 33.19 -11.90 -18.79
N ILE D 254 32.51 -12.67 -17.95
CA ILE D 254 31.05 -12.71 -17.94
C ILE D 254 30.40 -11.40 -17.46
N LYS D 255 31.18 -10.53 -16.84
CA LYS D 255 30.66 -9.25 -16.38
C LYS D 255 30.32 -8.34 -17.56
N ARG D 256 31.11 -8.43 -18.62
CA ARG D 256 30.91 -7.58 -19.80
C ARG D 256 30.29 -8.35 -20.97
N SER D 257 30.94 -9.44 -21.39
CA SER D 257 30.47 -10.19 -22.56
C SER D 257 29.48 -11.29 -22.17
N PRO D 258 28.24 -11.17 -22.67
CA PRO D 258 27.12 -12.10 -22.49
C PRO D 258 27.40 -13.51 -23.01
N LEU D 259 26.68 -14.49 -22.49
CA LEU D 259 26.83 -15.88 -22.93
C LEU D 259 26.11 -16.08 -24.27
N THR D 260 25.23 -15.14 -24.62
CA THR D 260 24.44 -15.24 -25.84
C THR D 260 25.34 -15.32 -27.07
N ILE D 261 26.53 -14.74 -26.95
CA ILE D 261 27.57 -14.86 -27.97
C ILE D 261 27.79 -16.32 -28.35
N CYS D 262 27.94 -17.16 -27.33
CA CYS D 262 28.23 -18.57 -27.53
C CYS D 262 26.96 -19.40 -27.66
N TYR D 263 26.01 -19.16 -26.77
CA TYR D 263 24.72 -19.81 -26.84
C TYR D 263 23.63 -18.74 -26.92
N PRO D 264 23.15 -18.46 -28.14
CA PRO D 264 22.15 -17.41 -28.35
C PRO D 264 20.80 -17.77 -27.74
N GLU D 265 20.58 -19.06 -27.54
CA GLU D 265 19.30 -19.55 -27.02
C GLU D 265 19.26 -19.47 -25.50
N TYR D 266 20.30 -18.88 -24.92
CA TYR D 266 20.38 -18.77 -23.46
C TYR D 266 19.43 -17.69 -22.97
N THR D 267 18.59 -18.05 -22.01
CA THR D 267 17.53 -17.18 -21.53
C THR D 267 17.87 -16.57 -20.19
N GLY D 268 18.79 -17.20 -19.48
CA GLY D 268 19.12 -16.81 -18.12
C GLY D 268 19.79 -15.44 -17.99
N SER D 269 20.16 -15.11 -16.75
CA SER D 269 20.82 -13.84 -16.46
C SER D 269 22.30 -13.95 -16.72
N ASN D 270 23.01 -12.83 -16.59
CA ASN D 270 24.44 -12.81 -16.85
C ASN D 270 25.26 -12.89 -15.57
N THR D 271 24.80 -13.72 -14.66
CA THR D 271 25.56 -14.09 -13.49
C THR D 271 26.53 -15.19 -13.85
N TYR D 272 27.71 -15.17 -13.25
CA TYR D 272 28.68 -16.24 -13.41
C TYR D 272 28.03 -17.60 -13.15
N GLU D 273 27.43 -17.73 -11.98
CA GLU D 273 26.85 -18.98 -11.51
C GLU D 273 25.87 -19.66 -12.49
N GLU D 274 24.84 -18.91 -12.90
CA GLU D 274 23.81 -19.46 -13.78
C GLU D 274 24.42 -19.87 -15.12
N ALA D 275 25.32 -19.04 -15.62
CA ALA D 275 25.98 -19.30 -16.89
C ALA D 275 26.79 -20.59 -16.85
N ALA D 276 27.73 -20.64 -15.90
CA ALA D 276 28.55 -21.83 -15.67
C ALA D 276 27.70 -23.08 -15.57
N ALA D 277 26.61 -22.97 -14.82
CA ALA D 277 25.66 -24.07 -14.68
C ALA D 277 25.09 -24.47 -16.04
N TYR D 278 24.74 -23.47 -16.84
CA TYR D 278 24.16 -23.69 -18.16
C TYR D 278 25.11 -24.42 -19.10
N ILE D 279 26.38 -24.02 -19.07
CA ILE D 279 27.40 -24.67 -19.88
C ILE D 279 27.52 -26.13 -19.44
N GLN D 280 27.62 -26.32 -18.12
CA GLN D 280 27.73 -27.68 -17.56
C GLN D 280 26.60 -28.56 -18.10
N CYS D 281 25.37 -28.01 -18.07
CA CYS D 281 24.21 -28.73 -18.59
C CYS D 281 24.38 -29.07 -20.07
N GLN D 282 24.75 -28.06 -20.86
CA GLN D 282 24.94 -28.23 -22.30
C GLN D 282 25.89 -29.37 -22.63
N PHE D 283 27.01 -29.45 -21.89
CA PHE D 283 27.96 -30.54 -22.08
C PHE D 283 27.42 -31.89 -21.61
N GLU D 284 26.85 -31.94 -20.41
CA GLU D 284 26.37 -33.20 -19.85
C GLU D 284 25.26 -33.83 -20.70
N ASP D 285 24.45 -32.98 -21.33
CA ASP D 285 23.30 -33.45 -22.08
C ASP D 285 23.68 -34.23 -23.34
N LEU D 286 24.95 -34.15 -23.71
CA LEU D 286 25.44 -34.81 -24.91
C LEU D 286 25.68 -36.30 -24.70
N ASN D 287 25.63 -36.73 -23.43
CA ASN D 287 25.90 -38.12 -23.10
C ASN D 287 24.76 -39.04 -23.55
N ARG D 288 24.92 -39.63 -24.73
CA ARG D 288 23.92 -40.57 -25.25
C ARG D 288 24.35 -41.96 -24.83
N ARG D 289 24.42 -42.17 -23.52
CA ARG D 289 24.87 -43.44 -22.96
C ARG D 289 23.99 -43.87 -21.80
N LYS D 290 22.83 -44.45 -22.11
CA LYS D 290 21.80 -44.74 -21.10
C LYS D 290 22.26 -45.71 -20.01
N ASP D 291 23.20 -46.60 -20.33
CA ASP D 291 23.74 -47.52 -19.33
C ASP D 291 24.45 -46.73 -18.23
N THR D 292 25.78 -46.74 -18.25
CA THR D 292 26.54 -45.97 -17.28
C THR D 292 26.41 -44.51 -17.69
N LYS D 293 25.46 -43.81 -17.10
CA LYS D 293 25.10 -42.48 -17.58
C LYS D 293 25.47 -41.34 -16.64
N GLU D 294 26.56 -41.50 -15.91
CA GLU D 294 27.02 -40.40 -15.07
C GLU D 294 28.30 -39.75 -15.58
N ILE D 295 28.33 -38.43 -15.51
CA ILE D 295 29.49 -37.65 -15.90
C ILE D 295 29.90 -36.85 -14.69
N TYR D 296 31.19 -36.87 -14.36
CA TYR D 296 31.64 -36.25 -13.14
C TYR D 296 32.25 -34.89 -13.45
N THR D 297 31.45 -33.85 -13.26
CA THR D 297 31.80 -32.50 -13.65
C THR D 297 32.43 -31.72 -12.50
N HIS D 298 33.45 -30.93 -12.81
CA HIS D 298 34.10 -30.08 -11.83
C HIS D 298 34.49 -28.75 -12.47
N PHE D 299 34.49 -27.69 -11.67
CA PHE D 299 34.89 -26.37 -12.15
C PHE D 299 36.29 -26.05 -11.66
N THR D 300 37.24 -26.07 -12.59
CA THR D 300 38.65 -26.05 -12.22
C THR D 300 39.35 -24.76 -12.60
N CYS D 301 40.47 -24.49 -11.93
CA CYS D 301 41.37 -23.42 -12.30
C CYS D 301 42.79 -23.94 -12.14
N ALA D 302 43.29 -24.53 -13.23
CA ALA D 302 44.53 -25.31 -13.20
C ALA D 302 45.76 -24.56 -12.69
N THR D 303 45.69 -23.23 -12.64
CA THR D 303 46.79 -22.45 -12.12
C THR D 303 46.74 -22.40 -10.60
N ASP D 304 45.56 -22.68 -10.04
CA ASP D 304 45.38 -22.73 -8.58
C ASP D 304 45.61 -24.15 -8.09
N THR D 305 46.79 -24.39 -7.52
CA THR D 305 47.20 -25.72 -7.08
C THR D 305 46.24 -26.34 -6.08
N LYS D 306 45.74 -25.52 -5.15
CA LYS D 306 44.81 -25.98 -4.13
C LYS D 306 43.56 -26.58 -4.73
N ASN D 307 42.94 -25.80 -5.63
CA ASN D 307 41.71 -26.19 -6.30
C ASN D 307 41.87 -27.54 -6.97
N VAL D 308 42.97 -27.67 -7.72
CA VAL D 308 43.26 -28.90 -8.45
C VAL D 308 43.44 -30.07 -7.50
N GLN D 309 44.14 -29.84 -6.39
CA GLN D 309 44.32 -30.88 -5.38
C GLN D 309 42.98 -31.40 -4.92
N PHE D 310 42.10 -30.47 -4.53
CA PHE D 310 40.76 -30.83 -4.03
C PHE D 310 39.95 -31.61 -5.08
N VAL D 311 39.87 -31.04 -6.27
CA VAL D 311 39.13 -31.66 -7.36
C VAL D 311 39.62 -33.07 -7.64
N PHE D 312 40.94 -33.22 -7.75
CA PHE D 312 41.52 -34.51 -8.06
C PHE D 312 41.25 -35.50 -6.93
N ASP D 313 41.26 -35.02 -5.70
CA ASP D 313 40.88 -35.85 -4.55
C ASP D 313 39.50 -36.46 -4.79
N ALA D 314 38.51 -35.60 -5.02
CA ALA D 314 37.14 -36.07 -5.24
C ALA D 314 37.05 -37.06 -6.41
N VAL D 315 37.75 -36.71 -7.48
CA VAL D 315 37.85 -37.55 -8.67
C VAL D 315 38.37 -38.94 -8.33
N THR D 316 39.44 -38.97 -7.54
CA THR D 316 40.08 -40.20 -7.12
C THR D 316 39.10 -41.06 -6.37
N ASP D 317 38.37 -40.45 -5.43
CA ASP D 317 37.35 -41.17 -4.68
C ASP D 317 36.32 -41.82 -5.61
N VAL D 318 35.82 -41.04 -6.56
CA VAL D 318 34.90 -41.56 -7.59
C VAL D 318 35.50 -42.78 -8.30
N ILE D 319 36.76 -42.68 -8.68
CA ILE D 319 37.47 -43.75 -9.35
C ILE D 319 37.47 -45.01 -8.49
N ILE D 320 37.75 -44.85 -7.20
CA ILE D 320 37.73 -45.96 -6.25
C ILE D 320 36.37 -46.65 -6.21
N LYS D 321 35.32 -45.85 -6.05
CA LYS D 321 33.96 -46.39 -6.04
C LYS D 321 33.66 -47.20 -7.31
N ASN D 322 34.07 -46.66 -8.45
CA ASN D 322 33.88 -47.37 -9.71
C ASN D 322 34.73 -48.64 -9.80
N ASN D 323 35.85 -48.66 -9.07
CA ASN D 323 36.68 -49.84 -9.00
C ASN D 323 36.02 -50.90 -8.15
N LEU D 324 35.19 -50.47 -7.22
CA LEU D 324 34.51 -51.40 -6.32
C LEU D 324 33.24 -51.93 -6.96
N LYS D 325 32.70 -51.16 -7.90
CA LYS D 325 31.54 -51.62 -8.67
C LYS D 325 31.98 -52.63 -9.73
N GLU D 326 33.28 -52.65 -10.00
CA GLU D 326 33.85 -53.60 -10.96
C GLU D 326 34.30 -54.89 -10.29
N CYS D 327 34.21 -54.92 -8.96
CA CYS D 327 34.63 -56.10 -8.20
C CYS D 327 33.45 -56.87 -7.60
N GLY D 328 32.23 -56.46 -7.96
CA GLY D 328 31.04 -57.17 -7.51
C GLY D 328 30.53 -56.75 -6.15
N LEU D 329 30.64 -55.47 -5.86
CA LEU D 329 30.24 -54.95 -4.54
C LEU D 329 29.19 -53.85 -4.68
N ASP E 3 -6.22 -10.15 -1.92
CA ASP E 3 -7.65 -10.43 -1.74
C ASP E 3 -8.45 -9.15 -1.73
N PHE E 4 -7.92 -8.12 -1.08
CA PHE E 4 -8.59 -6.83 -0.96
C PHE E 4 -8.94 -6.20 -2.31
N PHE E 5 -8.01 -6.25 -3.26
CA PHE E 5 -8.21 -5.61 -4.54
C PHE E 5 -9.31 -6.28 -5.37
N ASP E 6 -9.38 -7.62 -5.32
CA ASP E 6 -10.40 -8.32 -6.08
C ASP E 6 -11.78 -8.07 -5.49
N ILE E 7 -11.85 -7.80 -4.19
CA ILE E 7 -13.09 -7.35 -3.56
C ILE E 7 -13.44 -5.95 -4.06
N LEU E 8 -12.44 -5.08 -4.02
CA LEU E 8 -12.55 -3.70 -4.48
C LEU E 8 -13.23 -3.65 -5.83
N VAL E 9 -12.73 -4.45 -6.77
CA VAL E 9 -13.29 -4.46 -8.11
C VAL E 9 -14.59 -5.28 -8.22
N LYS E 10 -14.72 -6.31 -7.38
CA LYS E 10 -15.92 -7.14 -7.37
C LYS E 10 -17.16 -6.33 -6.99
N CYS E 11 -16.96 -5.29 -6.20
CA CYS E 11 -18.10 -4.47 -5.76
C CYS E 11 -18.23 -3.11 -6.46
N GLN E 12 -17.14 -2.58 -7.00
CA GLN E 12 -17.16 -1.23 -7.57
C GLN E 12 -17.86 -1.13 -8.92
N GLY E 13 -17.04 -1.09 -9.97
CA GLY E 13 -17.41 -0.75 -11.35
C GLY E 13 -18.81 -0.77 -11.94
N SER E 14 -19.82 -1.11 -11.14
CA SER E 14 -21.20 -1.15 -11.62
C SER E 14 -21.81 0.26 -11.73
N ARG E 15 -21.18 1.10 -12.55
CA ARG E 15 -21.39 2.55 -12.53
C ARG E 15 -22.47 3.08 -13.50
N LEU E 16 -23.18 2.19 -14.17
CA LEU E 16 -24.15 2.60 -15.21
C LEU E 16 -23.47 3.50 -16.24
N ASP E 17 -22.78 2.89 -17.20
CA ASP E 17 -22.05 3.67 -18.20
C ASP E 17 -22.96 4.15 -19.33
N ASP E 18 -24.10 3.47 -19.47
CA ASP E 18 -25.22 4.06 -20.18
C ASP E 18 -25.82 5.02 -19.19
N GLN E 19 -26.68 5.92 -19.66
CA GLN E 19 -27.16 7.05 -18.83
C GLN E 19 -25.97 7.91 -18.41
N ARG E 20 -24.91 7.90 -19.23
CA ARG E 20 -23.69 8.63 -18.94
C ARG E 20 -22.96 8.93 -20.24
N CYS E 21 -22.66 10.20 -20.47
CA CYS E 21 -22.09 10.64 -21.75
C CYS E 21 -20.61 10.98 -21.64
N ALA E 22 -19.97 11.19 -22.79
CA ALA E 22 -18.54 11.43 -22.86
C ALA E 22 -18.16 12.86 -22.47
N PRO E 23 -17.02 13.02 -21.79
CA PRO E 23 -16.57 14.34 -21.31
C PRO E 23 -16.26 15.31 -22.44
N PRO E 24 -16.38 16.63 -22.17
CA PRO E 24 -16.00 17.69 -23.10
C PRO E 24 -14.50 17.97 -23.05
N ASP F 3 -2.30 -10.60 6.73
CA ASP F 3 -1.58 -11.88 6.82
C ASP F 3 -0.09 -11.70 6.49
N PHE F 4 0.19 -10.86 5.50
CA PHE F 4 1.57 -10.63 5.04
C PHE F 4 2.52 -10.13 6.14
N PHE F 5 2.07 -9.14 6.91
CA PHE F 5 2.91 -8.53 7.94
C PHE F 5 3.27 -9.51 9.07
N ASP F 6 2.33 -10.35 9.46
CA ASP F 6 2.60 -11.31 10.51
C ASP F 6 3.59 -12.39 10.05
N ILE F 7 3.61 -12.67 8.75
CA ILE F 7 4.65 -13.52 8.17
C ILE F 7 5.98 -12.80 8.26
N LEU F 8 5.95 -11.54 7.83
CA LEU F 8 7.10 -10.64 7.86
C LEU F 8 7.80 -10.71 9.21
N VAL F 9 7.02 -10.58 10.28
CA VAL F 9 7.59 -10.62 11.62
C VAL F 9 7.88 -12.04 12.11
N LYS F 10 7.10 -13.01 11.64
CA LYS F 10 7.33 -14.42 12.00
C LYS F 10 8.67 -14.94 11.52
N CYS F 11 9.21 -14.37 10.44
CA CYS F 11 10.49 -14.83 9.91
C CYS F 11 11.68 -13.92 10.23
N GLN F 12 11.42 -12.66 10.51
CA GLN F 12 12.49 -11.67 10.71
C GLN F 12 13.17 -11.86 12.07
N SER F 14 15.33 -12.55 14.50
CA SER F 14 16.39 -13.40 15.04
C SER F 14 17.76 -12.82 14.70
N ARG F 15 17.98 -11.58 15.09
CA ARG F 15 19.09 -10.79 14.56
C ARG F 15 20.31 -10.87 15.45
N LEU F 16 20.24 -11.74 16.47
CA LEU F 16 21.31 -11.91 17.46
C LEU F 16 21.73 -10.58 18.07
N ASP F 17 20.97 -10.13 19.07
CA ASP F 17 21.23 -8.84 19.71
C ASP F 17 22.33 -8.93 20.76
N ASP F 18 22.57 -10.14 21.26
CA ASP F 18 23.83 -10.43 21.93
C ASP F 18 24.81 -10.61 20.79
N GLN F 19 26.10 -10.59 21.10
CA GLN F 19 27.13 -10.51 20.05
C GLN F 19 26.92 -9.24 19.24
N ARG F 20 26.32 -8.24 19.88
CA ARG F 20 25.99 -6.97 19.23
C ARG F 20 25.88 -5.88 20.28
N CYS F 21 26.61 -4.78 20.09
CA CYS F 21 26.66 -3.71 21.07
C CYS F 21 25.87 -2.49 20.61
N ALA F 22 25.68 -1.52 21.52
CA ALA F 22 24.87 -0.35 21.26
C ALA F 22 25.60 0.73 20.43
N PRO F 23 24.87 1.42 19.55
CA PRO F 23 25.43 2.48 18.70
C PRO F 23 25.93 3.67 19.51
N PRO F 24 26.88 4.44 18.96
CA PRO F 24 27.36 5.65 19.62
C PRO F 24 26.43 6.84 19.37
N PHE G 5 39.07 -40.05 -34.57
CA PHE G 5 40.46 -39.61 -34.52
C PHE G 5 40.65 -38.29 -35.26
N ASP G 6 39.97 -38.15 -36.40
CA ASP G 6 40.08 -36.95 -37.21
C ASP G 6 39.42 -35.75 -36.54
N ILE G 7 38.41 -36.03 -35.72
CA ILE G 7 37.78 -35.02 -34.90
C ILE G 7 38.78 -34.50 -33.88
N LEU G 8 39.47 -35.44 -33.23
CA LEU G 8 40.48 -35.15 -32.22
C LEU G 8 41.45 -34.07 -32.69
N VAL G 9 42.08 -34.30 -33.85
CA VAL G 9 43.07 -33.36 -34.37
C VAL G 9 42.43 -32.13 -35.01
N LYS G 10 41.24 -32.30 -35.57
CA LYS G 10 40.52 -31.14 -36.14
C LYS G 10 40.21 -30.13 -35.05
N CYS G 11 40.07 -30.61 -33.81
CA CYS G 11 39.76 -29.74 -32.68
C CYS G 11 40.94 -29.45 -31.74
N GLN G 12 41.91 -30.36 -31.68
CA GLN G 12 43.03 -30.23 -30.75
C GLN G 12 44.04 -29.19 -31.24
N GLY G 13 45.12 -29.69 -31.83
CA GLY G 13 46.31 -28.93 -32.21
C GLY G 13 46.36 -27.42 -32.36
N ARG G 15 47.08 -25.02 -30.76
CA ARG G 15 47.74 -24.80 -29.48
C ARG G 15 48.58 -23.52 -29.42
N LEU G 16 48.48 -22.70 -30.47
CA LEU G 16 49.29 -21.48 -30.58
C LEU G 16 50.78 -21.77 -30.45
N ASP G 17 51.42 -22.13 -31.56
CA ASP G 17 52.83 -22.55 -31.51
C ASP G 17 53.80 -21.37 -31.47
N ASP G 18 53.38 -20.21 -31.97
CA ASP G 18 54.04 -18.96 -31.61
C ASP G 18 53.48 -18.58 -30.25
N GLN G 19 54.12 -17.63 -29.58
CA GLN G 19 53.84 -17.33 -28.18
C GLN G 19 54.09 -18.56 -27.31
N ARG G 20 55.00 -19.41 -27.78
CA ARG G 20 55.31 -20.65 -27.10
C ARG G 20 56.71 -21.07 -27.52
N CYS G 21 57.60 -21.29 -26.55
CA CYS G 21 59.00 -21.54 -26.87
C CYS G 21 59.39 -23.01 -26.68
N ALA G 22 60.59 -23.37 -27.15
CA ALA G 22 61.04 -24.75 -27.16
C ALA G 22 61.53 -25.18 -25.77
N PRO G 23 61.27 -26.45 -25.42
CA PRO G 23 61.63 -26.96 -24.08
C PRO G 23 63.13 -26.99 -23.84
N PRO G 24 63.54 -26.86 -22.57
CA PRO G 24 64.94 -27.00 -22.14
C PRO G 24 65.32 -28.46 -21.93
N ASP H 3 -49.22 12.95 43.41
CA ASP H 3 -47.78 13.02 43.15
C ASP H 3 -47.54 13.22 41.66
N PHE H 4 -48.26 12.44 40.86
CA PHE H 4 -48.21 12.53 39.40
C PHE H 4 -48.64 13.92 38.93
N PHE H 5 -49.71 14.41 39.53
CA PHE H 5 -50.31 15.69 39.16
C PHE H 5 -49.43 16.90 39.50
N ASP H 6 -48.77 16.87 40.67
CA ASP H 6 -47.95 18.01 41.03
C ASP H 6 -46.70 18.08 40.16
N ILE H 7 -46.25 16.93 39.68
CA ILE H 7 -45.19 16.90 38.68
C ILE H 7 -45.72 17.50 37.39
N LEU H 8 -46.92 17.04 36.99
CA LEU H 8 -47.60 17.53 35.79
C LEU H 8 -47.58 19.05 35.74
N VAL H 9 -47.99 19.67 36.84
CA VAL H 9 -48.05 21.13 36.88
C VAL H 9 -46.70 21.82 37.12
N LYS H 10 -45.82 21.17 37.87
CA LYS H 10 -44.47 21.69 38.10
C LYS H 10 -43.67 21.77 36.79
N CYS H 11 -44.02 20.92 35.83
CA CYS H 11 -43.30 20.88 34.57
C CYS H 11 -44.00 21.60 33.42
N GLN H 12 -45.33 21.75 33.53
CA GLN H 12 -46.10 22.34 32.43
C GLN H 12 -46.00 23.88 32.40
N GLY H 13 -47.01 24.53 32.94
CA GLY H 13 -47.28 25.96 32.83
C GLY H 13 -46.27 27.04 32.43
N SER H 14 -45.04 26.67 32.11
CA SER H 14 -44.03 27.66 31.70
C SER H 14 -44.19 28.12 30.25
N ARG H 15 -45.36 28.67 29.93
CA ARG H 15 -45.81 28.83 28.54
C ARG H 15 -45.45 30.17 27.89
N LEU H 16 -44.63 30.98 28.57
CA LEU H 16 -44.29 32.32 28.09
C LEU H 16 -45.55 33.13 27.80
N ASP H 17 -46.13 33.72 28.84
CA ASP H 17 -47.38 34.45 28.68
C ASP H 17 -47.16 35.87 28.18
N ASP H 18 -45.96 36.39 28.41
CA ASP H 18 -45.48 37.52 27.62
C ASP H 18 -45.02 36.88 26.33
N GLN H 19 -44.83 37.67 25.27
CA GLN H 19 -44.65 37.13 23.92
C GLN H 19 -45.89 36.30 23.55
N ARG H 20 -47.03 36.64 24.15
CA ARG H 20 -48.27 35.91 23.93
C ARG H 20 -49.46 36.81 24.21
N CYS H 21 -50.36 36.90 23.23
CA CYS H 21 -51.47 37.84 23.28
C CYS H 21 -52.83 37.18 23.54
N ALA H 22 -53.84 38.00 23.84
CA ALA H 22 -55.17 37.51 24.18
C ALA H 22 -55.99 37.12 22.94
N PRO H 23 -56.83 36.07 23.08
CA PRO H 23 -57.66 35.58 21.96
C PRO H 23 -58.71 36.58 21.49
N PRO H 24 -59.12 36.47 20.21
CA PRO H 24 -60.22 37.28 19.69
C PRO H 24 -61.57 36.67 20.05
#